data_4BIR
# 
_entry.id   4BIR 
# 
_audit_conform.dict_name       mmcif_pdbx.dic 
_audit_conform.dict_version    5.398 
_audit_conform.dict_location   http://mmcif.pdb.org/dictionaries/ascii/mmcif_pdbx.dic 
# 
loop_
_database_2.database_id 
_database_2.database_code 
_database_2.pdbx_database_accession 
_database_2.pdbx_DOI 
PDB   4BIR         pdb_00004bir 10.2210/pdb4bir/pdb 
WWPDB D_1000179267 ?            ?                   
# 
loop_
_pdbx_audit_revision_history.ordinal 
_pdbx_audit_revision_history.data_content_type 
_pdbx_audit_revision_history.major_revision 
_pdbx_audit_revision_history.minor_revision 
_pdbx_audit_revision_history.revision_date 
1 'Structure model' 1 0 1998-07-15 
2 'Structure model' 1 1 2008-03-25 
3 'Structure model' 1 2 2011-07-13 
4 'Structure model' 1 3 2018-04-18 
5 'Structure model' 1 4 2021-11-03 
6 'Structure model' 1 5 2023-08-09 
7 'Structure model' 1 6 2024-11-06 
# 
_pdbx_audit_revision_details.ordinal             1 
_pdbx_audit_revision_details.revision_ordinal    1 
_pdbx_audit_revision_details.data_content_type   'Structure model' 
_pdbx_audit_revision_details.provider            repository 
_pdbx_audit_revision_details.type                'Initial release' 
_pdbx_audit_revision_details.description         ? 
_pdbx_audit_revision_details.details             ? 
# 
loop_
_pdbx_audit_revision_group.ordinal 
_pdbx_audit_revision_group.revision_ordinal 
_pdbx_audit_revision_group.data_content_type 
_pdbx_audit_revision_group.group 
1  2 'Structure model' 'Version format compliance' 
2  3 'Structure model' 'Version format compliance' 
3  4 'Structure model' 'Data collection'           
4  4 'Structure model' Other                       
5  4 'Structure model' 'Refinement description'    
6  5 'Structure model' 'Database references'       
7  5 'Structure model' 'Derived calculations'      
8  6 'Structure model' 'Refinement description'    
9  7 'Structure model' 'Data collection'           
10 7 'Structure model' 'Structure summary'         
# 
loop_
_pdbx_audit_revision_category.ordinal 
_pdbx_audit_revision_category.revision_ordinal 
_pdbx_audit_revision_category.data_content_type 
_pdbx_audit_revision_category.category 
1  4 'Structure model' diffrn_detector               
2  4 'Structure model' pdbx_database_status          
3  4 'Structure model' software                      
4  5 'Structure model' database_2                    
5  5 'Structure model' pdbx_struct_conn_angle        
6  5 'Structure model' struct_conn                   
7  5 'Structure model' struct_ref_seq_dif            
8  5 'Structure model' struct_site                   
9  6 'Structure model' pdbx_initial_refinement_model 
10 7 'Structure model' chem_comp_atom                
11 7 'Structure model' chem_comp_bond                
12 7 'Structure model' pdbx_entry_details            
13 7 'Structure model' pdbx_modification_feature     
# 
loop_
_pdbx_audit_revision_item.ordinal 
_pdbx_audit_revision_item.revision_ordinal 
_pdbx_audit_revision_item.data_content_type 
_pdbx_audit_revision_item.item 
1  4 'Structure model' '_diffrn_detector.detector'                   
2  4 'Structure model' '_pdbx_database_status.process_site'          
3  4 'Structure model' '_software.name'                              
4  5 'Structure model' '_database_2.pdbx_DOI'                        
5  5 'Structure model' '_database_2.pdbx_database_accession'         
6  5 'Structure model' '_pdbx_struct_conn_angle.ptnr1_auth_comp_id'  
7  5 'Structure model' '_pdbx_struct_conn_angle.ptnr1_auth_seq_id'   
8  5 'Structure model' '_pdbx_struct_conn_angle.ptnr1_label_asym_id' 
9  5 'Structure model' '_pdbx_struct_conn_angle.ptnr1_label_atom_id' 
10 5 'Structure model' '_pdbx_struct_conn_angle.ptnr1_label_comp_id' 
11 5 'Structure model' '_pdbx_struct_conn_angle.ptnr1_label_seq_id'  
12 5 'Structure model' '_pdbx_struct_conn_angle.ptnr3_auth_comp_id'  
13 5 'Structure model' '_pdbx_struct_conn_angle.ptnr3_auth_seq_id'   
14 5 'Structure model' '_pdbx_struct_conn_angle.ptnr3_label_asym_id' 
15 5 'Structure model' '_pdbx_struct_conn_angle.ptnr3_label_atom_id' 
16 5 'Structure model' '_pdbx_struct_conn_angle.ptnr3_label_comp_id' 
17 5 'Structure model' '_pdbx_struct_conn_angle.ptnr3_label_seq_id'  
18 5 'Structure model' '_pdbx_struct_conn_angle.value'               
19 5 'Structure model' '_struct_conn.pdbx_dist_value'                
20 5 'Structure model' '_struct_conn.ptnr1_auth_comp_id'             
21 5 'Structure model' '_struct_conn.ptnr1_auth_seq_id'              
22 5 'Structure model' '_struct_conn.ptnr1_label_asym_id'            
23 5 'Structure model' '_struct_conn.ptnr1_label_atom_id'            
24 5 'Structure model' '_struct_conn.ptnr1_label_comp_id'            
25 5 'Structure model' '_struct_conn.ptnr1_label_seq_id'             
26 5 'Structure model' '_struct_conn.ptnr2_auth_comp_id'             
27 5 'Structure model' '_struct_conn.ptnr2_auth_seq_id'              
28 5 'Structure model' '_struct_conn.ptnr2_label_asym_id'            
29 5 'Structure model' '_struct_conn.ptnr2_label_atom_id'            
30 5 'Structure model' '_struct_conn.ptnr2_label_comp_id'            
31 5 'Structure model' '_struct_conn.ptnr2_label_seq_id'             
32 5 'Structure model' '_struct_ref_seq_dif.details'                 
33 5 'Structure model' '_struct_site.pdbx_auth_asym_id'              
34 5 'Structure model' '_struct_site.pdbx_auth_comp_id'              
35 5 'Structure model' '_struct_site.pdbx_auth_seq_id'               
# 
_pdbx_database_status.status_code                     REL 
_pdbx_database_status.entry_id                        4BIR 
_pdbx_database_status.recvd_initial_deposition_date   1998-01-13 
_pdbx_database_status.deposit_site                    ? 
_pdbx_database_status.process_site                    BNL 
_pdbx_database_status.SG_entry                        . 
_pdbx_database_status.pdb_format_compatible           Y 
_pdbx_database_status.status_code_mr                  ? 
_pdbx_database_status.status_code_sf                  ? 
_pdbx_database_status.status_code_cs                  ? 
_pdbx_database_status.methods_development_category    ? 
_pdbx_database_status.status_code_nmr_data            ? 
# 
loop_
_audit_author.name 
_audit_author.pdbx_ordinal 
'Doumen, J.'   1 
'Steyaert, J.' 2 
# 
loop_
_citation.id 
_citation.title 
_citation.journal_abbrev 
_citation.journal_volume 
_citation.page_first 
_citation.page_last 
_citation.year 
_citation.journal_id_ASTM 
_citation.country 
_citation.journal_id_ISSN 
_citation.journal_id_CSD 
_citation.book_publisher 
_citation.pdbx_database_id_PubMed 
_citation.pdbx_database_id_DOI 
primary 'Role of histidine-40 in ribonuclease T1 catalysis: three-dimensionalstructures of the partially active His40Lys mutant.' 
Biochemistry 31  11317 11325 1992 BICHAW US 0006-2960 0033 ? 1445870 10.1021/bi00161a009 
1       'His92Ala Mutation in Ribonuclease T1 Induces Segmental Flexibility. An X-Ray Study'                                      
J.Mol.Biol.  224 701   ?     1992 JMOBAK UK 0022-2836 0070 ? ?       ?                   
2       
;Three-Dimensional Structure of the Ribonuclease T1 2'-Gmp Complex at 1.9-A Resolution
;
J.Biol.Chem. 263 15358 ?     1988 JBCHA3 US 0021-9258 0071 ? ?       ?                   
3       
;Specific Protein-Nucleic Acid Recognition in Ribonuclease T1-2'-Guanylic Acid Complex. An X-Ray Study
;
Nature       299 27    ?     1982 NATUAS UK 0028-0836 0006 ? ?       ?                   
# 
loop_
_citation_author.citation_id 
_citation_author.name 
_citation_author.ordinal 
_citation_author.identifier_ORCID 
primary 'Zegers, I.'    1  ? 
primary 'Verhelst, P.'  2  ? 
primary 'Choe, H.W.'    3  ? 
primary 'Steyaert, J.'  4  ? 
primary 'Heinemann, U.' 5  ? 
primary 'Saenger, W.'   6  ? 
primary 'Wyns, L.'      7  ? 
1       'Koellner, G.'  8  ? 
1       'Choe, H.W.'    9  ? 
1       'Heinemann, U.' 10 ? 
1       'Grunert, H.P.' 11 ? 
1       'Zouni, A.'     12 ? 
1       'Hahn, U.'      13 ? 
1       'Saenger, W.'   14 ? 
2       'Arni, R.'      15 ? 
2       'Heinemann, U.' 16 ? 
2       'Tokuoka, R.'   17 ? 
2       'Saenger, W.'   18 ? 
3       'Heinemann, U.' 19 ? 
3       'Saenger, W.'   20 ? 
# 
loop_
_entity.id 
_entity.type 
_entity.src_method 
_entity.pdbx_description 
_entity.formula_weight 
_entity.pdbx_number_of_molecules 
_entity.pdbx_ec 
_entity.pdbx_mutation 
_entity.pdbx_fragment 
_entity.details 
1 polymer     man 'GUANYL-SPECIFIC RIBONUCLEASE T1' 11084.676 1   3.1.27.3 H92Q ? ? 
2 non-polymer syn 'CALCIUM ION'                     40.078    1   ?        ?    ? ? 
3 water       nat water                             18.015    147 ?        ?    ? ? 
# 
_entity_name_com.entity_id   1 
_entity_name_com.name        'RNASE T1' 
# 
_entity_poly.entity_id                      1 
_entity_poly.type                           'polypeptide(L)' 
_entity_poly.nstd_linkage                   no 
_entity_poly.nstd_monomer                   no 
_entity_poly.pdbx_seq_one_letter_code       
;ACDYTCGSNCYSSSDVSTAQAAGYKLHEDGETVGSNSYPHKYNNYEGFDFSVSSPYYEWPILSSGDVYSGGSPGADRVVF
NENNQLAGVITQTGASGNNFVECT
;
_entity_poly.pdbx_seq_one_letter_code_can   
;ACDYTCGSNCYSSSDVSTAQAAGYKLHEDGETVGSNSYPHKYNNYEGFDFSVSSPYYEWPILSSGDVYSGGSPGADRVVF
NENNQLAGVITQTGASGNNFVECT
;
_entity_poly.pdbx_strand_id                 A 
_entity_poly.pdbx_target_identifier         ? 
# 
loop_
_pdbx_entity_nonpoly.entity_id 
_pdbx_entity_nonpoly.name 
_pdbx_entity_nonpoly.comp_id 
2 'CALCIUM ION' CA  
3 water         HOH 
# 
loop_
_entity_poly_seq.entity_id 
_entity_poly_seq.num 
_entity_poly_seq.mon_id 
_entity_poly_seq.hetero 
1 1   ALA n 
1 2   CYS n 
1 3   ASP n 
1 4   TYR n 
1 5   THR n 
1 6   CYS n 
1 7   GLY n 
1 8   SER n 
1 9   ASN n 
1 10  CYS n 
1 11  TYR n 
1 12  SER n 
1 13  SER n 
1 14  SER n 
1 15  ASP n 
1 16  VAL n 
1 17  SER n 
1 18  THR n 
1 19  ALA n 
1 20  GLN n 
1 21  ALA n 
1 22  ALA n 
1 23  GLY n 
1 24  TYR n 
1 25  LYS n 
1 26  LEU n 
1 27  HIS n 
1 28  GLU n 
1 29  ASP n 
1 30  GLY n 
1 31  GLU n 
1 32  THR n 
1 33  VAL n 
1 34  GLY n 
1 35  SER n 
1 36  ASN n 
1 37  SER n 
1 38  TYR n 
1 39  PRO n 
1 40  HIS n 
1 41  LYS n 
1 42  TYR n 
1 43  ASN n 
1 44  ASN n 
1 45  TYR n 
1 46  GLU n 
1 47  GLY n 
1 48  PHE n 
1 49  ASP n 
1 50  PHE n 
1 51  SER n 
1 52  VAL n 
1 53  SER n 
1 54  SER n 
1 55  PRO n 
1 56  TYR n 
1 57  TYR n 
1 58  GLU n 
1 59  TRP n 
1 60  PRO n 
1 61  ILE n 
1 62  LEU n 
1 63  SER n 
1 64  SER n 
1 65  GLY n 
1 66  ASP n 
1 67  VAL n 
1 68  TYR n 
1 69  SER n 
1 70  GLY n 
1 71  GLY n 
1 72  SER n 
1 73  PRO n 
1 74  GLY n 
1 75  ALA n 
1 76  ASP n 
1 77  ARG n 
1 78  VAL n 
1 79  VAL n 
1 80  PHE n 
1 81  ASN n 
1 82  GLU n 
1 83  ASN n 
1 84  ASN n 
1 85  GLN n 
1 86  LEU n 
1 87  ALA n 
1 88  GLY n 
1 89  VAL n 
1 90  ILE n 
1 91  THR n 
1 92  GLN n 
1 93  THR n 
1 94  GLY n 
1 95  ALA n 
1 96  SER n 
1 97  GLY n 
1 98  ASN n 
1 99  ASN n 
1 100 PHE n 
1 101 VAL n 
1 102 GLU n 
1 103 CYS n 
1 104 THR n 
# 
_entity_src_gen.entity_id                          1 
_entity_src_gen.pdbx_src_id                        1 
_entity_src_gen.pdbx_alt_source_flag               sample 
_entity_src_gen.pdbx_seq_type                      ? 
_entity_src_gen.pdbx_beg_seq_num                   ? 
_entity_src_gen.pdbx_end_seq_num                   ? 
_entity_src_gen.gene_src_common_name               ? 
_entity_src_gen.gene_src_genus                     Aspergillus 
_entity_src_gen.pdbx_gene_src_gene                 'SYNTHETIC GENE' 
_entity_src_gen.gene_src_species                   ? 
_entity_src_gen.gene_src_strain                    ? 
_entity_src_gen.gene_src_tissue                    ? 
_entity_src_gen.gene_src_tissue_fraction           ? 
_entity_src_gen.gene_src_details                   ? 
_entity_src_gen.pdbx_gene_src_fragment             ? 
_entity_src_gen.pdbx_gene_src_scientific_name      'Aspergillus oryzae' 
_entity_src_gen.pdbx_gene_src_ncbi_taxonomy_id     5062 
_entity_src_gen.pdbx_gene_src_variant              ? 
_entity_src_gen.pdbx_gene_src_cell_line            ? 
_entity_src_gen.pdbx_gene_src_atcc                 ? 
_entity_src_gen.pdbx_gene_src_organ                ? 
_entity_src_gen.pdbx_gene_src_organelle            ? 
_entity_src_gen.pdbx_gene_src_cell                 ? 
_entity_src_gen.pdbx_gene_src_cellular_location    ? 
_entity_src_gen.host_org_common_name               ? 
_entity_src_gen.pdbx_host_org_scientific_name      'Escherichia coli' 
_entity_src_gen.pdbx_host_org_ncbi_taxonomy_id     562 
_entity_src_gen.host_org_genus                     Escherichia 
_entity_src_gen.pdbx_host_org_gene                 'SYNTHETIC GENE' 
_entity_src_gen.pdbx_host_org_organ                ? 
_entity_src_gen.host_org_species                   ? 
_entity_src_gen.pdbx_host_org_tissue               ? 
_entity_src_gen.pdbx_host_org_tissue_fraction      ? 
_entity_src_gen.pdbx_host_org_strain               ? 
_entity_src_gen.pdbx_host_org_variant              ? 
_entity_src_gen.pdbx_host_org_cell_line            ? 
_entity_src_gen.pdbx_host_org_atcc                 ? 
_entity_src_gen.pdbx_host_org_culture_collection   ? 
_entity_src_gen.pdbx_host_org_cell                 ? 
_entity_src_gen.pdbx_host_org_organelle            ? 
_entity_src_gen.pdbx_host_org_cellular_location    ? 
_entity_src_gen.pdbx_host_org_vector_type          ? 
_entity_src_gen.pdbx_host_org_vector               ? 
_entity_src_gen.host_org_details                   ? 
_entity_src_gen.expression_system_id               ? 
_entity_src_gen.plasmid_name                       PMC5-RT1 
_entity_src_gen.plasmid_details                    ? 
_entity_src_gen.pdbx_description                   ? 
# 
loop_
_chem_comp.id 
_chem_comp.type 
_chem_comp.mon_nstd_flag 
_chem_comp.name 
_chem_comp.pdbx_synonyms 
_chem_comp.formula 
_chem_comp.formula_weight 
ALA 'L-peptide linking' y ALANINE         ? 'C3 H7 N O2'     89.093  
ARG 'L-peptide linking' y ARGININE        ? 'C6 H15 N4 O2 1' 175.209 
ASN 'L-peptide linking' y ASPARAGINE      ? 'C4 H8 N2 O3'    132.118 
ASP 'L-peptide linking' y 'ASPARTIC ACID' ? 'C4 H7 N O4'     133.103 
CA  non-polymer         . 'CALCIUM ION'   ? 'Ca 2'           40.078  
CYS 'L-peptide linking' y CYSTEINE        ? 'C3 H7 N O2 S'   121.158 
GLN 'L-peptide linking' y GLUTAMINE       ? 'C5 H10 N2 O3'   146.144 
GLU 'L-peptide linking' y 'GLUTAMIC ACID' ? 'C5 H9 N O4'     147.129 
GLY 'peptide linking'   y GLYCINE         ? 'C2 H5 N O2'     75.067  
HIS 'L-peptide linking' y HISTIDINE       ? 'C6 H10 N3 O2 1' 156.162 
HOH non-polymer         . WATER           ? 'H2 O'           18.015  
ILE 'L-peptide linking' y ISOLEUCINE      ? 'C6 H13 N O2'    131.173 
LEU 'L-peptide linking' y LEUCINE         ? 'C6 H13 N O2'    131.173 
LYS 'L-peptide linking' y LYSINE          ? 'C6 H15 N2 O2 1' 147.195 
PHE 'L-peptide linking' y PHENYLALANINE   ? 'C9 H11 N O2'    165.189 
PRO 'L-peptide linking' y PROLINE         ? 'C5 H9 N O2'     115.130 
SER 'L-peptide linking' y SERINE          ? 'C3 H7 N O3'     105.093 
THR 'L-peptide linking' y THREONINE       ? 'C4 H9 N O3'     119.119 
TRP 'L-peptide linking' y TRYPTOPHAN      ? 'C11 H12 N2 O2'  204.225 
TYR 'L-peptide linking' y TYROSINE        ? 'C9 H11 N O3'    181.189 
VAL 'L-peptide linking' y VALINE          ? 'C5 H11 N O2'    117.146 
# 
loop_
_pdbx_poly_seq_scheme.asym_id 
_pdbx_poly_seq_scheme.entity_id 
_pdbx_poly_seq_scheme.seq_id 
_pdbx_poly_seq_scheme.mon_id 
_pdbx_poly_seq_scheme.ndb_seq_num 
_pdbx_poly_seq_scheme.pdb_seq_num 
_pdbx_poly_seq_scheme.auth_seq_num 
_pdbx_poly_seq_scheme.pdb_mon_id 
_pdbx_poly_seq_scheme.auth_mon_id 
_pdbx_poly_seq_scheme.pdb_strand_id 
_pdbx_poly_seq_scheme.pdb_ins_code 
_pdbx_poly_seq_scheme.hetero 
A 1 1   ALA 1   1   1   ALA ALA A . n 
A 1 2   CYS 2   2   2   CYS CYS A . n 
A 1 3   ASP 3   3   3   ASP ASP A . n 
A 1 4   TYR 4   4   4   TYR TYR A . n 
A 1 5   THR 5   5   5   THR THR A . n 
A 1 6   CYS 6   6   6   CYS CYS A . n 
A 1 7   GLY 7   7   7   GLY GLY A . n 
A 1 8   SER 8   8   8   SER SER A . n 
A 1 9   ASN 9   9   9   ASN ASN A . n 
A 1 10  CYS 10  10  10  CYS CYS A . n 
A 1 11  TYR 11  11  11  TYR TYR A . n 
A 1 12  SER 12  12  12  SER SER A . n 
A 1 13  SER 13  13  13  SER SER A . n 
A 1 14  SER 14  14  14  SER SER A . n 
A 1 15  ASP 15  15  15  ASP ASP A . n 
A 1 16  VAL 16  16  16  VAL VAL A . n 
A 1 17  SER 17  17  17  SER SER A . n 
A 1 18  THR 18  18  18  THR THR A . n 
A 1 19  ALA 19  19  19  ALA ALA A . n 
A 1 20  GLN 20  20  20  GLN GLN A . n 
A 1 21  ALA 21  21  21  ALA ALA A . n 
A 1 22  ALA 22  22  22  ALA ALA A . n 
A 1 23  GLY 23  23  23  GLY GLY A . n 
A 1 24  TYR 24  24  24  TYR TYR A . n 
A 1 25  LYS 25  25  25  LYS LYS A . n 
A 1 26  LEU 26  26  26  LEU LEU A . n 
A 1 27  HIS 27  27  27  HIS HIS A . n 
A 1 28  GLU 28  28  28  GLU GLU A . n 
A 1 29  ASP 29  29  29  ASP ASP A . n 
A 1 30  GLY 30  30  30  GLY GLY A . n 
A 1 31  GLU 31  31  31  GLU GLU A . n 
A 1 32  THR 32  32  32  THR THR A . n 
A 1 33  VAL 33  33  33  VAL VAL A . n 
A 1 34  GLY 34  34  34  GLY GLY A . n 
A 1 35  SER 35  35  35  SER SER A . n 
A 1 36  ASN 36  36  36  ASN ASN A . n 
A 1 37  SER 37  37  37  SER SER A . n 
A 1 38  TYR 38  38  38  TYR TYR A . n 
A 1 39  PRO 39  39  39  PRO PRO A . n 
A 1 40  HIS 40  40  40  HIS HIS A . n 
A 1 41  LYS 41  41  41  LYS LYS A . n 
A 1 42  TYR 42  42  42  TYR TYR A . n 
A 1 43  ASN 43  43  43  ASN ASN A . n 
A 1 44  ASN 44  44  44  ASN ASN A . n 
A 1 45  TYR 45  45  45  TYR TYR A . n 
A 1 46  GLU 46  46  46  GLU GLU A . n 
A 1 47  GLY 47  47  47  GLY GLY A . n 
A 1 48  PHE 48  48  48  PHE PHE A . n 
A 1 49  ASP 49  49  49  ASP ASP A . n 
A 1 50  PHE 50  50  50  PHE PHE A . n 
A 1 51  SER 51  51  51  SER SER A . n 
A 1 52  VAL 52  52  52  VAL VAL A . n 
A 1 53  SER 53  53  53  SER SER A . n 
A 1 54  SER 54  54  54  SER SER A . n 
A 1 55  PRO 55  55  55  PRO PRO A . n 
A 1 56  TYR 56  56  56  TYR TYR A . n 
A 1 57  TYR 57  57  57  TYR TYR A . n 
A 1 58  GLU 58  58  58  GLU GLU A . n 
A 1 59  TRP 59  59  59  TRP TRP A . n 
A 1 60  PRO 60  60  60  PRO PRO A . n 
A 1 61  ILE 61  61  61  ILE ILE A . n 
A 1 62  LEU 62  62  62  LEU LEU A . n 
A 1 63  SER 63  63  63  SER SER A . n 
A 1 64  SER 64  64  64  SER SER A . n 
A 1 65  GLY 65  65  65  GLY GLY A . n 
A 1 66  ASP 66  66  66  ASP ASP A . n 
A 1 67  VAL 67  67  67  VAL VAL A . n 
A 1 68  TYR 68  68  68  TYR TYR A . n 
A 1 69  SER 69  69  69  SER SER A . n 
A 1 70  GLY 70  70  70  GLY GLY A . n 
A 1 71  GLY 71  71  71  GLY GLY A . n 
A 1 72  SER 72  72  72  SER SER A . n 
A 1 73  PRO 73  73  73  PRO PRO A . n 
A 1 74  GLY 74  74  74  GLY GLY A . n 
A 1 75  ALA 75  75  75  ALA ALA A . n 
A 1 76  ASP 76  76  76  ASP ASP A . n 
A 1 77  ARG 77  77  77  ARG ARG A . n 
A 1 78  VAL 78  78  78  VAL VAL A . n 
A 1 79  VAL 79  79  79  VAL VAL A . n 
A 1 80  PHE 80  80  80  PHE PHE A . n 
A 1 81  ASN 81  81  81  ASN ASN A . n 
A 1 82  GLU 82  82  82  GLU GLU A . n 
A 1 83  ASN 83  83  83  ASN ASN A . n 
A 1 84  ASN 84  84  84  ASN ASN A . n 
A 1 85  GLN 85  85  85  GLN GLN A . n 
A 1 86  LEU 86  86  86  LEU LEU A . n 
A 1 87  ALA 87  87  87  ALA ALA A . n 
A 1 88  GLY 88  88  88  GLY GLY A . n 
A 1 89  VAL 89  89  89  VAL VAL A . n 
A 1 90  ILE 90  90  90  ILE ILE A . n 
A 1 91  THR 91  91  91  THR THR A . n 
A 1 92  GLN 92  92  92  GLN GLN A . n 
A 1 93  THR 93  93  93  THR THR A . n 
A 1 94  GLY 94  94  94  GLY GLY A . n 
A 1 95  ALA 95  95  95  ALA ALA A . n 
A 1 96  SER 96  96  96  SER SER A . n 
A 1 97  GLY 97  97  97  GLY GLY A . n 
A 1 98  ASN 98  98  98  ASN ASN A . n 
A 1 99  ASN 99  99  99  ASN ASN A . n 
A 1 100 PHE 100 100 100 PHE PHE A . n 
A 1 101 VAL 101 101 101 VAL VAL A . n 
A 1 102 GLU 102 102 102 GLU GLU A . n 
A 1 103 CYS 103 103 103 CYS CYS A . n 
A 1 104 THR 104 104 104 THR THR A . n 
# 
loop_
_pdbx_nonpoly_scheme.asym_id 
_pdbx_nonpoly_scheme.entity_id 
_pdbx_nonpoly_scheme.mon_id 
_pdbx_nonpoly_scheme.ndb_seq_num 
_pdbx_nonpoly_scheme.pdb_seq_num 
_pdbx_nonpoly_scheme.auth_seq_num 
_pdbx_nonpoly_scheme.pdb_mon_id 
_pdbx_nonpoly_scheme.auth_mon_id 
_pdbx_nonpoly_scheme.pdb_strand_id 
_pdbx_nonpoly_scheme.pdb_ins_code 
B 2 CA  1   105 105 CA  CA  A . 
C 3 HOH 1   106 106 HOH HOH A . 
C 3 HOH 2   107 107 HOH HOH A . 
C 3 HOH 3   108 108 HOH HOH A . 
C 3 HOH 4   109 109 HOH HOH A . 
C 3 HOH 5   110 110 HOH HOH A . 
C 3 HOH 6   111 111 HOH HOH A . 
C 3 HOH 7   112 112 HOH HOH A . 
C 3 HOH 8   113 113 HOH HOH A . 
C 3 HOH 9   114 114 HOH HOH A . 
C 3 HOH 10  115 115 HOH HOH A . 
C 3 HOH 11  116 116 HOH HOH A . 
C 3 HOH 12  117 117 HOH HOH A . 
C 3 HOH 13  118 118 HOH HOH A . 
C 3 HOH 14  119 119 HOH HOH A . 
C 3 HOH 15  120 120 HOH HOH A . 
C 3 HOH 16  121 121 HOH HOH A . 
C 3 HOH 17  122 122 HOH HOH A . 
C 3 HOH 18  123 123 HOH HOH A . 
C 3 HOH 19  124 124 HOH HOH A . 
C 3 HOH 20  125 125 HOH HOH A . 
C 3 HOH 21  126 126 HOH HOH A . 
C 3 HOH 22  127 127 HOH HOH A . 
C 3 HOH 23  128 128 HOH HOH A . 
C 3 HOH 24  129 129 HOH HOH A . 
C 3 HOH 25  130 130 HOH HOH A . 
C 3 HOH 26  131 131 HOH HOH A . 
C 3 HOH 27  132 132 HOH HOH A . 
C 3 HOH 28  133 133 HOH HOH A . 
C 3 HOH 29  134 134 HOH HOH A . 
C 3 HOH 30  135 135 HOH HOH A . 
C 3 HOH 31  136 136 HOH HOH A . 
C 3 HOH 32  137 137 HOH HOH A . 
C 3 HOH 33  138 138 HOH HOH A . 
C 3 HOH 34  139 139 HOH HOH A . 
C 3 HOH 35  140 140 HOH HOH A . 
C 3 HOH 36  141 141 HOH HOH A . 
C 3 HOH 37  142 142 HOH HOH A . 
C 3 HOH 38  143 143 HOH HOH A . 
C 3 HOH 39  144 144 HOH HOH A . 
C 3 HOH 40  145 145 HOH HOH A . 
C 3 HOH 41  146 146 HOH HOH A . 
C 3 HOH 42  147 147 HOH HOH A . 
C 3 HOH 43  148 148 HOH HOH A . 
C 3 HOH 44  149 149 HOH HOH A . 
C 3 HOH 45  150 150 HOH HOH A . 
C 3 HOH 46  151 151 HOH HOH A . 
C 3 HOH 47  152 152 HOH HOH A . 
C 3 HOH 48  153 153 HOH HOH A . 
C 3 HOH 49  154 154 HOH HOH A . 
C 3 HOH 50  155 155 HOH HOH A . 
C 3 HOH 51  156 156 HOH HOH A . 
C 3 HOH 52  157 157 HOH HOH A . 
C 3 HOH 53  158 158 HOH HOH A . 
C 3 HOH 54  159 159 HOH HOH A . 
C 3 HOH 55  160 160 HOH HOH A . 
C 3 HOH 56  161 161 HOH HOH A . 
C 3 HOH 57  162 162 HOH HOH A . 
C 3 HOH 58  163 163 HOH HOH A . 
C 3 HOH 59  164 164 HOH HOH A . 
C 3 HOH 60  165 165 HOH HOH A . 
C 3 HOH 61  166 166 HOH HOH A . 
C 3 HOH 62  167 167 HOH HOH A . 
C 3 HOH 63  168 168 HOH HOH A . 
C 3 HOH 64  169 169 HOH HOH A . 
C 3 HOH 65  170 170 HOH HOH A . 
C 3 HOH 66  171 171 HOH HOH A . 
C 3 HOH 67  172 172 HOH HOH A . 
C 3 HOH 68  173 173 HOH HOH A . 
C 3 HOH 69  174 174 HOH HOH A . 
C 3 HOH 70  175 175 HOH HOH A . 
C 3 HOH 71  176 176 HOH HOH A . 
C 3 HOH 72  177 177 HOH HOH A . 
C 3 HOH 73  178 178 HOH HOH A . 
C 3 HOH 74  179 179 HOH HOH A . 
C 3 HOH 75  180 180 HOH HOH A . 
C 3 HOH 76  181 181 HOH HOH A . 
C 3 HOH 77  182 182 HOH HOH A . 
C 3 HOH 78  183 183 HOH HOH A . 
C 3 HOH 79  184 184 HOH HOH A . 
C 3 HOH 80  185 185 HOH HOH A . 
C 3 HOH 81  186 186 HOH HOH A . 
C 3 HOH 82  187 187 HOH HOH A . 
C 3 HOH 83  188 188 HOH HOH A . 
C 3 HOH 84  189 189 HOH HOH A . 
C 3 HOH 85  190 190 HOH HOH A . 
C 3 HOH 86  191 191 HOH HOH A . 
C 3 HOH 87  192 192 HOH HOH A . 
C 3 HOH 88  193 193 HOH HOH A . 
C 3 HOH 89  194 194 HOH HOH A . 
C 3 HOH 90  195 195 HOH HOH A . 
C 3 HOH 91  196 196 HOH HOH A . 
C 3 HOH 92  197 197 HOH HOH A . 
C 3 HOH 93  198 198 HOH HOH A . 
C 3 HOH 94  199 199 HOH HOH A . 
C 3 HOH 95  200 200 HOH HOH A . 
C 3 HOH 96  201 201 HOH HOH A . 
C 3 HOH 97  202 202 HOH HOH A . 
C 3 HOH 98  203 203 HOH HOH A . 
C 3 HOH 99  204 204 HOH HOH A . 
C 3 HOH 100 205 205 HOH HOH A . 
C 3 HOH 101 206 206 HOH HOH A . 
C 3 HOH 102 207 207 HOH HOH A . 
C 3 HOH 103 208 208 HOH HOH A . 
C 3 HOH 104 209 209 HOH HOH A . 
C 3 HOH 105 210 210 HOH HOH A . 
C 3 HOH 106 211 211 HOH HOH A . 
C 3 HOH 107 212 212 HOH HOH A . 
C 3 HOH 108 213 213 HOH HOH A . 
C 3 HOH 109 214 214 HOH HOH A . 
C 3 HOH 110 215 215 HOH HOH A . 
C 3 HOH 111 216 216 HOH HOH A . 
C 3 HOH 112 217 217 HOH HOH A . 
C 3 HOH 113 218 218 HOH HOH A . 
C 3 HOH 114 219 219 HOH HOH A . 
C 3 HOH 115 220 220 HOH HOH A . 
C 3 HOH 116 221 221 HOH HOH A . 
C 3 HOH 117 222 222 HOH HOH A . 
C 3 HOH 118 223 223 HOH HOH A . 
C 3 HOH 119 224 224 HOH HOH A . 
C 3 HOH 120 225 225 HOH HOH A . 
C 3 HOH 121 226 226 HOH HOH A . 
C 3 HOH 122 227 227 HOH HOH A . 
C 3 HOH 123 228 228 HOH HOH A . 
C 3 HOH 124 229 229 HOH HOH A . 
C 3 HOH 125 230 230 HOH HOH A . 
C 3 HOH 126 231 231 HOH HOH A . 
C 3 HOH 127 232 232 HOH HOH A . 
C 3 HOH 128 233 233 HOH HOH A . 
C 3 HOH 129 234 234 HOH HOH A . 
C 3 HOH 130 235 235 HOH HOH A . 
C 3 HOH 131 236 236 HOH HOH A . 
C 3 HOH 132 237 237 HOH HOH A . 
C 3 HOH 133 238 238 HOH HOH A . 
C 3 HOH 134 239 239 HOH HOH A . 
C 3 HOH 135 240 240 HOH HOH A . 
C 3 HOH 136 241 241 HOH HOH A . 
C 3 HOH 137 242 242 HOH HOH A . 
C 3 HOH 138 243 243 HOH HOH A . 
C 3 HOH 139 244 244 HOH HOH A . 
C 3 HOH 140 245 245 HOH HOH A . 
C 3 HOH 141 246 246 HOH HOH A . 
C 3 HOH 142 247 247 HOH HOH A . 
C 3 HOH 143 248 248 HOH HOH A . 
C 3 HOH 144 249 249 HOH HOH A . 
C 3 HOH 145 250 250 HOH HOH A . 
C 3 HOH 146 251 251 HOH HOH A . 
C 3 HOH 147 252 252 HOH HOH A . 
# 
loop_
_pdbx_unobs_or_zero_occ_atoms.id 
_pdbx_unobs_or_zero_occ_atoms.PDB_model_num 
_pdbx_unobs_or_zero_occ_atoms.polymer_flag 
_pdbx_unobs_or_zero_occ_atoms.occupancy_flag 
_pdbx_unobs_or_zero_occ_atoms.auth_asym_id 
_pdbx_unobs_or_zero_occ_atoms.auth_comp_id 
_pdbx_unobs_or_zero_occ_atoms.auth_seq_id 
_pdbx_unobs_or_zero_occ_atoms.PDB_ins_code 
_pdbx_unobs_or_zero_occ_atoms.auth_atom_id 
_pdbx_unobs_or_zero_occ_atoms.label_alt_id 
_pdbx_unobs_or_zero_occ_atoms.label_asym_id 
_pdbx_unobs_or_zero_occ_atoms.label_comp_id 
_pdbx_unobs_or_zero_occ_atoms.label_seq_id 
_pdbx_unobs_or_zero_occ_atoms.label_atom_id 
1 1 Y 1 A ASN 98 ? CG  ? A ASN 98 CG  
2 1 Y 1 A ASN 98 ? OD1 ? A ASN 98 OD1 
3 1 Y 1 A ASN 98 ? ND2 ? A ASN 98 ND2 
# 
loop_
_software.name 
_software.classification 
_software.version 
_software.citation_id 
_software.pdbx_ordinal 
Agrovata 'data collection' .            ? 1 
ROTAVATA 'data reduction'  .            ? 2 
FROFFT   'model building'  .            ? 3 
PROFFT   refinement        .            ? 4 
CCP4     'data scaling'    '(ROTAVATA)' ? 5 
FROFFT   phasing           .            ? 6 
# 
_cell.entry_id           4BIR 
_cell.length_a           48.820 
_cell.length_b           46.530 
_cell.length_c           41.200 
_cell.angle_alpha        90.00 
_cell.angle_beta         90.00 
_cell.angle_gamma        90.00 
_cell.Z_PDB              4 
_cell.pdbx_unique_axis   ? 
# 
_symmetry.entry_id                         4BIR 
_symmetry.space_group_name_H-M             'P 21 21 21' 
_symmetry.pdbx_full_space_group_name_H-M   ? 
_symmetry.cell_setting                     ? 
_symmetry.Int_Tables_number                19 
# 
_exptl.entry_id          4BIR 
_exptl.method            'X-RAY DIFFRACTION' 
_exptl.crystals_number   1 
# 
_exptl_crystal.id                    1 
_exptl_crystal.density_meas          ? 
_exptl_crystal.density_Matthews      2.11 
_exptl_crystal.density_percent_sol   41.71 
_exptl_crystal.description           ? 
# 
_exptl_crystal_grow.crystal_id      1 
_exptl_crystal_grow.method          ? 
_exptl_crystal_grow.temp            ? 
_exptl_crystal_grow.temp_details    ? 
_exptl_crystal_grow.pH              4.2 
_exptl_crystal_grow.pdbx_pH_range   ? 
_exptl_crystal_grow.pdbx_details    'pH 4.2' 
# 
_diffrn.id                     1 
_diffrn.ambient_temp           293 
_diffrn.ambient_temp_details   ? 
_diffrn.crystal_id             1 
# 
_diffrn_detector.diffrn_id              1 
_diffrn_detector.detector               DIFFRACTOMETER 
_diffrn_detector.type                   'ENRAF-NONIUS FAST' 
_diffrn_detector.pdbx_collection_date   1994-05-05 
_diffrn_detector.details                COLLIMATOR 
# 
_diffrn_radiation.diffrn_id                        1 
_diffrn_radiation.wavelength_id                    1 
_diffrn_radiation.pdbx_monochromatic_or_laue_m_l   M 
_diffrn_radiation.monochromator                    'GRAPHITE(002)' 
_diffrn_radiation.pdbx_diffrn_protocol             ? 
_diffrn_radiation.pdbx_scattering_type             x-ray 
# 
_diffrn_radiation_wavelength.id           1 
_diffrn_radiation_wavelength.wavelength   1.5418 
_diffrn_radiation_wavelength.wt           1.0 
# 
_diffrn_source.diffrn_id                   1 
_diffrn_source.source                      ? 
_diffrn_source.type                        ENRAF-NONIUS 
_diffrn_source.pdbx_synchrotron_site       ? 
_diffrn_source.pdbx_synchrotron_beamline   ? 
_diffrn_source.pdbx_wavelength             1.5418 
_diffrn_source.pdbx_wavelength_list        ? 
# 
_reflns.entry_id                     4BIR 
_reflns.observed_criterion_sigma_I   3.0 
_reflns.observed_criterion_sigma_F   ? 
_reflns.d_resolution_low             15.0 
_reflns.d_resolution_high            1.7 
_reflns.number_obs                   10404 
_reflns.number_all                   ? 
_reflns.percent_possible_obs         93.9 
_reflns.pdbx_Rmerge_I_obs            ? 
_reflns.pdbx_Rsym_value              0.079 
_reflns.pdbx_netI_over_sigmaI        6.5 
_reflns.B_iso_Wilson_estimate        ? 
_reflns.pdbx_redundancy              4.6 
_reflns.pdbx_diffrn_id               1 
_reflns.pdbx_ordinal                 1 
# 
_reflns_shell.d_res_high             1.68 
_reflns_shell.d_res_low              1.73 
_reflns_shell.percent_possible_all   51.3 
_reflns_shell.Rmerge_I_obs           ? 
_reflns_shell.pdbx_Rsym_value        0.257 
_reflns_shell.meanI_over_sigI_obs    3.0 
_reflns_shell.pdbx_redundancy        2.18 
_reflns_shell.pdbx_diffrn_id         ? 
_reflns_shell.pdbx_ordinal           1 
# 
_refine.entry_id                                 4BIR 
_refine.ls_number_reflns_obs                     4313 
_refine.ls_number_reflns_all                     4313 
_refine.pdbx_ls_sigma_I                          ? 
_refine.pdbx_ls_sigma_F                          0.0 
_refine.pdbx_data_cutoff_high_absF               ? 
_refine.pdbx_data_cutoff_low_absF                ? 
_refine.pdbx_data_cutoff_high_rms_absF           ? 
_refine.ls_d_res_low                             10.00 
_refine.ls_d_res_high                            1.70 
_refine.ls_percent_reflns_obs                    94.5 
_refine.ls_R_factor_obs                          ? 
_refine.ls_R_factor_all                          ? 
_refine.ls_R_factor_R_work                       0.187 
_refine.ls_R_factor_R_free                       ? 
_refine.ls_R_factor_R_free_error                 ? 
_refine.ls_R_factor_R_free_error_details         ? 
_refine.ls_percent_reflns_R_free                 ? 
_refine.ls_number_reflns_R_free                  ? 
_refine.ls_number_parameters                     ? 
_refine.ls_number_restraints                     ? 
_refine.occupancy_min                            ? 
_refine.occupancy_max                            ? 
_refine.B_iso_mean                               ? 
_refine.aniso_B[1][1]                            ? 
_refine.aniso_B[2][2]                            ? 
_refine.aniso_B[3][3]                            ? 
_refine.aniso_B[1][2]                            ? 
_refine.aniso_B[1][3]                            ? 
_refine.aniso_B[2][3]                            ? 
_refine.solvent_model_details                    ? 
_refine.solvent_model_param_ksol                 ? 
_refine.solvent_model_param_bsol                 ? 
_refine.pdbx_ls_cross_valid_method               THROUGHOUT 
_refine.details                                  ? 
_refine.pdbx_starting_model                      'PDB ENTRY 1RGA' 
_refine.pdbx_method_to_determine_struct          'MOLECULAR REPLACEMENT' 
_refine.pdbx_isotropic_thermal_model             ? 
_refine.pdbx_stereochemistry_target_values       ? 
_refine.pdbx_stereochem_target_val_spec_case     ? 
_refine.pdbx_R_Free_selection_details            RANDOM 
_refine.pdbx_overall_ESU_R                       ? 
_refine.pdbx_overall_ESU_R_Free                  ? 
_refine.overall_SU_ML                            ? 
_refine.overall_SU_B                             ? 
_refine.pdbx_refine_id                           'X-RAY DIFFRACTION' 
_refine.pdbx_diffrn_id                           1 
_refine.pdbx_TLS_residual_ADP_flag               ? 
_refine.correlation_coeff_Fo_to_Fc               ? 
_refine.correlation_coeff_Fo_to_Fc_free          ? 
_refine.pdbx_solvent_vdw_probe_radii             ? 
_refine.pdbx_solvent_ion_probe_radii             ? 
_refine.pdbx_solvent_shrinkage_radii             ? 
_refine.pdbx_overall_phase_error                 ? 
_refine.overall_SU_R_Cruickshank_DPI             ? 
_refine.pdbx_overall_SU_R_free_Cruickshank_DPI   ? 
_refine.pdbx_overall_SU_R_Blow_DPI               ? 
_refine.pdbx_overall_SU_R_free_Blow_DPI          ? 
# 
_refine_hist.pdbx_refine_id                   'X-RAY DIFFRACTION' 
_refine_hist.cycle_id                         LAST 
_refine_hist.pdbx_number_atoms_protein        785 
_refine_hist.pdbx_number_atoms_nucleic_acid   0 
_refine_hist.pdbx_number_atoms_ligand         0 
_refine_hist.number_atoms_solvent             147 
_refine_hist.number_atoms_total               932 
_refine_hist.d_res_high                       1.70 
_refine_hist.d_res_low                        10.00 
# 
loop_
_refine_ls_restr.type 
_refine_ls_restr.dev_ideal 
_refine_ls_restr.dev_ideal_target 
_refine_ls_restr.weight 
_refine_ls_restr.number 
_refine_ls_restr.pdbx_refine_id 
_refine_ls_restr.pdbx_restraint_function 
p_bond_d            0.021 0.020 ? ? 'X-RAY DIFFRACTION' ? 
p_angle_d           0.076 0.050 ? ? 'X-RAY DIFFRACTION' ? 
p_angle_deg         ?     ?     ? ? 'X-RAY DIFFRACTION' ? 
p_planar_d          0.088 0.050 ? ? 'X-RAY DIFFRACTION' ? 
p_hb_or_metal_coord 0.000 0.050 ? ? 'X-RAY DIFFRACTION' ? 
p_mcbond_it         2.177 2.000 ? ? 'X-RAY DIFFRACTION' ? 
p_mcangle_it        2.847 3.000 ? ? 'X-RAY DIFFRACTION' ? 
p_scbond_it         3.809 3.000 ? ? 'X-RAY DIFFRACTION' ? 
p_scangle_it        4.724 4.000 ? ? 'X-RAY DIFFRACTION' ? 
p_plane_restr       0.013 0.015 ? ? 'X-RAY DIFFRACTION' ? 
p_chiral_restr      0.175 0.150 ? ? 'X-RAY DIFFRACTION' ? 
p_singtor_nbd       0.138 0.150 ? ? 'X-RAY DIFFRACTION' ? 
p_multtor_nbd       0.127 0.150 ? ? 'X-RAY DIFFRACTION' ? 
p_xhyhbond_nbd      0.000 0.150 ? ? 'X-RAY DIFFRACTION' ? 
p_xyhbond_nbd       0.139 0.150 ? ? 'X-RAY DIFFRACTION' ? 
p_planar_tor        2.3   3.0   ? ? 'X-RAY DIFFRACTION' ? 
p_staggered_tor     13.0  12.0  ? ? 'X-RAY DIFFRACTION' ? 
p_orthonormal_tor   ?     ?     ? ? 'X-RAY DIFFRACTION' ? 
p_transverse_tor    22.7  20.0  ? ? 'X-RAY DIFFRACTION' ? 
p_special_tor       0.0   15.0  ? ? 'X-RAY DIFFRACTION' ? 
# 
_pdbx_refine.entry_id                                    4BIR 
_pdbx_refine.R_factor_all_no_cutoff                      ? 
_pdbx_refine.R_factor_obs_no_cutoff                      0.187 
_pdbx_refine.free_R_factor_no_cutoff                     ? 
_pdbx_refine.free_R_val_test_set_size_perc_no_cutoff     ? 
_pdbx_refine.free_R_val_test_set_ct_no_cutoff            ? 
_pdbx_refine.R_factor_all_4sig_cutoff                    ? 
_pdbx_refine.R_factor_obs_4sig_cutoff                    ? 
_pdbx_refine.free_R_factor_4sig_cutoff                   ? 
_pdbx_refine.free_R_val_test_set_size_perc_4sig_cutoff   ? 
_pdbx_refine.free_R_val_test_set_ct_4sig_cutoff          ? 
_pdbx_refine.number_reflns_obs_4sig_cutoff               ? 
_pdbx_refine.pdbx_refine_id                              'X-RAY DIFFRACTION' 
_pdbx_refine.free_R_error_no_cutoff                      ? 
# 
_struct.entry_id                  4BIR 
_struct.title                     'RIBONUCLEASE T1: FREE HIS92GLN MUTANT' 
_struct.pdbx_model_details        ? 
_struct.pdbx_CASP_flag            ? 
_struct.pdbx_model_type_details   ? 
# 
_struct_keywords.entry_id        4BIR 
_struct_keywords.pdbx_keywords   ENDORIBONUCLEASE 
_struct_keywords.text            'ENDORIBONUCLEASE, HYDROLASE, RIBONUCLEASE, HIS TO GLN MUTANT' 
# 
loop_
_struct_asym.id 
_struct_asym.pdbx_blank_PDB_chainid_flag 
_struct_asym.pdbx_modified 
_struct_asym.entity_id 
_struct_asym.details 
A N N 1 ? 
B N N 2 ? 
C N N 3 ? 
# 
_struct_ref.id                         1 
_struct_ref.db_name                    UNP 
_struct_ref.db_code                    RNT1_ASPOR 
_struct_ref.entity_id                  1 
_struct_ref.pdbx_db_accession          P00651 
_struct_ref.pdbx_align_begin           1 
_struct_ref.pdbx_seq_one_letter_code   
;MMYSKLLTLTTLLLPTALALPSLVERACDYTCGSNCYSSSDVSTAQAAGYQLHEDGETVGSNSYPHKYNNYEGFDFSVSS
PYYEWPILSSGDVYSGGSPGADRVVFNENNQLAGVITHTGASGNNFVECT
;
_struct_ref.pdbx_db_isoform            ? 
# 
_struct_ref_seq.align_id                      1 
_struct_ref_seq.ref_id                        1 
_struct_ref_seq.pdbx_PDB_id_code              4BIR 
_struct_ref_seq.pdbx_strand_id                A 
_struct_ref_seq.seq_align_beg                 1 
_struct_ref_seq.pdbx_seq_align_beg_ins_code   ? 
_struct_ref_seq.seq_align_end                 104 
_struct_ref_seq.pdbx_seq_align_end_ins_code   ? 
_struct_ref_seq.pdbx_db_accession             P00651 
_struct_ref_seq.db_align_beg                  27 
_struct_ref_seq.pdbx_db_align_beg_ins_code    ? 
_struct_ref_seq.db_align_end                  130 
_struct_ref_seq.pdbx_db_align_end_ins_code    ? 
_struct_ref_seq.pdbx_auth_seq_align_beg       1 
_struct_ref_seq.pdbx_auth_seq_align_end       104 
# 
loop_
_struct_ref_seq_dif.align_id 
_struct_ref_seq_dif.pdbx_pdb_id_code 
_struct_ref_seq_dif.mon_id 
_struct_ref_seq_dif.pdbx_pdb_strand_id 
_struct_ref_seq_dif.seq_num 
_struct_ref_seq_dif.pdbx_pdb_ins_code 
_struct_ref_seq_dif.pdbx_seq_db_name 
_struct_ref_seq_dif.pdbx_seq_db_accession_code 
_struct_ref_seq_dif.db_mon_id 
_struct_ref_seq_dif.pdbx_seq_db_seq_num 
_struct_ref_seq_dif.details 
_struct_ref_seq_dif.pdbx_auth_seq_num 
_struct_ref_seq_dif.pdbx_ordinal 
1 4BIR LYS A 25 ? UNP P00651 GLN 51  conflict              25 1 
1 4BIR GLN A 92 ? UNP P00651 HIS 118 'engineered mutation' 92 2 
# 
_pdbx_struct_assembly.id                   1 
_pdbx_struct_assembly.details              author_defined_assembly 
_pdbx_struct_assembly.method_details       ? 
_pdbx_struct_assembly.oligomeric_details   monomeric 
_pdbx_struct_assembly.oligomeric_count     1 
# 
_pdbx_struct_assembly_gen.assembly_id       1 
_pdbx_struct_assembly_gen.oper_expression   1 
_pdbx_struct_assembly_gen.asym_id_list      A,B,C 
# 
_pdbx_struct_oper_list.id                   1 
_pdbx_struct_oper_list.type                 'identity operation' 
_pdbx_struct_oper_list.name                 1_555 
_pdbx_struct_oper_list.symmetry_operation   x,y,z 
_pdbx_struct_oper_list.matrix[1][1]         1.0000000000 
_pdbx_struct_oper_list.matrix[1][2]         0.0000000000 
_pdbx_struct_oper_list.matrix[1][3]         0.0000000000 
_pdbx_struct_oper_list.vector[1]            0.0000000000 
_pdbx_struct_oper_list.matrix[2][1]         0.0000000000 
_pdbx_struct_oper_list.matrix[2][2]         1.0000000000 
_pdbx_struct_oper_list.matrix[2][3]         0.0000000000 
_pdbx_struct_oper_list.vector[2]            0.0000000000 
_pdbx_struct_oper_list.matrix[3][1]         0.0000000000 
_pdbx_struct_oper_list.matrix[3][2]         0.0000000000 
_pdbx_struct_oper_list.matrix[3][3]         1.0000000000 
_pdbx_struct_oper_list.vector[3]            0.0000000000 
# 
_struct_biol.id   1 
# 
_struct_conf.conf_type_id            HELX_P 
_struct_conf.id                      HELX_P1 
_struct_conf.pdbx_PDB_helix_id       1 
_struct_conf.beg_label_comp_id       SER 
_struct_conf.beg_label_asym_id       A 
_struct_conf.beg_label_seq_id        13 
_struct_conf.pdbx_beg_PDB_ins_code   ? 
_struct_conf.end_label_comp_id       ASP 
_struct_conf.end_label_asym_id       A 
_struct_conf.end_label_seq_id        29 
_struct_conf.pdbx_end_PDB_ins_code   ? 
_struct_conf.beg_auth_comp_id        SER 
_struct_conf.beg_auth_asym_id        A 
_struct_conf.beg_auth_seq_id         13 
_struct_conf.end_auth_comp_id        ASP 
_struct_conf.end_auth_asym_id        A 
_struct_conf.end_auth_seq_id         29 
_struct_conf.pdbx_PDB_helix_class    1 
_struct_conf.details                 ? 
_struct_conf.pdbx_PDB_helix_length   17 
# 
_struct_conf_type.id          HELX_P 
_struct_conf_type.criteria    ? 
_struct_conf_type.reference   ? 
# 
loop_
_struct_conn.id 
_struct_conn.conn_type_id 
_struct_conn.pdbx_leaving_atom_flag 
_struct_conn.pdbx_PDB_id 
_struct_conn.ptnr1_label_asym_id 
_struct_conn.ptnr1_label_comp_id 
_struct_conn.ptnr1_label_seq_id 
_struct_conn.ptnr1_label_atom_id 
_struct_conn.pdbx_ptnr1_label_alt_id 
_struct_conn.pdbx_ptnr1_PDB_ins_code 
_struct_conn.pdbx_ptnr1_standard_comp_id 
_struct_conn.ptnr1_symmetry 
_struct_conn.ptnr2_label_asym_id 
_struct_conn.ptnr2_label_comp_id 
_struct_conn.ptnr2_label_seq_id 
_struct_conn.ptnr2_label_atom_id 
_struct_conn.pdbx_ptnr2_label_alt_id 
_struct_conn.pdbx_ptnr2_PDB_ins_code 
_struct_conn.ptnr1_auth_asym_id 
_struct_conn.ptnr1_auth_comp_id 
_struct_conn.ptnr1_auth_seq_id 
_struct_conn.ptnr2_auth_asym_id 
_struct_conn.ptnr2_auth_comp_id 
_struct_conn.ptnr2_auth_seq_id 
_struct_conn.ptnr2_symmetry 
_struct_conn.pdbx_ptnr3_label_atom_id 
_struct_conn.pdbx_ptnr3_label_seq_id 
_struct_conn.pdbx_ptnr3_label_comp_id 
_struct_conn.pdbx_ptnr3_label_asym_id 
_struct_conn.pdbx_ptnr3_label_alt_id 
_struct_conn.pdbx_ptnr3_PDB_ins_code 
_struct_conn.details 
_struct_conn.pdbx_dist_value 
_struct_conn.pdbx_value_order 
_struct_conn.pdbx_role 
disulf1 disulf ? ? A CYS 2  SG  ? ? ? 1_555 A CYS 10  SG ? ? A CYS 2   A CYS 10  1_555 ? ? ? ? ? ? ? 2.108 ? ? 
disulf2 disulf ? ? A CYS 6  SG  ? ? ? 1_555 A CYS 103 SG ? ? A CYS 6   A CYS 103 1_555 ? ? ? ? ? ? ? 2.009 ? ? 
metalc1 metalc ? ? A ASP 15 OD1 ? ? ? 1_555 B CA  .   CA ? ? A ASP 15  A CA  105 1_555 ? ? ? ? ? ? ? 2.646 ? ? 
metalc2 metalc ? ? A ASP 15 OD2 ? ? ? 1_555 B CA  .   CA ? ? A ASP 15  A CA  105 1_555 ? ? ? ? ? ? ? 2.636 ? ? 
metalc3 metalc ? ? B CA  .  CA  ? ? ? 1_555 C HOH .   O  ? ? A CA  105 A HOH 130 1_555 ? ? ? ? ? ? ? 2.360 ? ? 
metalc4 metalc ? ? B CA  .  CA  ? ? ? 1_555 C HOH .   O  ? ? A CA  105 A HOH 134 1_555 ? ? ? ? ? ? ? 2.558 ? ? 
metalc5 metalc ? ? B CA  .  CA  ? ? ? 1_555 C HOH .   O  ? ? A CA  105 A HOH 145 1_555 ? ? ? ? ? ? ? 2.490 ? ? 
metalc6 metalc ? ? B CA  .  CA  ? ? ? 1_555 C HOH .   O  ? ? A CA  105 A HOH 146 1_555 ? ? ? ? ? ? ? 2.258 ? ? 
metalc7 metalc ? ? B CA  .  CA  ? ? ? 1_555 C HOH .   O  ? ? A CA  105 A HOH 187 3_645 ? ? ? ? ? ? ? 2.715 ? ? 
metalc8 metalc ? ? B CA  .  CA  ? ? ? 1_555 C HOH .   O  ? ? A CA  105 A HOH 188 3_645 ? ? ? ? ? ? ? 2.734 ? ? 
# 
loop_
_struct_conn_type.id 
_struct_conn_type.criteria 
_struct_conn_type.reference 
disulf ? ? 
metalc ? ? 
# 
loop_
_pdbx_struct_conn_angle.id 
_pdbx_struct_conn_angle.ptnr1_label_atom_id 
_pdbx_struct_conn_angle.ptnr1_label_alt_id 
_pdbx_struct_conn_angle.ptnr1_label_asym_id 
_pdbx_struct_conn_angle.ptnr1_label_comp_id 
_pdbx_struct_conn_angle.ptnr1_label_seq_id 
_pdbx_struct_conn_angle.ptnr1_auth_atom_id 
_pdbx_struct_conn_angle.ptnr1_auth_asym_id 
_pdbx_struct_conn_angle.ptnr1_auth_comp_id 
_pdbx_struct_conn_angle.ptnr1_auth_seq_id 
_pdbx_struct_conn_angle.ptnr1_PDB_ins_code 
_pdbx_struct_conn_angle.ptnr1_symmetry 
_pdbx_struct_conn_angle.ptnr2_label_atom_id 
_pdbx_struct_conn_angle.ptnr2_label_alt_id 
_pdbx_struct_conn_angle.ptnr2_label_asym_id 
_pdbx_struct_conn_angle.ptnr2_label_comp_id 
_pdbx_struct_conn_angle.ptnr2_label_seq_id 
_pdbx_struct_conn_angle.ptnr2_auth_atom_id 
_pdbx_struct_conn_angle.ptnr2_auth_asym_id 
_pdbx_struct_conn_angle.ptnr2_auth_comp_id 
_pdbx_struct_conn_angle.ptnr2_auth_seq_id 
_pdbx_struct_conn_angle.ptnr2_PDB_ins_code 
_pdbx_struct_conn_angle.ptnr2_symmetry 
_pdbx_struct_conn_angle.ptnr3_label_atom_id 
_pdbx_struct_conn_angle.ptnr3_label_alt_id 
_pdbx_struct_conn_angle.ptnr3_label_asym_id 
_pdbx_struct_conn_angle.ptnr3_label_comp_id 
_pdbx_struct_conn_angle.ptnr3_label_seq_id 
_pdbx_struct_conn_angle.ptnr3_auth_atom_id 
_pdbx_struct_conn_angle.ptnr3_auth_asym_id 
_pdbx_struct_conn_angle.ptnr3_auth_comp_id 
_pdbx_struct_conn_angle.ptnr3_auth_seq_id 
_pdbx_struct_conn_angle.ptnr3_PDB_ins_code 
_pdbx_struct_conn_angle.ptnr3_symmetry 
_pdbx_struct_conn_angle.value 
_pdbx_struct_conn_angle.value_esd 
1  OD1 ? A ASP 15 ? A ASP 15  ? 1_555 CA ? B CA . ? A CA 105 ? 1_555 OD2 ? A ASP 15 ? A ASP 15  ? 1_555 49.1  ? 
2  OD1 ? A ASP 15 ? A ASP 15  ? 1_555 CA ? B CA . ? A CA 105 ? 1_555 O   ? C HOH .  ? A HOH 130 ? 1_555 76.6  ? 
3  OD2 ? A ASP 15 ? A ASP 15  ? 1_555 CA ? B CA . ? A CA 105 ? 1_555 O   ? C HOH .  ? A HOH 130 ? 1_555 80.1  ? 
4  OD1 ? A ASP 15 ? A ASP 15  ? 1_555 CA ? B CA . ? A CA 105 ? 1_555 O   ? C HOH .  ? A HOH 134 ? 1_555 81.6  ? 
5  OD2 ? A ASP 15 ? A ASP 15  ? 1_555 CA ? B CA . ? A CA 105 ? 1_555 O   ? C HOH .  ? A HOH 134 ? 1_555 72.4  ? 
6  O   ? C HOH .  ? A HOH 130 ? 1_555 CA ? B CA . ? A CA 105 ? 1_555 O   ? C HOH .  ? A HOH 134 ? 1_555 152.0 ? 
7  OD1 ? A ASP 15 ? A ASP 15  ? 1_555 CA ? B CA . ? A CA 105 ? 1_555 O   ? C HOH .  ? A HOH 145 ? 1_555 74.3  ? 
8  OD2 ? A ASP 15 ? A ASP 15  ? 1_555 CA ? B CA . ? A CA 105 ? 1_555 O   ? C HOH .  ? A HOH 145 ? 1_555 121.9 ? 
9  O   ? C HOH .  ? A HOH 130 ? 1_555 CA ? B CA . ? A CA 105 ? 1_555 O   ? C HOH .  ? A HOH 145 ? 1_555 101.1 ? 
10 O   ? C HOH .  ? A HOH 134 ? 1_555 CA ? B CA . ? A CA 105 ? 1_555 O   ? C HOH .  ? A HOH 145 ? 1_555 89.5  ? 
11 OD1 ? A ASP 15 ? A ASP 15  ? 1_555 CA ? B CA . ? A CA 105 ? 1_555 O   ? C HOH .  ? A HOH 146 ? 1_555 129.1 ? 
12 OD2 ? A ASP 15 ? A ASP 15  ? 1_555 CA ? B CA . ? A CA 105 ? 1_555 O   ? C HOH .  ? A HOH 146 ? 1_555 80.6  ? 
13 O   ? C HOH .  ? A HOH 130 ? 1_555 CA ? B CA . ? A CA 105 ? 1_555 O   ? C HOH .  ? A HOH 146 ? 1_555 89.2  ? 
14 O   ? C HOH .  ? A HOH 134 ? 1_555 CA ? B CA . ? A CA 105 ? 1_555 O   ? C HOH .  ? A HOH 146 ? 1_555 91.2  ? 
15 O   ? C HOH .  ? A HOH 145 ? 1_555 CA ? B CA . ? A CA 105 ? 1_555 O   ? C HOH .  ? A HOH 146 ? 1_555 156.4 ? 
16 OD1 ? A ASP 15 ? A ASP 15  ? 1_555 CA ? B CA . ? A CA 105 ? 1_555 O   ? C HOH .  ? A HOH 187 ? 3_645 124.2 ? 
17 OD2 ? A ASP 15 ? A ASP 15  ? 1_555 CA ? B CA . ? A CA 105 ? 1_555 O   ? C HOH .  ? A HOH 187 ? 3_645 140.8 ? 
18 O   ? C HOH .  ? A HOH 130 ? 1_555 CA ? B CA . ? A CA 105 ? 1_555 O   ? C HOH .  ? A HOH 187 ? 3_645 62.3  ? 
19 O   ? C HOH .  ? A HOH 134 ? 1_555 CA ? B CA . ? A CA 105 ? 1_555 O   ? C HOH .  ? A HOH 187 ? 3_645 145.7 ? 
20 O   ? C HOH .  ? A HOH 145 ? 1_555 CA ? B CA . ? A CA 105 ? 1_555 O   ? C HOH .  ? A HOH 187 ? 3_645 78.4  ? 
21 O   ? C HOH .  ? A HOH 146 ? 1_555 CA ? B CA . ? A CA 105 ? 1_555 O   ? C HOH .  ? A HOH 187 ? 3_645 88.0  ? 
22 OD1 ? A ASP 15 ? A ASP 15  ? 1_555 CA ? B CA . ? A CA 105 ? 1_555 O   ? C HOH .  ? A HOH 188 ? 3_645 143.0 ? 
23 OD2 ? A ASP 15 ? A ASP 15  ? 1_555 CA ? B CA . ? A CA 105 ? 1_555 O   ? C HOH .  ? A HOH 188 ? 3_645 137.2 ? 
24 O   ? C HOH .  ? A HOH 130 ? 1_555 CA ? B CA . ? A CA 105 ? 1_555 O   ? C HOH .  ? A HOH 188 ? 3_645 135.4 ? 
25 O   ? C HOH .  ? A HOH 134 ? 1_555 CA ? B CA . ? A CA 105 ? 1_555 O   ? C HOH .  ? A HOH 188 ? 3_645 71.6  ? 
26 O   ? C HOH .  ? A HOH 145 ? 1_555 CA ? B CA . ? A CA 105 ? 1_555 O   ? C HOH .  ? A HOH 188 ? 3_645 80.2  ? 
27 O   ? C HOH .  ? A HOH 146 ? 1_555 CA ? B CA . ? A CA 105 ? 1_555 O   ? C HOH .  ? A HOH 188 ? 3_645 77.6  ? 
28 O   ? C HOH .  ? A HOH 187 ? 3_645 CA ? B CA . ? A CA 105 ? 1_555 O   ? C HOH .  ? A HOH 188 ? 3_645 74.7  ? 
# 
loop_
_pdbx_modification_feature.ordinal 
_pdbx_modification_feature.label_comp_id 
_pdbx_modification_feature.label_asym_id 
_pdbx_modification_feature.label_seq_id 
_pdbx_modification_feature.label_alt_id 
_pdbx_modification_feature.modified_residue_label_comp_id 
_pdbx_modification_feature.modified_residue_label_asym_id 
_pdbx_modification_feature.modified_residue_label_seq_id 
_pdbx_modification_feature.modified_residue_label_alt_id 
_pdbx_modification_feature.auth_comp_id 
_pdbx_modification_feature.auth_asym_id 
_pdbx_modification_feature.auth_seq_id 
_pdbx_modification_feature.PDB_ins_code 
_pdbx_modification_feature.symmetry 
_pdbx_modification_feature.modified_residue_auth_comp_id 
_pdbx_modification_feature.modified_residue_auth_asym_id 
_pdbx_modification_feature.modified_residue_auth_seq_id 
_pdbx_modification_feature.modified_residue_PDB_ins_code 
_pdbx_modification_feature.modified_residue_symmetry 
_pdbx_modification_feature.comp_id_linking_atom 
_pdbx_modification_feature.modified_residue_id_linking_atom 
_pdbx_modification_feature.modified_residue_id 
_pdbx_modification_feature.ref_pcm_id 
_pdbx_modification_feature.ref_comp_id 
_pdbx_modification_feature.type 
_pdbx_modification_feature.category 
1 CYS A 2 ? CYS A 10  ? CYS A 2 ? 1_555 CYS A 10  ? 1_555 SG SG . . . None 'Disulfide bridge' 
2 CYS A 6 ? CYS A 103 ? CYS A 6 ? 1_555 CYS A 103 ? 1_555 SG SG . . . None 'Disulfide bridge' 
# 
loop_
_struct_mon_prot_cis.pdbx_id 
_struct_mon_prot_cis.label_comp_id 
_struct_mon_prot_cis.label_seq_id 
_struct_mon_prot_cis.label_asym_id 
_struct_mon_prot_cis.label_alt_id 
_struct_mon_prot_cis.pdbx_PDB_ins_code 
_struct_mon_prot_cis.auth_comp_id 
_struct_mon_prot_cis.auth_seq_id 
_struct_mon_prot_cis.auth_asym_id 
_struct_mon_prot_cis.pdbx_label_comp_id_2 
_struct_mon_prot_cis.pdbx_label_seq_id_2 
_struct_mon_prot_cis.pdbx_label_asym_id_2 
_struct_mon_prot_cis.pdbx_PDB_ins_code_2 
_struct_mon_prot_cis.pdbx_auth_comp_id_2 
_struct_mon_prot_cis.pdbx_auth_seq_id_2 
_struct_mon_prot_cis.pdbx_auth_asym_id_2 
_struct_mon_prot_cis.pdbx_PDB_model_num 
_struct_mon_prot_cis.pdbx_omega_angle 
1 TYR 38 A . ? TYR 38 A PRO 39 A ? PRO 39 A 1 -2.52 
2 SER 54 A . ? SER 54 A PRO 55 A ? PRO 55 A 1 1.50  
# 
loop_
_struct_sheet.id 
_struct_sheet.type 
_struct_sheet.number_strands 
_struct_sheet.details 
A ? 2 ? 
B ? 4 ? 
# 
loop_
_struct_sheet_order.sheet_id 
_struct_sheet_order.range_id_1 
_struct_sheet_order.range_id_2 
_struct_sheet_order.offset 
_struct_sheet_order.sense 
A 1 2 ? anti-parallel 
B 1 2 ? anti-parallel 
B 2 3 ? anti-parallel 
B 3 4 ? anti-parallel 
# 
loop_
_struct_sheet_range.sheet_id 
_struct_sheet_range.id 
_struct_sheet_range.beg_label_comp_id 
_struct_sheet_range.beg_label_asym_id 
_struct_sheet_range.beg_label_seq_id 
_struct_sheet_range.pdbx_beg_PDB_ins_code 
_struct_sheet_range.end_label_comp_id 
_struct_sheet_range.end_label_asym_id 
_struct_sheet_range.end_label_seq_id 
_struct_sheet_range.pdbx_end_PDB_ins_code 
_struct_sheet_range.beg_auth_comp_id 
_struct_sheet_range.beg_auth_asym_id 
_struct_sheet_range.beg_auth_seq_id 
_struct_sheet_range.end_auth_comp_id 
_struct_sheet_range.end_auth_asym_id 
_struct_sheet_range.end_auth_seq_id 
A 1 TYR A 4  ? CYS A 6  ? TYR A 4  CYS A 6  
A 2 ASN A 9  ? TYR A 11 ? ASN A 9  TYR A 11 
B 1 HIS A 40 ? TYR A 42 ? HIS A 40 TYR A 42 
B 2 TYR A 56 ? PRO A 60 ? TYR A 56 PRO A 60 
B 3 ASP A 76 ? ASN A 81 ? ASP A 76 ASN A 81 
B 4 LEU A 86 ? THR A 91 ? LEU A 86 THR A 91 
# 
loop_
_pdbx_struct_sheet_hbond.sheet_id 
_pdbx_struct_sheet_hbond.range_id_1 
_pdbx_struct_sheet_hbond.range_id_2 
_pdbx_struct_sheet_hbond.range_1_label_atom_id 
_pdbx_struct_sheet_hbond.range_1_label_comp_id 
_pdbx_struct_sheet_hbond.range_1_label_asym_id 
_pdbx_struct_sheet_hbond.range_1_label_seq_id 
_pdbx_struct_sheet_hbond.range_1_PDB_ins_code 
_pdbx_struct_sheet_hbond.range_1_auth_atom_id 
_pdbx_struct_sheet_hbond.range_1_auth_comp_id 
_pdbx_struct_sheet_hbond.range_1_auth_asym_id 
_pdbx_struct_sheet_hbond.range_1_auth_seq_id 
_pdbx_struct_sheet_hbond.range_2_label_atom_id 
_pdbx_struct_sheet_hbond.range_2_label_comp_id 
_pdbx_struct_sheet_hbond.range_2_label_asym_id 
_pdbx_struct_sheet_hbond.range_2_label_seq_id 
_pdbx_struct_sheet_hbond.range_2_PDB_ins_code 
_pdbx_struct_sheet_hbond.range_2_auth_atom_id 
_pdbx_struct_sheet_hbond.range_2_auth_comp_id 
_pdbx_struct_sheet_hbond.range_2_auth_asym_id 
_pdbx_struct_sheet_hbond.range_2_auth_seq_id 
A 1 2 O TYR A 4  ? O TYR A 4  N TYR A 11 ? N TYR A 11 
B 1 2 O HIS A 40 ? O HIS A 40 N GLU A 58 ? N GLU A 58 
B 2 3 O TYR A 57 ? O TYR A 57 N PHE A 80 ? N PHE A 80 
B 3 4 O ARG A 77 ? O ARG A 77 N ILE A 90 ? N ILE A 90 
# 
loop_
_struct_site.id 
_struct_site.pdbx_evidence_code 
_struct_site.pdbx_auth_asym_id 
_struct_site.pdbx_auth_comp_id 
_struct_site.pdbx_auth_seq_id 
_struct_site.pdbx_auth_ins_code 
_struct_site.pdbx_num_residues 
_struct_site.details 
CAT Unknown  ? ?  ?   ? 5 'CATALYTIC SITE.'                   
AC1 Software A CA 105 ? 7 'BINDING SITE FOR RESIDUE CA A 105' 
# 
loop_
_struct_site_gen.id 
_struct_site_gen.site_id 
_struct_site_gen.pdbx_num_res 
_struct_site_gen.label_comp_id 
_struct_site_gen.label_asym_id 
_struct_site_gen.label_seq_id 
_struct_site_gen.pdbx_auth_ins_code 
_struct_site_gen.auth_comp_id 
_struct_site_gen.auth_asym_id 
_struct_site_gen.auth_seq_id 
_struct_site_gen.label_atom_id 
_struct_site_gen.label_alt_id 
_struct_site_gen.symmetry 
_struct_site_gen.details 
1  CAT 5 GLN A 92  ? GLN A 92  . ? 1_555 ? 
2  CAT 5 GLU A 58  ? GLU A 58  . ? 1_555 ? 
3  CAT 5 HIS A 40  ? HIS A 40  . ? 1_555 ? 
4  CAT 5 TYR A 38  ? TYR A 38  . ? 1_555 ? 
5  CAT 5 PHE A 100 ? PHE A 100 . ? 1_555 ? 
6  AC1 7 ASP A 15  ? ASP A 15  . ? 1_555 ? 
7  AC1 7 HOH C .   ? HOH A 130 . ? 1_555 ? 
8  AC1 7 HOH C .   ? HOH A 134 . ? 1_555 ? 
9  AC1 7 HOH C .   ? HOH A 145 . ? 1_555 ? 
10 AC1 7 HOH C .   ? HOH A 146 . ? 1_555 ? 
11 AC1 7 HOH C .   ? HOH A 187 . ? 3_645 ? 
12 AC1 7 HOH C .   ? HOH A 188 . ? 3_645 ? 
# 
_pdbx_entry_details.entry_id                   4BIR 
_pdbx_entry_details.compound_details           ? 
_pdbx_entry_details.source_details             ? 
_pdbx_entry_details.nonpolymer_details         ? 
_pdbx_entry_details.sequence_details           ? 
_pdbx_entry_details.has_ligand_of_interest     ? 
_pdbx_entry_details.has_protein_modification   Y 
# 
loop_
_pdbx_validate_close_contact.id 
_pdbx_validate_close_contact.PDB_model_num 
_pdbx_validate_close_contact.auth_atom_id_1 
_pdbx_validate_close_contact.auth_asym_id_1 
_pdbx_validate_close_contact.auth_comp_id_1 
_pdbx_validate_close_contact.auth_seq_id_1 
_pdbx_validate_close_contact.PDB_ins_code_1 
_pdbx_validate_close_contact.label_alt_id_1 
_pdbx_validate_close_contact.auth_atom_id_2 
_pdbx_validate_close_contact.auth_asym_id_2 
_pdbx_validate_close_contact.auth_comp_id_2 
_pdbx_validate_close_contact.auth_seq_id_2 
_pdbx_validate_close_contact.PDB_ins_code_2 
_pdbx_validate_close_contact.label_alt_id_2 
_pdbx_validate_close_contact.dist 
1 1 CB A ALA 75  ? ? O A HOH 169 ? ? 1.25 
2 1 O  A HOH 191 ? ? O A HOH 250 ? ? 1.97 
# 
loop_
_pdbx_validate_symm_contact.id 
_pdbx_validate_symm_contact.PDB_model_num 
_pdbx_validate_symm_contact.auth_atom_id_1 
_pdbx_validate_symm_contact.auth_asym_id_1 
_pdbx_validate_symm_contact.auth_comp_id_1 
_pdbx_validate_symm_contact.auth_seq_id_1 
_pdbx_validate_symm_contact.PDB_ins_code_1 
_pdbx_validate_symm_contact.label_alt_id_1 
_pdbx_validate_symm_contact.site_symmetry_1 
_pdbx_validate_symm_contact.auth_atom_id_2 
_pdbx_validate_symm_contact.auth_asym_id_2 
_pdbx_validate_symm_contact.auth_comp_id_2 
_pdbx_validate_symm_contact.auth_seq_id_2 
_pdbx_validate_symm_contact.PDB_ins_code_2 
_pdbx_validate_symm_contact.label_alt_id_2 
_pdbx_validate_symm_contact.site_symmetry_2 
_pdbx_validate_symm_contact.dist 
1 1 O A HOH 147 ? ? 1_555 O A HOH 197 ? ? 3_645 0.06 
2 1 O A HOH 144 ? ? 1_555 O A HOH 170 ? ? 4_456 0.07 
# 
loop_
_pdbx_validate_rmsd_bond.id 
_pdbx_validate_rmsd_bond.PDB_model_num 
_pdbx_validate_rmsd_bond.auth_atom_id_1 
_pdbx_validate_rmsd_bond.auth_asym_id_1 
_pdbx_validate_rmsd_bond.auth_comp_id_1 
_pdbx_validate_rmsd_bond.auth_seq_id_1 
_pdbx_validate_rmsd_bond.PDB_ins_code_1 
_pdbx_validate_rmsd_bond.label_alt_id_1 
_pdbx_validate_rmsd_bond.auth_atom_id_2 
_pdbx_validate_rmsd_bond.auth_asym_id_2 
_pdbx_validate_rmsd_bond.auth_comp_id_2 
_pdbx_validate_rmsd_bond.auth_seq_id_2 
_pdbx_validate_rmsd_bond.PDB_ins_code_2 
_pdbx_validate_rmsd_bond.label_alt_id_2 
_pdbx_validate_rmsd_bond.bond_value 
_pdbx_validate_rmsd_bond.bond_target_value 
_pdbx_validate_rmsd_bond.bond_deviation 
_pdbx_validate_rmsd_bond.bond_standard_deviation 
_pdbx_validate_rmsd_bond.linker_flag 
1  1 CA  A CYS 10 ? ? CB  A CYS 10 ? ? 1.445 1.526 -0.081 0.013 N 
2  1 CG  A TYR 11 ? ? CD1 A TYR 11 ? ? 1.480 1.387 0.093  0.013 N 
3  1 CE2 A TYR 11 ? ? CD2 A TYR 11 ? ? 1.488 1.389 0.099  0.015 N 
4  1 CB  A SER 14 ? ? OG  A SER 14 ? ? 1.327 1.418 -0.091 0.013 N 
5  1 CD1 A TYR 24 ? ? CE1 A TYR 24 ? ? 1.296 1.389 -0.093 0.015 N 
6  1 CZ  A TYR 24 ? ? OH  A TYR 24 ? ? 1.262 1.374 -0.112 0.017 N 
7  1 CE2 A TYR 24 ? ? CD2 A TYR 24 ? ? 1.281 1.389 -0.108 0.015 N 
8  1 NE2 A HIS 27 ? ? CD2 A HIS 27 ? ? 1.280 1.373 -0.093 0.011 N 
9  1 CD  A GLU 31 ? ? OE1 A GLU 31 ? ? 1.128 1.252 -0.124 0.011 N 
10 1 NE2 A HIS 40 ? ? CD2 A HIS 40 ? ? 1.278 1.373 -0.095 0.011 N 
11 1 CG  A TYR 45 ? ? CD1 A TYR 45 ? ? 1.298 1.387 -0.089 0.013 N 
12 1 CZ  A TYR 45 ? ? CE2 A TYR 45 ? ? 1.290 1.381 -0.091 0.013 N 
13 1 C   A TYR 45 ? ? O   A TYR 45 ? ? 1.349 1.229 0.120  0.019 N 
14 1 CG  A PHE 50 ? ? CD1 A PHE 50 ? ? 1.267 1.383 -0.116 0.015 N 
15 1 CA  A SER 53 ? ? CB  A SER 53 ? ? 1.425 1.525 -0.100 0.015 N 
16 1 CB  A SER 54 ? ? OG  A SER 54 ? ? 1.308 1.418 -0.110 0.013 N 
17 1 CB  A TYR 57 ? ? CG  A TYR 57 ? ? 1.414 1.512 -0.098 0.015 N 
18 1 CD1 A TYR 57 ? ? CE1 A TYR 57 ? ? 1.286 1.389 -0.103 0.015 N 
19 1 CZ  A TYR 57 ? ? OH  A TYR 57 ? ? 1.256 1.374 -0.118 0.017 N 
20 1 CE2 A TYR 57 ? ? CD2 A TYR 57 ? ? 1.283 1.389 -0.106 0.015 N 
21 1 N   A PRO 60 ? ? CA  A PRO 60 ? ? 1.361 1.468 -0.107 0.017 N 
22 1 CB  A SER 64 ? ? OG  A SER 64 ? ? 1.319 1.418 -0.099 0.013 N 
23 1 CE1 A TYR 68 ? ? CZ  A TYR 68 ? ? 1.292 1.381 -0.089 0.013 N 
24 1 CB  A SER 69 ? ? OG  A SER 69 ? ? 1.312 1.418 -0.106 0.013 N 
25 1 N   A GLY 70 ? ? CA  A GLY 70 ? ? 1.575 1.456 0.119  0.015 N 
26 1 CZ  A ARG 77 ? ? NH2 A ARG 77 ? ? 1.434 1.326 0.108  0.013 N 
27 1 C   A GLY 88 ? ? N   A VAL 89 ? ? 1.192 1.336 -0.144 0.023 Y 
# 
loop_
_pdbx_validate_rmsd_angle.id 
_pdbx_validate_rmsd_angle.PDB_model_num 
_pdbx_validate_rmsd_angle.auth_atom_id_1 
_pdbx_validate_rmsd_angle.auth_asym_id_1 
_pdbx_validate_rmsd_angle.auth_comp_id_1 
_pdbx_validate_rmsd_angle.auth_seq_id_1 
_pdbx_validate_rmsd_angle.PDB_ins_code_1 
_pdbx_validate_rmsd_angle.label_alt_id_1 
_pdbx_validate_rmsd_angle.auth_atom_id_2 
_pdbx_validate_rmsd_angle.auth_asym_id_2 
_pdbx_validate_rmsd_angle.auth_comp_id_2 
_pdbx_validate_rmsd_angle.auth_seq_id_2 
_pdbx_validate_rmsd_angle.PDB_ins_code_2 
_pdbx_validate_rmsd_angle.label_alt_id_2 
_pdbx_validate_rmsd_angle.auth_atom_id_3 
_pdbx_validate_rmsd_angle.auth_asym_id_3 
_pdbx_validate_rmsd_angle.auth_comp_id_3 
_pdbx_validate_rmsd_angle.auth_seq_id_3 
_pdbx_validate_rmsd_angle.PDB_ins_code_3 
_pdbx_validate_rmsd_angle.label_alt_id_3 
_pdbx_validate_rmsd_angle.angle_value 
_pdbx_validate_rmsd_angle.angle_target_value 
_pdbx_validate_rmsd_angle.angle_deviation 
_pdbx_validate_rmsd_angle.angle_standard_deviation 
_pdbx_validate_rmsd_angle.linker_flag 
1  1 CA  A CYS 2   ? ? CB  A CYS 2   ? ? SG  A CYS 2   ? ? 121.22 114.20 7.02    1.10 N 
2  1 CB  A TYR 11  ? ? CG  A TYR 11  ? ? CD2 A TYR 11  ? ? 130.89 121.00 9.89    0.60 N 
3  1 CB  A TYR 11  ? ? CG  A TYR 11  ? ? CD1 A TYR 11  ? ? 112.53 121.00 -8.47   0.60 N 
4  1 CD1 A TYR 11  ? ? CE1 A TYR 11  ? ? CZ  A TYR 11  ? ? 129.05 119.80 9.25    0.90 N 
5  1 CE1 A TYR 11  ? ? CZ  A TYR 11  ? ? OH  A TYR 11  ? ? 137.79 120.10 17.69   2.70 N 
6  1 O   A SER 17  ? ? C   A SER 17  ? ? N   A THR 18  ? ? 133.33 122.70 10.63   1.60 Y 
7  1 N   A TYR 24  ? ? CA  A TYR 24  ? ? CB  A TYR 24  ? ? 121.70 110.60 11.10   1.80 N 
8  1 CB  A TYR 24  ? ? CG  A TYR 24  ? ? CD2 A TYR 24  ? ? 117.26 121.00 -3.74   0.60 N 
9  1 CB  A ASP 29  ? ? CG  A ASP 29  ? ? OD2 A ASP 29  ? ? 110.06 118.30 -8.24   0.90 N 
10 1 CA  A GLU 31  ? ? CB  A GLU 31  ? ? CG  A GLU 31  ? ? 127.30 113.40 13.90   2.20 N 
11 1 CB  A TYR 38  ? ? CG  A TYR 38  ? ? CD2 A TYR 38  ? ? 125.05 121.00 4.05    0.60 N 
12 1 CB  A TYR 42  ? ? CG  A TYR 42  ? ? CD2 A TYR 42  ? ? 115.86 121.00 -5.14   0.60 N 
13 1 CB  A TYR 45  ? ? CG  A TYR 45  ? ? CD2 A TYR 45  ? ? 116.43 121.00 -4.57   0.60 N 
14 1 CB  A TYR 45  ? ? CG  A TYR 45  ? ? CD1 A TYR 45  ? ? 125.82 121.00 4.82    0.60 N 
15 1 CG  A PHE 48  ? ? CD2 A PHE 48  ? ? CE2 A PHE 48  ? ? 108.34 120.80 -12.46  1.10 N 
16 1 CE1 A PHE 48  ? ? CZ  A PHE 48  ? ? CE2 A PHE 48  ? ? 104.37 120.00 -15.63  1.80 N 
17 1 CZ  A PHE 48  ? ? CE2 A PHE 48  ? ? CD2 A PHE 48  ? ? 142.16 120.10 22.06   1.20 N 
18 1 CG1 A VAL 52  ? ? CB  A VAL 52  ? ? CG2 A VAL 52  ? ? 122.65 110.90 11.75   1.60 N 
19 1 N   A PRO 55  ? ? CD  A PRO 55  ? ? CG  A PRO 55  ? ? 95.67  103.80 -8.13   1.20 N 
20 1 CB  A TYR 57  ? ? CG  A TYR 57  ? ? CD2 A TYR 57  ? ? 114.26 121.00 -6.74   0.60 N 
21 1 CG  A TYR 57  ? ? CD1 A TYR 57  ? ? CE1 A TYR 57  ? ? 115.24 121.30 -6.06   0.80 N 
22 1 CB  A ASP 66  ? ? CG  A ASP 66  ? ? OD2 A ASP 66  ? ? 112.47 118.30 -5.83   0.90 N 
23 1 CG1 A VAL 67  ? ? CB  A VAL 67  ? ? CG2 A VAL 67  ? ? 100.83 110.90 -10.07  1.60 N 
24 1 CA  A VAL 67  ? ? CB  A VAL 67  ? ? CG1 A VAL 67  ? ? 123.69 110.90 12.79   1.50 N 
25 1 CB  A TYR 68  ? ? CG  A TYR 68  ? ? CD2 A TYR 68  ? ? 115.76 121.00 -5.24   0.60 N 
26 1 CB  A TYR 68  ? ? CG  A TYR 68  ? ? CD1 A TYR 68  ? ? 126.83 121.00 5.83    0.60 N 
27 1 CA  A GLY 70  ? ? C   A GLY 70  ? ? N   A GLY 71  ? ? 128.97 116.20 12.77   2.00 Y 
28 1 CA  A GLY 74  ? ? C   A GLY 74  ? ? O   A GLY 74  ? ? 131.56 120.60 10.96   1.80 N 
29 1 O   A ALA 75  ? ? C   A ALA 75  ? ? N   A ASP 76  ? ? 134.35 122.70 11.65   1.60 Y 
30 1 CB  A ASP 76  ? ? CG  A ASP 76  ? ? OD2 A ASP 76  ? ? 123.75 118.30 5.45    0.90 N 
31 1 CB  A ARG 77  ? ? CA  A ARG 77  ? ? C   A ARG 77  ? ? 97.38  110.40 -13.02  2.00 N 
32 1 CG  A ARG 77  ? ? CD  A ARG 77  ? ? NE  A ARG 77  ? ? 124.95 111.80 13.15   2.10 N 
33 1 NH1 A ARG 77  ? ? CZ  A ARG 77  ? ? NH2 A ARG 77  ? ? 108.00 119.40 -11.40  1.10 N 
34 1 NE  A ARG 77  ? ? CZ  A ARG 77  ? ? NH1 A ARG 77  ? ? 137.68 120.30 17.38   0.50 N 
35 1 NE  A ARG 77  ? ? CZ  A ARG 77  ? ? NH2 A ARG 77  ? ? 114.19 120.30 -6.11   0.50 N 
36 1 CG1 A VAL 78  ? A CB  A VAL 78  ? A CG2 A VAL 78  ? A 99.42  110.90 -11.48  1.60 N 
37 1 CG1 A VAL 78  ? B CB  A VAL 78  ? B CG2 A VAL 78  ? B 10.52  110.90 -100.38 1.60 N 
38 1 CA  A VAL 78  ? ? CB  A VAL 78  ? B CG1 A VAL 78  ? B 121.74 110.90 10.84   1.50 N 
39 1 OE1 A GLU 82  ? ? CD  A GLU 82  ? ? OE2 A GLU 82  ? ? 110.44 123.30 -12.86  1.20 N 
40 1 CG  A GLU 82  ? ? CD  A GLU 82  ? ? OE2 A GLU 82  ? ? 132.42 118.30 14.12   2.00 N 
41 1 CA  A GLY 88  ? ? C   A GLY 88  ? ? O   A GLY 88  ? ? 107.36 120.60 -13.24  1.80 N 
42 1 CA  A VAL 89  ? ? C   A VAL 89  ? ? O   A VAL 89  ? ? 132.98 120.10 12.88   2.10 N 
43 1 CA  A ILE 90  ? ? CB  A ILE 90  ? ? CG1 A ILE 90  ? ? 127.35 111.00 16.35   1.90 N 
44 1 CA  A THR 93  ? ? CB  A THR 93  ? ? CG2 A THR 93  ? ? 122.61 112.40 10.21   1.40 N 
45 1 CB  A PHE 100 ? ? CG  A PHE 100 ? ? CD2 A PHE 100 ? ? 115.96 120.80 -4.84   0.70 N 
46 1 OE1 A GLU 102 ? ? CD  A GLU 102 ? ? OE2 A GLU 102 ? ? 135.15 123.30 11.85   1.20 N 
47 1 N   A CYS 103 ? ? CA  A CYS 103 ? ? CB  A CYS 103 ? ? 120.18 110.80 9.38    1.50 N 
48 1 CA  A CYS 103 ? ? CB  A CYS 103 ? ? SG  A CYS 103 ? ? 99.18  114.00 -14.82  1.80 N 
49 1 CA  A THR 104 ? ? CB  A THR 104 ? ? CG2 A THR 104 ? ? 125.96 112.40 13.56   1.40 N 
# 
_pdbx_validate_torsion.id              1 
_pdbx_validate_torsion.PDB_model_num   1 
_pdbx_validate_torsion.auth_comp_id    SER 
_pdbx_validate_torsion.auth_asym_id    A 
_pdbx_validate_torsion.auth_seq_id     37 
_pdbx_validate_torsion.PDB_ins_code    ? 
_pdbx_validate_torsion.label_alt_id    ? 
_pdbx_validate_torsion.phi             47.75 
_pdbx_validate_torsion.psi             75.92 
# 
_pdbx_validate_polymer_linkage.id               1 
_pdbx_validate_polymer_linkage.PDB_model_num    1 
_pdbx_validate_polymer_linkage.auth_atom_id_1   C 
_pdbx_validate_polymer_linkage.auth_asym_id_1   A 
_pdbx_validate_polymer_linkage.auth_comp_id_1   GLY 
_pdbx_validate_polymer_linkage.auth_seq_id_1    88 
_pdbx_validate_polymer_linkage.PDB_ins_code_1   ? 
_pdbx_validate_polymer_linkage.label_alt_id_1   ? 
_pdbx_validate_polymer_linkage.auth_atom_id_2   N 
_pdbx_validate_polymer_linkage.auth_asym_id_2   A 
_pdbx_validate_polymer_linkage.auth_comp_id_2   VAL 
_pdbx_validate_polymer_linkage.auth_seq_id_2    89 
_pdbx_validate_polymer_linkage.PDB_ins_code_2   ? 
_pdbx_validate_polymer_linkage.label_alt_id_2   ? 
_pdbx_validate_polymer_linkage.dist             1.19 
# 
loop_
_chem_comp_atom.comp_id 
_chem_comp_atom.atom_id 
_chem_comp_atom.type_symbol 
_chem_comp_atom.pdbx_aromatic_flag 
_chem_comp_atom.pdbx_stereo_config 
_chem_comp_atom.pdbx_ordinal 
ALA N    N  N N 1   
ALA CA   C  N S 2   
ALA C    C  N N 3   
ALA O    O  N N 4   
ALA CB   C  N N 5   
ALA OXT  O  N N 6   
ALA H    H  N N 7   
ALA H2   H  N N 8   
ALA HA   H  N N 9   
ALA HB1  H  N N 10  
ALA HB2  H  N N 11  
ALA HB3  H  N N 12  
ALA HXT  H  N N 13  
ARG N    N  N N 14  
ARG CA   C  N S 15  
ARG C    C  N N 16  
ARG O    O  N N 17  
ARG CB   C  N N 18  
ARG CG   C  N N 19  
ARG CD   C  N N 20  
ARG NE   N  N N 21  
ARG CZ   C  N N 22  
ARG NH1  N  N N 23  
ARG NH2  N  N N 24  
ARG OXT  O  N N 25  
ARG H    H  N N 26  
ARG H2   H  N N 27  
ARG HA   H  N N 28  
ARG HB2  H  N N 29  
ARG HB3  H  N N 30  
ARG HG2  H  N N 31  
ARG HG3  H  N N 32  
ARG HD2  H  N N 33  
ARG HD3  H  N N 34  
ARG HE   H  N N 35  
ARG HH11 H  N N 36  
ARG HH12 H  N N 37  
ARG HH21 H  N N 38  
ARG HH22 H  N N 39  
ARG HXT  H  N N 40  
ASN N    N  N N 41  
ASN CA   C  N S 42  
ASN C    C  N N 43  
ASN O    O  N N 44  
ASN CB   C  N N 45  
ASN CG   C  N N 46  
ASN OD1  O  N N 47  
ASN ND2  N  N N 48  
ASN OXT  O  N N 49  
ASN H    H  N N 50  
ASN H2   H  N N 51  
ASN HA   H  N N 52  
ASN HB2  H  N N 53  
ASN HB3  H  N N 54  
ASN HD21 H  N N 55  
ASN HD22 H  N N 56  
ASN HXT  H  N N 57  
ASP N    N  N N 58  
ASP CA   C  N S 59  
ASP C    C  N N 60  
ASP O    O  N N 61  
ASP CB   C  N N 62  
ASP CG   C  N N 63  
ASP OD1  O  N N 64  
ASP OD2  O  N N 65  
ASP OXT  O  N N 66  
ASP H    H  N N 67  
ASP H2   H  N N 68  
ASP HA   H  N N 69  
ASP HB2  H  N N 70  
ASP HB3  H  N N 71  
ASP HD2  H  N N 72  
ASP HXT  H  N N 73  
CA  CA   CA N N 74  
CYS N    N  N N 75  
CYS CA   C  N R 76  
CYS C    C  N N 77  
CYS O    O  N N 78  
CYS CB   C  N N 79  
CYS SG   S  N N 80  
CYS OXT  O  N N 81  
CYS H    H  N N 82  
CYS H2   H  N N 83  
CYS HA   H  N N 84  
CYS HB2  H  N N 85  
CYS HB3  H  N N 86  
CYS HG   H  N N 87  
CYS HXT  H  N N 88  
GLN N    N  N N 89  
GLN CA   C  N S 90  
GLN C    C  N N 91  
GLN O    O  N N 92  
GLN CB   C  N N 93  
GLN CG   C  N N 94  
GLN CD   C  N N 95  
GLN OE1  O  N N 96  
GLN NE2  N  N N 97  
GLN OXT  O  N N 98  
GLN H    H  N N 99  
GLN H2   H  N N 100 
GLN HA   H  N N 101 
GLN HB2  H  N N 102 
GLN HB3  H  N N 103 
GLN HG2  H  N N 104 
GLN HG3  H  N N 105 
GLN HE21 H  N N 106 
GLN HE22 H  N N 107 
GLN HXT  H  N N 108 
GLU N    N  N N 109 
GLU CA   C  N S 110 
GLU C    C  N N 111 
GLU O    O  N N 112 
GLU CB   C  N N 113 
GLU CG   C  N N 114 
GLU CD   C  N N 115 
GLU OE1  O  N N 116 
GLU OE2  O  N N 117 
GLU OXT  O  N N 118 
GLU H    H  N N 119 
GLU H2   H  N N 120 
GLU HA   H  N N 121 
GLU HB2  H  N N 122 
GLU HB3  H  N N 123 
GLU HG2  H  N N 124 
GLU HG3  H  N N 125 
GLU HE2  H  N N 126 
GLU HXT  H  N N 127 
GLY N    N  N N 128 
GLY CA   C  N N 129 
GLY C    C  N N 130 
GLY O    O  N N 131 
GLY OXT  O  N N 132 
GLY H    H  N N 133 
GLY H2   H  N N 134 
GLY HA2  H  N N 135 
GLY HA3  H  N N 136 
GLY HXT  H  N N 137 
HIS N    N  N N 138 
HIS CA   C  N S 139 
HIS C    C  N N 140 
HIS O    O  N N 141 
HIS CB   C  N N 142 
HIS CG   C  Y N 143 
HIS ND1  N  Y N 144 
HIS CD2  C  Y N 145 
HIS CE1  C  Y N 146 
HIS NE2  N  Y N 147 
HIS OXT  O  N N 148 
HIS H    H  N N 149 
HIS H2   H  N N 150 
HIS HA   H  N N 151 
HIS HB2  H  N N 152 
HIS HB3  H  N N 153 
HIS HD1  H  N N 154 
HIS HD2  H  N N 155 
HIS HE1  H  N N 156 
HIS HE2  H  N N 157 
HIS HXT  H  N N 158 
HOH O    O  N N 159 
HOH H1   H  N N 160 
HOH H2   H  N N 161 
ILE N    N  N N 162 
ILE CA   C  N S 163 
ILE C    C  N N 164 
ILE O    O  N N 165 
ILE CB   C  N S 166 
ILE CG1  C  N N 167 
ILE CG2  C  N N 168 
ILE CD1  C  N N 169 
ILE OXT  O  N N 170 
ILE H    H  N N 171 
ILE H2   H  N N 172 
ILE HA   H  N N 173 
ILE HB   H  N N 174 
ILE HG12 H  N N 175 
ILE HG13 H  N N 176 
ILE HG21 H  N N 177 
ILE HG22 H  N N 178 
ILE HG23 H  N N 179 
ILE HD11 H  N N 180 
ILE HD12 H  N N 181 
ILE HD13 H  N N 182 
ILE HXT  H  N N 183 
LEU N    N  N N 184 
LEU CA   C  N S 185 
LEU C    C  N N 186 
LEU O    O  N N 187 
LEU CB   C  N N 188 
LEU CG   C  N N 189 
LEU CD1  C  N N 190 
LEU CD2  C  N N 191 
LEU OXT  O  N N 192 
LEU H    H  N N 193 
LEU H2   H  N N 194 
LEU HA   H  N N 195 
LEU HB2  H  N N 196 
LEU HB3  H  N N 197 
LEU HG   H  N N 198 
LEU HD11 H  N N 199 
LEU HD12 H  N N 200 
LEU HD13 H  N N 201 
LEU HD21 H  N N 202 
LEU HD22 H  N N 203 
LEU HD23 H  N N 204 
LEU HXT  H  N N 205 
LYS N    N  N N 206 
LYS CA   C  N S 207 
LYS C    C  N N 208 
LYS O    O  N N 209 
LYS CB   C  N N 210 
LYS CG   C  N N 211 
LYS CD   C  N N 212 
LYS CE   C  N N 213 
LYS NZ   N  N N 214 
LYS OXT  O  N N 215 
LYS H    H  N N 216 
LYS H2   H  N N 217 
LYS HA   H  N N 218 
LYS HB2  H  N N 219 
LYS HB3  H  N N 220 
LYS HG2  H  N N 221 
LYS HG3  H  N N 222 
LYS HD2  H  N N 223 
LYS HD3  H  N N 224 
LYS HE2  H  N N 225 
LYS HE3  H  N N 226 
LYS HZ1  H  N N 227 
LYS HZ2  H  N N 228 
LYS HZ3  H  N N 229 
LYS HXT  H  N N 230 
PHE N    N  N N 231 
PHE CA   C  N S 232 
PHE C    C  N N 233 
PHE O    O  N N 234 
PHE CB   C  N N 235 
PHE CG   C  Y N 236 
PHE CD1  C  Y N 237 
PHE CD2  C  Y N 238 
PHE CE1  C  Y N 239 
PHE CE2  C  Y N 240 
PHE CZ   C  Y N 241 
PHE OXT  O  N N 242 
PHE H    H  N N 243 
PHE H2   H  N N 244 
PHE HA   H  N N 245 
PHE HB2  H  N N 246 
PHE HB3  H  N N 247 
PHE HD1  H  N N 248 
PHE HD2  H  N N 249 
PHE HE1  H  N N 250 
PHE HE2  H  N N 251 
PHE HZ   H  N N 252 
PHE HXT  H  N N 253 
PRO N    N  N N 254 
PRO CA   C  N S 255 
PRO C    C  N N 256 
PRO O    O  N N 257 
PRO CB   C  N N 258 
PRO CG   C  N N 259 
PRO CD   C  N N 260 
PRO OXT  O  N N 261 
PRO H    H  N N 262 
PRO HA   H  N N 263 
PRO HB2  H  N N 264 
PRO HB3  H  N N 265 
PRO HG2  H  N N 266 
PRO HG3  H  N N 267 
PRO HD2  H  N N 268 
PRO HD3  H  N N 269 
PRO HXT  H  N N 270 
SER N    N  N N 271 
SER CA   C  N S 272 
SER C    C  N N 273 
SER O    O  N N 274 
SER CB   C  N N 275 
SER OG   O  N N 276 
SER OXT  O  N N 277 
SER H    H  N N 278 
SER H2   H  N N 279 
SER HA   H  N N 280 
SER HB2  H  N N 281 
SER HB3  H  N N 282 
SER HG   H  N N 283 
SER HXT  H  N N 284 
THR N    N  N N 285 
THR CA   C  N S 286 
THR C    C  N N 287 
THR O    O  N N 288 
THR CB   C  N R 289 
THR OG1  O  N N 290 
THR CG2  C  N N 291 
THR OXT  O  N N 292 
THR H    H  N N 293 
THR H2   H  N N 294 
THR HA   H  N N 295 
THR HB   H  N N 296 
THR HG1  H  N N 297 
THR HG21 H  N N 298 
THR HG22 H  N N 299 
THR HG23 H  N N 300 
THR HXT  H  N N 301 
TRP N    N  N N 302 
TRP CA   C  N S 303 
TRP C    C  N N 304 
TRP O    O  N N 305 
TRP CB   C  N N 306 
TRP CG   C  Y N 307 
TRP CD1  C  Y N 308 
TRP CD2  C  Y N 309 
TRP NE1  N  Y N 310 
TRP CE2  C  Y N 311 
TRP CE3  C  Y N 312 
TRP CZ2  C  Y N 313 
TRP CZ3  C  Y N 314 
TRP CH2  C  Y N 315 
TRP OXT  O  N N 316 
TRP H    H  N N 317 
TRP H2   H  N N 318 
TRP HA   H  N N 319 
TRP HB2  H  N N 320 
TRP HB3  H  N N 321 
TRP HD1  H  N N 322 
TRP HE1  H  N N 323 
TRP HE3  H  N N 324 
TRP HZ2  H  N N 325 
TRP HZ3  H  N N 326 
TRP HH2  H  N N 327 
TRP HXT  H  N N 328 
TYR N    N  N N 329 
TYR CA   C  N S 330 
TYR C    C  N N 331 
TYR O    O  N N 332 
TYR CB   C  N N 333 
TYR CG   C  Y N 334 
TYR CD1  C  Y N 335 
TYR CD2  C  Y N 336 
TYR CE1  C  Y N 337 
TYR CE2  C  Y N 338 
TYR CZ   C  Y N 339 
TYR OH   O  N N 340 
TYR OXT  O  N N 341 
TYR H    H  N N 342 
TYR H2   H  N N 343 
TYR HA   H  N N 344 
TYR HB2  H  N N 345 
TYR HB3  H  N N 346 
TYR HD1  H  N N 347 
TYR HD2  H  N N 348 
TYR HE1  H  N N 349 
TYR HE2  H  N N 350 
TYR HH   H  N N 351 
TYR HXT  H  N N 352 
VAL N    N  N N 353 
VAL CA   C  N S 354 
VAL C    C  N N 355 
VAL O    O  N N 356 
VAL CB   C  N N 357 
VAL CG1  C  N N 358 
VAL CG2  C  N N 359 
VAL OXT  O  N N 360 
VAL H    H  N N 361 
VAL H2   H  N N 362 
VAL HA   H  N N 363 
VAL HB   H  N N 364 
VAL HG11 H  N N 365 
VAL HG12 H  N N 366 
VAL HG13 H  N N 367 
VAL HG21 H  N N 368 
VAL HG22 H  N N 369 
VAL HG23 H  N N 370 
VAL HXT  H  N N 371 
# 
loop_
_chem_comp_bond.comp_id 
_chem_comp_bond.atom_id_1 
_chem_comp_bond.atom_id_2 
_chem_comp_bond.value_order 
_chem_comp_bond.pdbx_aromatic_flag 
_chem_comp_bond.pdbx_stereo_config 
_chem_comp_bond.pdbx_ordinal 
ALA N   CA   sing N N 1   
ALA N   H    sing N N 2   
ALA N   H2   sing N N 3   
ALA CA  C    sing N N 4   
ALA CA  CB   sing N N 5   
ALA CA  HA   sing N N 6   
ALA C   O    doub N N 7   
ALA C   OXT  sing N N 8   
ALA CB  HB1  sing N N 9   
ALA CB  HB2  sing N N 10  
ALA CB  HB3  sing N N 11  
ALA OXT HXT  sing N N 12  
ARG N   CA   sing N N 13  
ARG N   H    sing N N 14  
ARG N   H2   sing N N 15  
ARG CA  C    sing N N 16  
ARG CA  CB   sing N N 17  
ARG CA  HA   sing N N 18  
ARG C   O    doub N N 19  
ARG C   OXT  sing N N 20  
ARG CB  CG   sing N N 21  
ARG CB  HB2  sing N N 22  
ARG CB  HB3  sing N N 23  
ARG CG  CD   sing N N 24  
ARG CG  HG2  sing N N 25  
ARG CG  HG3  sing N N 26  
ARG CD  NE   sing N N 27  
ARG CD  HD2  sing N N 28  
ARG CD  HD3  sing N N 29  
ARG NE  CZ   sing N N 30  
ARG NE  HE   sing N N 31  
ARG CZ  NH1  sing N N 32  
ARG CZ  NH2  doub N N 33  
ARG NH1 HH11 sing N N 34  
ARG NH1 HH12 sing N N 35  
ARG NH2 HH21 sing N N 36  
ARG NH2 HH22 sing N N 37  
ARG OXT HXT  sing N N 38  
ASN N   CA   sing N N 39  
ASN N   H    sing N N 40  
ASN N   H2   sing N N 41  
ASN CA  C    sing N N 42  
ASN CA  CB   sing N N 43  
ASN CA  HA   sing N N 44  
ASN C   O    doub N N 45  
ASN C   OXT  sing N N 46  
ASN CB  CG   sing N N 47  
ASN CB  HB2  sing N N 48  
ASN CB  HB3  sing N N 49  
ASN CG  OD1  doub N N 50  
ASN CG  ND2  sing N N 51  
ASN ND2 HD21 sing N N 52  
ASN ND2 HD22 sing N N 53  
ASN OXT HXT  sing N N 54  
ASP N   CA   sing N N 55  
ASP N   H    sing N N 56  
ASP N   H2   sing N N 57  
ASP CA  C    sing N N 58  
ASP CA  CB   sing N N 59  
ASP CA  HA   sing N N 60  
ASP C   O    doub N N 61  
ASP C   OXT  sing N N 62  
ASP CB  CG   sing N N 63  
ASP CB  HB2  sing N N 64  
ASP CB  HB3  sing N N 65  
ASP CG  OD1  doub N N 66  
ASP CG  OD2  sing N N 67  
ASP OD2 HD2  sing N N 68  
ASP OXT HXT  sing N N 69  
CYS N   CA   sing N N 70  
CYS N   H    sing N N 71  
CYS N   H2   sing N N 72  
CYS CA  C    sing N N 73  
CYS CA  CB   sing N N 74  
CYS CA  HA   sing N N 75  
CYS C   O    doub N N 76  
CYS C   OXT  sing N N 77  
CYS CB  SG   sing N N 78  
CYS CB  HB2  sing N N 79  
CYS CB  HB3  sing N N 80  
CYS SG  HG   sing N N 81  
CYS OXT HXT  sing N N 82  
GLN N   CA   sing N N 83  
GLN N   H    sing N N 84  
GLN N   H2   sing N N 85  
GLN CA  C    sing N N 86  
GLN CA  CB   sing N N 87  
GLN CA  HA   sing N N 88  
GLN C   O    doub N N 89  
GLN C   OXT  sing N N 90  
GLN CB  CG   sing N N 91  
GLN CB  HB2  sing N N 92  
GLN CB  HB3  sing N N 93  
GLN CG  CD   sing N N 94  
GLN CG  HG2  sing N N 95  
GLN CG  HG3  sing N N 96  
GLN CD  OE1  doub N N 97  
GLN CD  NE2  sing N N 98  
GLN NE2 HE21 sing N N 99  
GLN NE2 HE22 sing N N 100 
GLN OXT HXT  sing N N 101 
GLU N   CA   sing N N 102 
GLU N   H    sing N N 103 
GLU N   H2   sing N N 104 
GLU CA  C    sing N N 105 
GLU CA  CB   sing N N 106 
GLU CA  HA   sing N N 107 
GLU C   O    doub N N 108 
GLU C   OXT  sing N N 109 
GLU CB  CG   sing N N 110 
GLU CB  HB2  sing N N 111 
GLU CB  HB3  sing N N 112 
GLU CG  CD   sing N N 113 
GLU CG  HG2  sing N N 114 
GLU CG  HG3  sing N N 115 
GLU CD  OE1  doub N N 116 
GLU CD  OE2  sing N N 117 
GLU OE2 HE2  sing N N 118 
GLU OXT HXT  sing N N 119 
GLY N   CA   sing N N 120 
GLY N   H    sing N N 121 
GLY N   H2   sing N N 122 
GLY CA  C    sing N N 123 
GLY CA  HA2  sing N N 124 
GLY CA  HA3  sing N N 125 
GLY C   O    doub N N 126 
GLY C   OXT  sing N N 127 
GLY OXT HXT  sing N N 128 
HIS N   CA   sing N N 129 
HIS N   H    sing N N 130 
HIS N   H2   sing N N 131 
HIS CA  C    sing N N 132 
HIS CA  CB   sing N N 133 
HIS CA  HA   sing N N 134 
HIS C   O    doub N N 135 
HIS C   OXT  sing N N 136 
HIS CB  CG   sing N N 137 
HIS CB  HB2  sing N N 138 
HIS CB  HB3  sing N N 139 
HIS CG  ND1  sing Y N 140 
HIS CG  CD2  doub Y N 141 
HIS ND1 CE1  doub Y N 142 
HIS ND1 HD1  sing N N 143 
HIS CD2 NE2  sing Y N 144 
HIS CD2 HD2  sing N N 145 
HIS CE1 NE2  sing Y N 146 
HIS CE1 HE1  sing N N 147 
HIS NE2 HE2  sing N N 148 
HIS OXT HXT  sing N N 149 
HOH O   H1   sing N N 150 
HOH O   H2   sing N N 151 
ILE N   CA   sing N N 152 
ILE N   H    sing N N 153 
ILE N   H2   sing N N 154 
ILE CA  C    sing N N 155 
ILE CA  CB   sing N N 156 
ILE CA  HA   sing N N 157 
ILE C   O    doub N N 158 
ILE C   OXT  sing N N 159 
ILE CB  CG1  sing N N 160 
ILE CB  CG2  sing N N 161 
ILE CB  HB   sing N N 162 
ILE CG1 CD1  sing N N 163 
ILE CG1 HG12 sing N N 164 
ILE CG1 HG13 sing N N 165 
ILE CG2 HG21 sing N N 166 
ILE CG2 HG22 sing N N 167 
ILE CG2 HG23 sing N N 168 
ILE CD1 HD11 sing N N 169 
ILE CD1 HD12 sing N N 170 
ILE CD1 HD13 sing N N 171 
ILE OXT HXT  sing N N 172 
LEU N   CA   sing N N 173 
LEU N   H    sing N N 174 
LEU N   H2   sing N N 175 
LEU CA  C    sing N N 176 
LEU CA  CB   sing N N 177 
LEU CA  HA   sing N N 178 
LEU C   O    doub N N 179 
LEU C   OXT  sing N N 180 
LEU CB  CG   sing N N 181 
LEU CB  HB2  sing N N 182 
LEU CB  HB3  sing N N 183 
LEU CG  CD1  sing N N 184 
LEU CG  CD2  sing N N 185 
LEU CG  HG   sing N N 186 
LEU CD1 HD11 sing N N 187 
LEU CD1 HD12 sing N N 188 
LEU CD1 HD13 sing N N 189 
LEU CD2 HD21 sing N N 190 
LEU CD2 HD22 sing N N 191 
LEU CD2 HD23 sing N N 192 
LEU OXT HXT  sing N N 193 
LYS N   CA   sing N N 194 
LYS N   H    sing N N 195 
LYS N   H2   sing N N 196 
LYS CA  C    sing N N 197 
LYS CA  CB   sing N N 198 
LYS CA  HA   sing N N 199 
LYS C   O    doub N N 200 
LYS C   OXT  sing N N 201 
LYS CB  CG   sing N N 202 
LYS CB  HB2  sing N N 203 
LYS CB  HB3  sing N N 204 
LYS CG  CD   sing N N 205 
LYS CG  HG2  sing N N 206 
LYS CG  HG3  sing N N 207 
LYS CD  CE   sing N N 208 
LYS CD  HD2  sing N N 209 
LYS CD  HD3  sing N N 210 
LYS CE  NZ   sing N N 211 
LYS CE  HE2  sing N N 212 
LYS CE  HE3  sing N N 213 
LYS NZ  HZ1  sing N N 214 
LYS NZ  HZ2  sing N N 215 
LYS NZ  HZ3  sing N N 216 
LYS OXT HXT  sing N N 217 
PHE N   CA   sing N N 218 
PHE N   H    sing N N 219 
PHE N   H2   sing N N 220 
PHE CA  C    sing N N 221 
PHE CA  CB   sing N N 222 
PHE CA  HA   sing N N 223 
PHE C   O    doub N N 224 
PHE C   OXT  sing N N 225 
PHE CB  CG   sing N N 226 
PHE CB  HB2  sing N N 227 
PHE CB  HB3  sing N N 228 
PHE CG  CD1  doub Y N 229 
PHE CG  CD2  sing Y N 230 
PHE CD1 CE1  sing Y N 231 
PHE CD1 HD1  sing N N 232 
PHE CD2 CE2  doub Y N 233 
PHE CD2 HD2  sing N N 234 
PHE CE1 CZ   doub Y N 235 
PHE CE1 HE1  sing N N 236 
PHE CE2 CZ   sing Y N 237 
PHE CE2 HE2  sing N N 238 
PHE CZ  HZ   sing N N 239 
PHE OXT HXT  sing N N 240 
PRO N   CA   sing N N 241 
PRO N   CD   sing N N 242 
PRO N   H    sing N N 243 
PRO CA  C    sing N N 244 
PRO CA  CB   sing N N 245 
PRO CA  HA   sing N N 246 
PRO C   O    doub N N 247 
PRO C   OXT  sing N N 248 
PRO CB  CG   sing N N 249 
PRO CB  HB2  sing N N 250 
PRO CB  HB3  sing N N 251 
PRO CG  CD   sing N N 252 
PRO CG  HG2  sing N N 253 
PRO CG  HG3  sing N N 254 
PRO CD  HD2  sing N N 255 
PRO CD  HD3  sing N N 256 
PRO OXT HXT  sing N N 257 
SER N   CA   sing N N 258 
SER N   H    sing N N 259 
SER N   H2   sing N N 260 
SER CA  C    sing N N 261 
SER CA  CB   sing N N 262 
SER CA  HA   sing N N 263 
SER C   O    doub N N 264 
SER C   OXT  sing N N 265 
SER CB  OG   sing N N 266 
SER CB  HB2  sing N N 267 
SER CB  HB3  sing N N 268 
SER OG  HG   sing N N 269 
SER OXT HXT  sing N N 270 
THR N   CA   sing N N 271 
THR N   H    sing N N 272 
THR N   H2   sing N N 273 
THR CA  C    sing N N 274 
THR CA  CB   sing N N 275 
THR CA  HA   sing N N 276 
THR C   O    doub N N 277 
THR C   OXT  sing N N 278 
THR CB  OG1  sing N N 279 
THR CB  CG2  sing N N 280 
THR CB  HB   sing N N 281 
THR OG1 HG1  sing N N 282 
THR CG2 HG21 sing N N 283 
THR CG2 HG22 sing N N 284 
THR CG2 HG23 sing N N 285 
THR OXT HXT  sing N N 286 
TRP N   CA   sing N N 287 
TRP N   H    sing N N 288 
TRP N   H2   sing N N 289 
TRP CA  C    sing N N 290 
TRP CA  CB   sing N N 291 
TRP CA  HA   sing N N 292 
TRP C   O    doub N N 293 
TRP C   OXT  sing N N 294 
TRP CB  CG   sing N N 295 
TRP CB  HB2  sing N N 296 
TRP CB  HB3  sing N N 297 
TRP CG  CD1  doub Y N 298 
TRP CG  CD2  sing Y N 299 
TRP CD1 NE1  sing Y N 300 
TRP CD1 HD1  sing N N 301 
TRP CD2 CE2  doub Y N 302 
TRP CD2 CE3  sing Y N 303 
TRP NE1 CE2  sing Y N 304 
TRP NE1 HE1  sing N N 305 
TRP CE2 CZ2  sing Y N 306 
TRP CE3 CZ3  doub Y N 307 
TRP CE3 HE3  sing N N 308 
TRP CZ2 CH2  doub Y N 309 
TRP CZ2 HZ2  sing N N 310 
TRP CZ3 CH2  sing Y N 311 
TRP CZ3 HZ3  sing N N 312 
TRP CH2 HH2  sing N N 313 
TRP OXT HXT  sing N N 314 
TYR N   CA   sing N N 315 
TYR N   H    sing N N 316 
TYR N   H2   sing N N 317 
TYR CA  C    sing N N 318 
TYR CA  CB   sing N N 319 
TYR CA  HA   sing N N 320 
TYR C   O    doub N N 321 
TYR C   OXT  sing N N 322 
TYR CB  CG   sing N N 323 
TYR CB  HB2  sing N N 324 
TYR CB  HB3  sing N N 325 
TYR CG  CD1  doub Y N 326 
TYR CG  CD2  sing Y N 327 
TYR CD1 CE1  sing Y N 328 
TYR CD1 HD1  sing N N 329 
TYR CD2 CE2  doub Y N 330 
TYR CD2 HD2  sing N N 331 
TYR CE1 CZ   doub Y N 332 
TYR CE1 HE1  sing N N 333 
TYR CE2 CZ   sing Y N 334 
TYR CE2 HE2  sing N N 335 
TYR CZ  OH   sing N N 336 
TYR OH  HH   sing N N 337 
TYR OXT HXT  sing N N 338 
VAL N   CA   sing N N 339 
VAL N   H    sing N N 340 
VAL N   H2   sing N N 341 
VAL CA  C    sing N N 342 
VAL CA  CB   sing N N 343 
VAL CA  HA   sing N N 344 
VAL C   O    doub N N 345 
VAL C   OXT  sing N N 346 
VAL CB  CG1  sing N N 347 
VAL CB  CG2  sing N N 348 
VAL CB  HB   sing N N 349 
VAL CG1 HG11 sing N N 350 
VAL CG1 HG12 sing N N 351 
VAL CG1 HG13 sing N N 352 
VAL CG2 HG21 sing N N 353 
VAL CG2 HG22 sing N N 354 
VAL CG2 HG23 sing N N 355 
VAL OXT HXT  sing N N 356 
# 
_pdbx_initial_refinement_model.id               1 
_pdbx_initial_refinement_model.entity_id_list   ? 
_pdbx_initial_refinement_model.type             'experimental model' 
_pdbx_initial_refinement_model.source_name      PDB 
_pdbx_initial_refinement_model.accession_code   1RGA 
_pdbx_initial_refinement_model.details          'PDB ENTRY 1RGA' 
# 
_atom_sites.entry_id                    4BIR 
_atom_sites.fract_transf_matrix[1][1]   -0.00849401 
_atom_sites.fract_transf_matrix[1][2]   0.01862405 
_atom_sites.fract_transf_matrix[1][3]   0.00074135 
_atom_sites.fract_transf_matrix[2][1]   -0.00223658 
_atom_sites.fract_transf_matrix[2][2]   -0.00186767 
_atom_sites.fract_transf_matrix[2][3]   0.02129356 
_atom_sites.fract_transf_matrix[3][1]   0.02194175 
_atom_sites.fract_transf_matrix[3][2]   0.00988090 
_atom_sites.fract_transf_matrix[3][3]   0.00317132 
_atom_sites.fract_transf_vector[1]      0.304091 
_atom_sites.fract_transf_vector[2]      0.258311 
_atom_sites.fract_transf_vector[3]      0.216461 
# 
loop_
_atom_type.symbol 
C  
CA 
N  
O  
S  
# 
loop_
_atom_site.group_PDB 
_atom_site.id 
_atom_site.type_symbol 
_atom_site.label_atom_id 
_atom_site.label_alt_id 
_atom_site.label_comp_id 
_atom_site.label_asym_id 
_atom_site.label_entity_id 
_atom_site.label_seq_id 
_atom_site.pdbx_PDB_ins_code 
_atom_site.Cartn_x 
_atom_site.Cartn_y 
_atom_site.Cartn_z 
_atom_site.occupancy 
_atom_site.B_iso_or_equiv 
_atom_site.pdbx_formal_charge 
_atom_site.auth_seq_id 
_atom_site.auth_comp_id 
_atom_site.auth_asym_id 
_atom_site.auth_atom_id 
_atom_site.pdbx_PDB_model_num 
ATOM   1   N  N   . ALA A 1 1   ? 12.197  -2.788  -16.559 1.00 10.00 ? 1   ALA A N   1 
ATOM   2   C  CA  . ALA A 1 1   ? 11.353  -3.829  -15.910 1.00 13.03 ? 1   ALA A CA  1 
ATOM   3   C  C   . ALA A 1 1   ? 10.702  -3.374  -14.701 1.00 14.67 ? 1   ALA A C   1 
ATOM   4   O  O   . ALA A 1 1   ? 11.169  -2.427  -14.067 1.00 15.99 ? 1   ALA A O   1 
ATOM   5   C  CB  . ALA A 1 1   ? 12.298  -5.069  -15.696 1.00 18.31 ? 1   ALA A CB  1 
ATOM   6   N  N   . CYS A 1 2   ? 9.596   -4.005  -14.302 1.00 13.18 ? 2   CYS A N   1 
ATOM   7   C  CA  . CYS A 1 2   ? 8.857   -3.704  -13.159 1.00 13.21 ? 2   CYS A CA  1 
ATOM   8   C  C   . CYS A 1 2   ? 9.108   -4.545  -11.986 1.00 12.76 ? 2   CYS A C   1 
ATOM   9   O  O   . CYS A 1 2   ? 9.060   -5.775  -12.234 1.00 13.26 ? 2   CYS A O   1 
ATOM   10  C  CB  . CYS A 1 2   ? 7.318   -3.574  -13.489 1.00 10.82 ? 2   CYS A CB  1 
ATOM   11  S  SG  . CYS A 1 2   ? 6.773   -2.736  -14.890 1.00 11.78 ? 2   CYS A SG  1 
ATOM   12  N  N   . ASP A 1 3   ? 9.346   -4.000  -10.848 1.00 8.65  ? 3   ASP A N   1 
ATOM   13  C  CA  . ASP A 1 3   ? 9.519   -4.910  -9.800  1.00 9.97  ? 3   ASP A CA  1 
ATOM   14  C  C   . ASP A 1 3   ? 8.158   -5.449  -9.321  1.00 10.17 ? 3   ASP A C   1 
ATOM   15  O  O   . ASP A 1 3   ? 8.087   -6.521  -8.764  1.00 12.04 ? 3   ASP A O   1 
ATOM   16  C  CB  . ASP A 1 3   ? 10.220  -4.198  -8.677  1.00 14.59 ? 3   ASP A CB  1 
ATOM   17  C  CG  . ASP A 1 3   ? 11.729  -4.000  -8.969  1.00 14.95 ? 3   ASP A CG  1 
ATOM   18  O  OD1 . ASP A 1 3   ? 12.405  -4.923  -9.435  1.00 15.58 ? 3   ASP A OD1 1 
ATOM   19  O  OD2 . ASP A 1 3   ? 12.284  -2.864  -8.771  1.00 17.01 ? 3   ASP A OD2 1 
ATOM   20  N  N   . TYR A 1 4   ? 7.135   -4.603  -9.482  1.00 8.23  ? 4   TYR A N   1 
ATOM   21  C  CA  . TYR A 1 4   ? 5.719   -4.811  -9.066  1.00 7.51  ? 4   TYR A CA  1 
ATOM   22  C  C   . TYR A 1 4   ? 4.911   -4.204  -10.113 1.00 9.86  ? 4   TYR A C   1 
ATOM   23  O  O   . TYR A 1 4   ? 5.053   -3.117  -10.599 1.00 6.52  ? 4   TYR A O   1 
ATOM   24  C  CB  . TYR A 1 4   ? 5.242   -4.301  -7.788  1.00 4.08  ? 4   TYR A CB  1 
ATOM   25  C  CG  . TYR A 1 4   ? 6.023   -4.806  -6.627  1.00 6.82  ? 4   TYR A CG  1 
ATOM   26  C  CD1 . TYR A 1 4   ? 7.226   -4.103  -6.229  1.00 2.00  ? 4   TYR A CD1 1 
ATOM   27  C  CD2 . TYR A 1 4   ? 5.615   -5.873  -5.911  1.00 8.83  ? 4   TYR A CD2 1 
ATOM   28  C  CE1 . TYR A 1 4   ? 7.956   -4.486  -5.189  1.00 12.45 ? 4   TYR A CE1 1 
ATOM   29  C  CE2 . TYR A 1 4   ? 6.359   -6.316  -4.879  1.00 14.54 ? 4   TYR A CE2 1 
ATOM   30  C  CZ  . TYR A 1 4   ? 7.541   -5.632  -4.541  1.00 12.87 ? 4   TYR A CZ  1 
ATOM   31  O  OH  . TYR A 1 4   ? 8.330   -5.955  -3.510  1.00 20.26 ? 4   TYR A OH  1 
ATOM   32  N  N   . THR A 1 5   ? 3.915   -4.938  -10.641 1.00 2.06  ? 5   THR A N   1 
ATOM   33  C  CA  . THR A 1 5   ? 2.992   -4.525  -11.688 1.00 6.13  ? 5   THR A CA  1 
ATOM   34  C  C   . THR A 1 5   ? 1.613   -4.571  -11.105 1.00 7.35  ? 5   THR A C   1 
ATOM   35  O  O   . THR A 1 5   ? 1.232   -5.790  -10.717 1.00 3.89  ? 5   THR A O   1 
ATOM   36  C  CB  . THR A 1 5   ? 3.001   -5.489  -12.919 1.00 9.61  ? 5   THR A CB  1 
ATOM   37  O  OG1 . THR A 1 5   ? 4.381   -5.293  -13.430 1.00 15.21 ? 5   THR A OG1 1 
ATOM   38  C  CG2 . THR A 1 5   ? 2.080   -5.076  -14.014 1.00 7.65  ? 5   THR A CG2 1 
ATOM   39  N  N   . CYS A 1 6   ? 0.771   -3.573  -11.004 1.00 6.06  ? 6   CYS A N   1 
ATOM   40  C  CA  . CYS A 1 6   ? -0.585  -3.550  -10.433 1.00 9.11  ? 6   CYS A CA  1 
ATOM   41  C  C   . CYS A 1 6   ? -1.444  -3.138  -11.544 1.00 11.32 ? 6   CYS A C   1 
ATOM   42  O  O   . CYS A 1 6   ? -1.500  -1.870  -11.866 1.00 6.79  ? 6   CYS A O   1 
ATOM   43  C  CB  . CYS A 1 6   ? -0.593  -2.479  -9.331  1.00 4.40  ? 6   CYS A CB  1 
ATOM   44  S  SG  . CYS A 1 6   ? 0.416   -2.725  -7.928  1.00 6.63  ? 6   CYS A SG  1 
ATOM   45  N  N   . GLY A 1 7   ? -2.174  -3.975  -12.274 1.00 12.54 ? 7   GLY A N   1 
ATOM   46  C  CA  . GLY A 1 7   ? -3.022  -3.614  -13.388 1.00 12.14 ? 7   GLY A CA  1 
ATOM   47  C  C   . GLY A 1 7   ? -2.071  -3.199  -14.431 1.00 12.41 ? 7   GLY A C   1 
ATOM   48  O  O   . GLY A 1 7   ? -1.225  -4.000  -14.923 1.00 14.90 ? 7   GLY A O   1 
ATOM   49  N  N   . SER A 1 8   ? -2.118  -1.891  -14.821 1.00 14.64 ? 8   SER A N   1 
ATOM   50  C  CA  . SER A 1 8   ? -1.171  -1.428  -15.773 1.00 14.62 ? 8   SER A CA  1 
ATOM   51  C  C   . SER A 1 8   ? -0.082  -0.446  -15.162 1.00 13.91 ? 8   SER A C   1 
ATOM   52  O  O   . SER A 1 8   ? 0.747   0.129   -15.835 1.00 14.43 ? 8   SER A O   1 
ATOM   53  C  CB  . SER A 1 8   ? -1.689  -0.840  -16.992 1.00 16.38 ? 8   SER A CB  1 
ATOM   54  O  OG  . SER A 1 8   ? -2.800  0.044   -16.677 1.00 18.97 ? 8   SER A OG  1 
ATOM   55  N  N   . ASN A 1 9   ? -0.029  -0.327  -13.958 1.00 10.51 ? 9   ASN A N   1 
ATOM   56  C  CA  . ASN A 1 9   ? 0.932   0.465   -13.200 1.00 8.03  ? 9   ASN A CA  1 
ATOM   57  C  C   . ASN A 1 9   ? 2.204   -0.360  -12.851 1.00 7.58  ? 9   ASN A C   1 
ATOM   58  O  O   . ASN A 1 9   ? 2.215   -1.474  -12.307 1.00 12.52 ? 9   ASN A O   1 
ATOM   59  C  CB  . ASN A 1 9   ? 0.370   1.120   -11.982 1.00 7.82  ? 9   ASN A CB  1 
ATOM   60  C  CG  . ASN A 1 9   ? -0.856  2.062   -12.234 1.00 9.61  ? 9   ASN A CG  1 
ATOM   61  O  OD1 . ASN A 1 9   ? -0.904  2.630   -13.251 1.00 11.89 ? 9   ASN A OD1 1 
ATOM   62  N  ND2 . ASN A 1 9   ? -1.617  2.051   -11.274 1.00 8.59  ? 9   ASN A ND2 1 
ATOM   63  N  N   . CYS A 1 10  ? 3.343   0.156   -13.232 1.00 6.52  ? 10  CYS A N   1 
ATOM   64  C  CA  . CYS A 1 10  ? 4.742   -0.427  -13.015 1.00 7.16  ? 10  CYS A CA  1 
ATOM   65  C  C   . CYS A 1 10  ? 5.385   0.374   -11.920 1.00 7.20  ? 10  CYS A C   1 
ATOM   66  O  O   . CYS A 1 10  ? 5.517   1.641   -11.898 1.00 10.26 ? 10  CYS A O   1 
ATOM   67  C  CB  . CYS A 1 10  ? 5.339   -0.163  -14.304 1.00 9.89  ? 10  CYS A CB  1 
ATOM   68  S  SG  . CYS A 1 10  ? 7.113   -0.706  -14.433 1.00 11.24 ? 10  CYS A SG  1 
ATOM   69  N  N   . TYR A 1 11  ? 5.898   -0.248  -10.950 1.00 7.18  ? 11  TYR A N   1 
ATOM   70  C  CA  . TYR A 1 11  ? 6.565   0.089   -9.820  1.00 3.40  ? 11  TYR A CA  1 
ATOM   71  C  C   . TYR A 1 11  ? 7.973   -0.567  -9.611  1.00 4.57  ? 11  TYR A C   1 
ATOM   72  O  O   . TYR A 1 11  ? 8.261   -1.709  -9.866  1.00 10.33 ? 11  TYR A O   1 
ATOM   73  C  CB  . TYR A 1 11  ? 5.917   -0.068  -8.508  1.00 2.00  ? 11  TYR A CB  1 
ATOM   74  C  CG  . TYR A 1 11  ? 4.507   0.587   -8.534  1.00 4.99  ? 11  TYR A CG  1 
ATOM   75  C  CD1 . TYR A 1 11  ? 4.567   2.065   -8.481  1.00 4.58  ? 11  TYR A CD1 1 
ATOM   76  C  CD2 . TYR A 1 11  ? 3.229   0.015   -8.482  1.00 7.91  ? 11  TYR A CD2 1 
ATOM   77  C  CE1 . TYR A 1 11  ? 3.352   2.751   -8.527  1.00 4.55  ? 11  TYR A CE1 1 
ATOM   78  C  CE2 . TYR A 1 11  ? 1.971   0.809   -8.528  1.00 2.00  ? 11  TYR A CE2 1 
ATOM   79  C  CZ  . TYR A 1 11  ? 2.087   2.253   -8.544  1.00 6.63  ? 11  TYR A CZ  1 
ATOM   80  O  OH  . TYR A 1 11  ? 0.777   2.749   -8.581  1.00 4.37  ? 11  TYR A OH  1 
ATOM   81  N  N   . SER A 1 12  ? 8.954   0.266   -9.196  1.00 2.84  ? 12  SER A N   1 
ATOM   82  C  CA  . SER A 1 12  ? 10.384  -0.175  -8.846  1.00 8.57  ? 12  SER A CA  1 
ATOM   83  C  C   . SER A 1 12  ? 10.439  -0.304  -7.451  1.00 11.67 ? 12  SER A C   1 
ATOM   84  O  O   . SER A 1 12  ? 9.599   0.209   -6.654  1.00 10.45 ? 12  SER A O   1 
ATOM   85  C  CB  . SER A 1 12  ? 11.439  0.892   -9.273  1.00 8.61  ? 12  SER A CB  1 
ATOM   86  O  OG  . SER A 1 12  ? 11.370  2.103   -8.595  1.00 11.37 ? 12  SER A OG  1 
ATOM   87  N  N   . SER A 1 13  ? 11.469  -1.032  -6.922  1.00 9.84  ? 13  SER A N   1 
ATOM   88  C  CA  . SER A 1 13  ? 11.702  -1.233  -5.582  1.00 8.06  ? 13  SER A CA  1 
ATOM   89  C  C   . SER A 1 13  ? 11.872  0.134   -4.844  1.00 7.17  ? 13  SER A C   1 
ATOM   90  O  O   . SER A 1 13  ? 11.412  0.241   -3.744  1.00 8.80  ? 13  SER A O   1 
ATOM   91  C  CB  . SER A 1 13  ? 12.960  -2.188  -5.265  1.00 5.05  ? 13  SER A CB  1 
ATOM   92  O  OG  . SER A 1 13  ? 12.321  -3.439  -5.742  1.00 18.65 ? 13  SER A OG  1 
ATOM   93  N  N   . SER A 1 14  ? 12.432  1.082   -5.521  1.00 4.68  ? 14  SER A N   1 
ATOM   94  C  CA  . SER A 1 14  ? 12.690  2.482   -4.960  1.00 6.43  ? 14  SER A CA  1 
ATOM   95  C  C   . SER A 1 14  ? 11.298  3.142   -4.690  1.00 8.02  ? 14  SER A C   1 
ATOM   96  O  O   . SER A 1 14  ? 11.121  3.727   -3.667  1.00 8.59  ? 14  SER A O   1 
ATOM   97  C  CB  . SER A 1 14  ? 13.619  3.242   -5.806  1.00 8.89  ? 14  SER A CB  1 
ATOM   98  O  OG  . SER A 1 14  ? 13.247  3.416   -7.068  1.00 9.06  ? 14  SER A OG  1 
ATOM   99  N  N   . ASP A 1 15  ? 10.381  2.889   -5.629  1.00 4.40  ? 15  ASP A N   1 
ATOM   100 C  CA  . ASP A 1 15  ? 8.948   3.481   -5.459  1.00 3.34  ? 15  ASP A CA  1 
ATOM   101 C  C   . ASP A 1 15  ? 8.341   2.915   -4.236  1.00 4.83  ? 15  ASP A C   1 
ATOM   102 O  O   . ASP A 1 15  ? 7.740   3.696   -3.475  1.00 8.76  ? 15  ASP A O   1 
ATOM   103 C  CB  . ASP A 1 15  ? 8.146   3.251   -6.648  1.00 8.72  ? 15  ASP A CB  1 
ATOM   104 C  CG  . ASP A 1 15  ? 8.413   3.767   -7.933  1.00 2.00  ? 15  ASP A CG  1 
ATOM   105 O  OD1 . ASP A 1 15  ? 8.675   4.966   -7.928  1.00 10.20 ? 15  ASP A OD1 1 
ATOM   106 O  OD2 . ASP A 1 15  ? 8.235   3.062   -8.928  1.00 4.12  ? 15  ASP A OD2 1 
ATOM   107 N  N   . VAL A 1 16  ? 8.459   1.563   -4.064  1.00 5.79  ? 16  VAL A N   1 
ATOM   108 C  CA  . VAL A 1 16  ? 7.851   0.993   -2.903  1.00 6.04  ? 16  VAL A CA  1 
ATOM   109 C  C   . VAL A 1 16  ? 8.576   1.446   -1.674  1.00 4.54  ? 16  VAL A C   1 
ATOM   110 O  O   . VAL A 1 16  ? 7.840   1.603   -0.728  1.00 4.36  ? 16  VAL A O   1 
ATOM   111 C  CB  . VAL A 1 16  ? 7.738   -0.568  -3.105  1.00 9.20  ? 16  VAL A CB  1 
ATOM   112 C  CG1 . VAL A 1 16  ? 7.368   -1.378  -1.953  1.00 9.08  ? 16  VAL A CG1 1 
ATOM   113 C  CG2 . VAL A 1 16  ? 6.798   -0.950  -4.221  1.00 4.79  ? 16  VAL A CG2 1 
ATOM   114 N  N   . SER A 1 17  ? 9.921   1.574   -1.540  1.00 8.34  ? 17  SER A N   1 
ATOM   115 C  CA  . SER A 1 17  ? 10.539  2.020   -0.316  1.00 6.52  ? 17  SER A CA  1 
ATOM   116 C  C   . SER A 1 17  ? 10.214  3.525   0.117   1.00 6.44  ? 17  SER A C   1 
ATOM   117 O  O   . SER A 1 17  ? 10.012  3.612   1.262   1.00 2.80  ? 17  SER A O   1 
ATOM   118 C  CB  . SER A 1 17  ? 12.095  1.859   -0.389  1.00 6.76  ? 17  SER A CB  1 
ATOM   119 O  OG  . SER A 1 17  ? 12.278  0.389   -0.556  1.00 17.34 ? 17  SER A OG  1 
ATOM   120 N  N   . THR A 1 18  ? 10.118  4.346   -0.851  1.00 7.67  ? 18  THR A N   1 
ATOM   121 C  CA  . THR A 1 18  ? 9.778   5.861   -0.729  1.00 9.66  ? 18  THR A CA  1 
ATOM   122 C  C   . THR A 1 18  ? 8.380   5.905   -0.115  1.00 11.63 ? 18  THR A C   1 
ATOM   123 O  O   . THR A 1 18  ? 8.140   6.516   0.864   1.00 9.34  ? 18  THR A O   1 
ATOM   124 C  CB  . THR A 1 18  ? 9.855   6.552   -2.000  1.00 11.54 ? 18  THR A CB  1 
ATOM   125 O  OG1 . THR A 1 18  ? 11.321  6.479   -2.357  1.00 10.98 ? 18  THR A OG1 1 
ATOM   126 C  CG2 . THR A 1 18  ? 9.338   8.038   -2.022  1.00 11.92 ? 18  THR A CG2 1 
ATOM   127 N  N   . ALA A 1 19  ? 7.389   5.192   -0.668  1.00 7.67  ? 19  ALA A N   1 
ATOM   128 C  CA  . ALA A 1 19  ? 5.958   5.054   -0.188  1.00 12.77 ? 19  ALA A CA  1 
ATOM   129 C  C   . ALA A 1 19  ? 5.890   4.620   1.155   1.00 5.97  ? 19  ALA A C   1 
ATOM   130 O  O   . ALA A 1 19  ? 5.359   5.156   2.050   1.00 3.29  ? 19  ALA A O   1 
ATOM   131 C  CB  . ALA A 1 19  ? 5.089   4.258   -1.127  1.00 8.50  ? 19  ALA A CB  1 
ATOM   132 N  N   . GLN A 1 20  ? 6.452   3.340   1.392   1.00 2.00  ? 20  GLN A N   1 
ATOM   133 C  CA  . GLN A 1 20  ? 6.434   2.840   2.713   1.00 4.47  ? 20  GLN A CA  1 
ATOM   134 C  C   . GLN A 1 20  ? 7.052   3.723   3.765   1.00 7.62  ? 20  GLN A C   1 
ATOM   135 O  O   . GLN A 1 20  ? 6.504   3.694   4.839   1.00 6.03  ? 20  GLN A O   1 
ATOM   136 C  CB  . GLN A 1 20  ? 7.204   1.442   2.704   1.00 2.11  ? 20  GLN A CB  1 
ATOM   137 C  CG  . GLN A 1 20  ? 7.229   0.674   3.932   1.00 9.59  ? 20  GLN A CG  1 
ATOM   138 C  CD  . GLN A 1 20  ? 8.023   -0.652  3.917   1.00 13.40 ? 20  GLN A CD  1 
ATOM   139 O  OE1 . GLN A 1 20  ? 8.333   -1.214  2.925   1.00 18.14 ? 20  GLN A OE1 1 
ATOM   140 N  NE2 . GLN A 1 20  ? 8.342   -1.125  5.059   1.00 15.46 ? 20  GLN A NE2 1 
ATOM   141 N  N   . ALA A 1 21  ? 8.152   4.409   3.474   1.00 7.85  ? 21  ALA A N   1 
ATOM   142 C  CA  . ALA A 1 21  ? 8.815   5.287   4.458   1.00 6.06  ? 21  ALA A CA  1 
ATOM   143 C  C   . ALA A 1 21  ? 7.816   6.412   4.895   1.00 7.44  ? 21  ALA A C   1 
ATOM   144 O  O   . ALA A 1 21  ? 7.681   6.722   6.044   1.00 7.09  ? 21  ALA A O   1 
ATOM   145 C  CB  . ALA A 1 21  ? 10.082  5.782   3.842   1.00 6.71  ? 21  ALA A CB  1 
ATOM   146 N  N   . ALA A 1 22  ? 7.071   6.990   3.983   1.00 6.25  ? 22  ALA A N   1 
ATOM   147 C  CA  . ALA A 1 22  ? 6.073   8.124   4.191   1.00 3.86  ? 22  ALA A CA  1 
ATOM   148 C  C   . ALA A 1 22  ? 4.991   7.621   5.088   1.00 7.93  ? 22  ALA A C   1 
ATOM   149 O  O   . ALA A 1 22  ? 4.609   8.231   6.075   1.00 5.42  ? 22  ALA A O   1 
ATOM   150 C  CB  . ALA A 1 22  ? 5.574   8.653   2.889   1.00 3.83  ? 22  ALA A CB  1 
ATOM   151 N  N   . GLY A 1 23  ? 4.343   6.402   4.734   1.00 5.24  ? 23  GLY A N   1 
ATOM   152 C  CA  . GLY A 1 23  ? 3.307   5.812   5.490   1.00 6.08  ? 23  GLY A CA  1 
ATOM   153 C  C   . GLY A 1 23  ? 3.689   5.460   6.820   1.00 6.47  ? 23  GLY A C   1 
ATOM   154 O  O   . GLY A 1 23  ? 2.960   5.671   7.731   1.00 2.87  ? 23  GLY A O   1 
ATOM   155 N  N   . TYR A 1 24  ? 4.944   4.860   6.990   1.00 6.72  ? 24  TYR A N   1 
ATOM   156 C  CA  . TYR A 1 24  ? 5.392   4.400   8.260   1.00 6.97  ? 24  TYR A CA  1 
ATOM   157 C  C   . TYR A 1 24  ? 5.558   5.620   9.181   1.00 7.05  ? 24  TYR A C   1 
ATOM   158 O  O   . TYR A 1 24  ? 5.176   5.533   10.289  1.00 6.82  ? 24  TYR A O   1 
ATOM   159 C  CB  . TYR A 1 24  ? 6.592   3.296   8.400   1.00 6.24  ? 24  TYR A CB  1 
ATOM   160 C  CG  . TYR A 1 24  ? 6.609   2.683   9.704   1.00 3.11  ? 24  TYR A CG  1 
ATOM   161 C  CD1 . TYR A 1 24  ? 5.810   1.553   10.002  1.00 3.42  ? 24  TYR A CD1 1 
ATOM   162 C  CD2 . TYR A 1 24  ? 7.424   3.249   10.653  1.00 6.94  ? 24  TYR A CD2 1 
ATOM   163 C  CE1 . TYR A 1 24  ? 5.778   1.058   11.199  1.00 4.19  ? 24  TYR A CE1 1 
ATOM   164 C  CE2 . TYR A 1 24  ? 7.421   2.753   11.835  1.00 9.01  ? 24  TYR A CE2 1 
ATOM   165 C  CZ  . TYR A 1 24  ? 6.590   1.625   12.129  1.00 5.52  ? 24  TYR A CZ  1 
ATOM   166 O  OH  . TYR A 1 24  ? 6.555   1.093   13.273  1.00 9.01  ? 24  TYR A OH  1 
ATOM   167 N  N   . LYS A 1 25  ? 6.117   6.716   8.700   1.00 6.54  ? 25  LYS A N   1 
ATOM   168 C  CA  . LYS A 1 25  ? 6.326   7.944   9.521   1.00 7.55  ? 25  LYS A CA  1 
ATOM   169 C  C   . LYS A 1 25  ? 4.970   8.422   10.086  1.00 7.62  ? 25  LYS A C   1 
ATOM   170 O  O   . LYS A 1 25  ? 4.859   8.753   11.208  1.00 8.10  ? 25  LYS A O   1 
ATOM   171 C  CB  A LYS A 1 25  ? 7.017   9.007   8.695   0.50 17.30 ? 25  LYS A CB  1 
ATOM   172 C  CB  B LYS A 1 25  ? 6.994   9.086   8.787   0.50 18.30 ? 25  LYS A CB  1 
ATOM   173 C  CG  A LYS A 1 25  ? 7.369   10.222  9.583   0.50 17.64 ? 25  LYS A CG  1 
ATOM   174 C  CG  B LYS A 1 25  ? 7.216   10.406  9.587   0.50 17.57 ? 25  LYS A CG  1 
ATOM   175 C  CD  A LYS A 1 25  ? 7.844   11.571  9.073   0.50 24.44 ? 25  LYS A CD  1 
ATOM   176 C  CD  B LYS A 1 25  ? 8.256   10.343  10.612  0.50 22.51 ? 25  LYS A CD  1 
ATOM   177 C  CE  A LYS A 1 25  ? 7.539   12.749  9.988   0.50 26.02 ? 25  LYS A CE  1 
ATOM   178 C  CE  B LYS A 1 25  ? 8.002   10.056  11.932  0.50 25.38 ? 25  LYS A CE  1 
ATOM   179 N  NZ  A LYS A 1 25  ? 8.203   12.436  11.207  0.50 27.90 ? 25  LYS A NZ  1 
ATOM   180 N  NZ  B LYS A 1 25  ? 9.337   9.810   12.599  0.50 32.83 ? 25  LYS A NZ  1 
ATOM   181 N  N   . LEU A 1 26  ? 3.980   8.489   9.285   1.00 3.77  ? 26  LEU A N   1 
ATOM   182 C  CA  . LEU A 1 26  ? 2.561   8.882   9.622   1.00 3.47  ? 26  LEU A CA  1 
ATOM   183 C  C   . LEU A 1 26  ? 2.096   7.981   10.621  1.00 4.72  ? 26  LEU A C   1 
ATOM   184 O  O   . LEU A 1 26  ? 1.457   8.402   11.590  1.00 5.02  ? 26  LEU A O   1 
ATOM   185 C  CB  . LEU A 1 26  ? 1.743   8.980   8.384   1.00 4.61  ? 26  LEU A CB  1 
ATOM   186 C  CG  . LEU A 1 26  ? 1.951   10.224  7.589   1.00 9.64  ? 26  LEU A CG  1 
ATOM   187 C  CD1 . LEU A 1 26  ? 1.021   9.989   6.416   1.00 11.41 ? 26  LEU A CD1 1 
ATOM   188 C  CD2 . LEU A 1 26  ? 1.473   11.569  8.189   1.00 13.51 ? 26  LEU A CD2 1 
ATOM   189 N  N   . HIS A 1 27  ? 2.351   6.625   10.576  1.00 5.93  ? 27  HIS A N   1 
ATOM   190 C  CA  . HIS A 1 27  ? 1.898   5.733   11.593  1.00 5.40  ? 27  HIS A CA  1 
ATOM   191 C  C   . HIS A 1 27  ? 2.588   5.998   12.891  1.00 2.38  ? 27  HIS A C   1 
ATOM   192 O  O   . HIS A 1 27  ? 1.979   6.000   13.934  1.00 7.22  ? 27  HIS A O   1 
ATOM   193 C  CB  . HIS A 1 27  ? 2.096   4.226   11.126  1.00 2.36  ? 27  HIS A CB  1 
ATOM   194 C  CG  . HIS A 1 27  ? 1.873   3.206   12.114  1.00 11.38 ? 27  HIS A CG  1 
ATOM   195 N  ND1 . HIS A 1 27  ? 0.655   3.018   12.623  1.00 7.55  ? 27  HIS A ND1 1 
ATOM   196 C  CD2 . HIS A 1 27  ? 2.650   2.343   12.777  1.00 2.00  ? 27  HIS A CD2 1 
ATOM   197 C  CE1 . HIS A 1 27  ? 0.707   2.107   13.541  1.00 2.49  ? 27  HIS A CE1 1 
ATOM   198 N  NE2 . HIS A 1 27  ? 2.017   1.677   13.668  1.00 6.92  ? 27  HIS A NE2 1 
ATOM   199 N  N   . GLU A 1 28  ? 3.899   6.270   12.959  1.00 8.32  ? 28  GLU A N   1 
ATOM   200 C  CA  . GLU A 1 28  ? 4.579   6.568   14.137  1.00 6.96  ? 28  GLU A CA  1 
ATOM   201 C  C   . GLU A 1 28  ? 3.991   7.888   14.742  1.00 5.65  ? 28  GLU A C   1 
ATOM   202 O  O   . GLU A 1 28  ? 3.899   7.940   15.891  1.00 5.68  ? 28  GLU A O   1 
ATOM   203 C  CB  . GLU A 1 28  ? 6.047   6.927   13.904  1.00 7.30  ? 28  GLU A CB  1 
ATOM   204 C  CG  . GLU A 1 28  ? 6.874   5.665   13.537  1.00 11.38 ? 28  GLU A CG  1 
ATOM   205 C  CD  . GLU A 1 28  ? 8.345   5.901   13.182  1.00 17.65 ? 28  GLU A CD  1 
ATOM   206 O  OE1 . GLU A 1 28  ? 8.521   6.773   12.358  1.00 11.83 ? 28  GLU A OE1 1 
ATOM   207 O  OE2 . GLU A 1 28  ? 9.269   5.200   13.683  1.00 15.12 ? 28  GLU A OE2 1 
ATOM   208 N  N   . ASP A 1 29  ? 3.688   8.913   13.948  1.00 4.20  ? 29  ASP A N   1 
ATOM   209 C  CA  . ASP A 1 29  ? 3.155   10.256  14.333  1.00 6.07  ? 29  ASP A CA  1 
ATOM   210 C  C   . ASP A 1 29  ? 1.656   10.265  14.720  1.00 7.47  ? 29  ASP A C   1 
ATOM   211 O  O   . ASP A 1 29  ? 1.150   11.302  15.204  1.00 12.30 ? 29  ASP A O   1 
ATOM   212 C  CB  . ASP A 1 29  ? 3.394   11.167  13.213  1.00 9.59  ? 29  ASP A CB  1 
ATOM   213 C  CG  . ASP A 1 29  ? 4.874   11.615  12.931  1.00 12.78 ? 29  ASP A CG  1 
ATOM   214 O  OD1 . ASP A 1 29  ? 5.750   11.275  13.728  1.00 14.30 ? 29  ASP A OD1 1 
ATOM   215 O  OD2 . ASP A 1 29  ? 4.925   12.248  11.912  1.00 16.79 ? 29  ASP A OD2 1 
ATOM   216 N  N   . GLY A 1 30  ? 0.990   9.078   14.535  1.00 4.92  ? 30  GLY A N   1 
ATOM   217 C  CA  . GLY A 1 30  ? -0.481  8.947   14.855  1.00 7.18  ? 30  GLY A CA  1 
ATOM   218 C  C   . GLY A 1 30  ? -1.310  9.912   13.961  1.00 3.39  ? 30  GLY A C   1 
ATOM   219 O  O   . GLY A 1 30  ? -2.285  10.429  14.566  1.00 6.68  ? 30  GLY A O   1 
ATOM   220 N  N   . GLU A 1 31  ? -0.925  10.043  12.830  1.00 5.24  ? 31  GLU A N   1 
ATOM   221 C  CA  . GLU A 1 31  ? -1.511  10.871  11.844  1.00 6.13  ? 31  GLU A CA  1 
ATOM   222 C  C   . GLU A 1 31  ? -1.963  10.218  10.583  1.00 8.18  ? 31  GLU A C   1 
ATOM   223 O  O   . GLU A 1 31  ? -1.493  9.117   10.210  1.00 5.97  ? 31  GLU A O   1 
ATOM   224 C  CB  . GLU A 1 31  ? -0.380  11.872  11.512  1.00 7.28  ? 31  GLU A CB  1 
ATOM   225 C  CG  . GLU A 1 31  ? -0.487  13.107  10.727  1.00 14.35 ? 31  GLU A CG  1 
ATOM   226 C  CD  . GLU A 1 31  ? -1.596  14.107  11.147  1.00 15.42 ? 31  GLU A CD  1 
ATOM   227 O  OE1 . GLU A 1 31  ? -1.992  14.150  12.202  1.00 20.49 ? 31  GLU A OE1 1 
ATOM   228 O  OE2 . GLU A 1 31  ? -2.018  14.821  10.299  1.00 16.03 ? 31  GLU A OE2 1 
ATOM   229 N  N   . THR A 1 32  ? -2.861  10.911  9.888   1.00 8.18  ? 32  THR A N   1 
ATOM   230 C  CA  . THR A 1 32  ? -3.405  10.437  8.624   1.00 9.01  ? 32  THR A CA  1 
ATOM   231 C  C   . THR A 1 32  ? -3.684  11.546  7.640   1.00 9.92  ? 32  THR A C   1 
ATOM   232 O  O   . THR A 1 32  ? -3.791  12.753  8.081   1.00 9.62  ? 32  THR A O   1 
ATOM   233 C  CB  . THR A 1 32  ? -4.743  9.580   8.797   1.00 8.03  ? 32  THR A CB  1 
ATOM   234 O  OG1 . THR A 1 32  ? -5.801  10.531  9.361   1.00 9.39  ? 32  THR A OG1 1 
ATOM   235 C  CG2 . THR A 1 32  ? -4.688  8.295   9.611   1.00 7.55  ? 32  THR A CG2 1 
ATOM   236 N  N   . VAL A 1 33  ? -3.777  11.245  6.426   1.00 8.71  ? 33  VAL A N   1 
ATOM   237 C  CA  . VAL A 1 33  ? -4.071  12.202  5.404   1.00 9.49  ? 33  VAL A CA  1 
ATOM   238 C  C   . VAL A 1 33  ? -5.116  11.684  4.419   1.00 8.21  ? 33  VAL A C   1 
ATOM   239 O  O   . VAL A 1 33  ? -5.253  10.459  4.263   1.00 6.72  ? 33  VAL A O   1 
ATOM   240 C  CB  . VAL A 1 33  ? -2.852  12.692  4.618   1.00 11.50 ? 33  VAL A CB  1 
ATOM   241 C  CG1 . VAL A 1 33  ? -1.945  13.531  5.542   1.00 11.94 ? 33  VAL A CG1 1 
ATOM   242 C  CG2 . VAL A 1 33  ? -2.048  11.640  3.903   1.00 11.92 ? 33  VAL A CG2 1 
ATOM   243 N  N   . GLY A 1 34  ? -5.851  12.505  3.740   1.00 8.99  ? 34  GLY A N   1 
ATOM   244 C  CA  . GLY A 1 34  ? -6.900  12.167  2.781   1.00 11.70 ? 34  GLY A CA  1 
ATOM   245 C  C   . GLY A 1 34  ? -8.230  11.885  3.493   1.00 9.94  ? 34  GLY A C   1 
ATOM   246 O  O   . GLY A 1 34  ? -8.436  11.636  4.595   1.00 8.56  ? 34  GLY A O   1 
ATOM   247 N  N   . SER A 1 35  ? -9.294  11.929  2.724   1.00 9.95  ? 35  SER A N   1 
ATOM   248 C  CA  . SER A 1 35  ? -10.731 11.737  3.014   1.00 11.96 ? 35  SER A CA  1 
ATOM   249 C  C   . SER A 1 35  ? -10.925 10.386  3.646   1.00 11.82 ? 35  SER A C   1 
ATOM   250 O  O   . SER A 1 35  ? -11.741 10.254  4.522   1.00 14.41 ? 35  SER A O   1 
ATOM   251 C  CB  . SER A 1 35  ? -11.516 12.006  1.783   1.00 12.68 ? 35  SER A CB  1 
ATOM   252 O  OG  . SER A 1 35  ? -11.401 13.463  1.491   1.00 15.75 ? 35  SER A OG  1 
ATOM   253 N  N   . ASN A 1 36  ? -10.163 9.362   3.220   1.00 11.61 ? 36  ASN A N   1 
ATOM   254 C  CA  . ASN A 1 36  ? -10.239 7.995   3.736   1.00 9.34  ? 36  ASN A CA  1 
ATOM   255 C  C   . ASN A 1 36  ? -9.236  7.691   4.785   1.00 11.40 ? 36  ASN A C   1 
ATOM   256 O  O   . ASN A 1 36  ? -9.076  6.506   5.160   1.00 8.70  ? 36  ASN A O   1 
ATOM   257 C  CB  . ASN A 1 36  ? -10.317 6.983   2.633   1.00 14.51 ? 36  ASN A CB  1 
ATOM   258 C  CG  . ASN A 1 36  ? -11.805 7.099   2.115   1.00 22.25 ? 36  ASN A CG  1 
ATOM   259 O  OD1 . ASN A 1 36  ? -12.109 7.759   1.186   1.00 28.18 ? 36  ASN A OD1 1 
ATOM   260 N  ND2 . ASN A 1 36  ? -12.762 6.486   2.780   1.00 27.61 ? 36  ASN A ND2 1 
ATOM   261 N  N   . SER A 1 37  ? -8.576  8.668   5.389   1.00 6.49  ? 37  SER A N   1 
ATOM   262 C  CA  . SER A 1 37  ? -7.663  8.536   6.440   1.00 8.87  ? 37  SER A CA  1 
ATOM   263 C  C   . SER A 1 37  ? -6.549  7.433   6.283   1.00 8.07  ? 37  SER A C   1 
ATOM   264 O  O   . SER A 1 37  ? -6.631  6.413   6.910   1.00 10.36 ? 37  SER A O   1 
ATOM   265 C  CB  . SER A 1 37  ? -8.448  8.358   7.663   1.00 11.36 ? 37  SER A CB  1 
ATOM   266 O  OG  . SER A 1 37  ? -9.414  9.446   7.843   1.00 17.63 ? 37  SER A OG  1 
ATOM   267 N  N   . TYR A 1 38  ? -5.560  7.686   5.488   1.00 8.88  ? 38  TYR A N   1 
ATOM   268 C  CA  . TYR A 1 38  ? -4.392  6.727   5.318   1.00 8.05  ? 38  TYR A CA  1 
ATOM   269 C  C   . TYR A 1 38  ? -3.189  7.310   6.114   1.00 8.33  ? 38  TYR A C   1 
ATOM   270 O  O   . TYR A 1 38  ? -2.895  8.532   6.256   1.00 6.64  ? 38  TYR A O   1 
ATOM   271 C  CB  . TYR A 1 38  ? -3.977  6.641   3.928   1.00 6.09  ? 38  TYR A CB  1 
ATOM   272 C  CG  . TYR A 1 38  ? -5.016  6.026   3.031   1.00 4.15  ? 38  TYR A CG  1 
ATOM   273 C  CD1 . TYR A 1 38  ? -5.123  4.587   3.021   1.00 5.57  ? 38  TYR A CD1 1 
ATOM   274 C  CD2 . TYR A 1 38  ? -5.931  6.734   2.273   1.00 7.29  ? 38  TYR A CD2 1 
ATOM   275 C  CE1 . TYR A 1 38  ? -6.099  3.915   2.248   1.00 8.19  ? 38  TYR A CE1 1 
ATOM   276 C  CE2 . TYR A 1 38  ? -6.874  6.089   1.488   1.00 12.34 ? 38  TYR A CE2 1 
ATOM   277 C  CZ  . TYR A 1 38  ? -6.950  4.639   1.460   1.00 9.64  ? 38  TYR A CZ  1 
ATOM   278 O  OH  . TYR A 1 38  ? -7.958  4.063   0.679   1.00 11.74 ? 38  TYR A OH  1 
ATOM   279 N  N   . PRO A 1 39  ? -2.352  6.437   6.706   1.00 7.40  ? 39  PRO A N   1 
ATOM   280 C  CA  . PRO A 1 39  ? -2.535  4.938   6.692   1.00 6.98  ? 39  PRO A CA  1 
ATOM   281 C  C   . PRO A 1 39  ? -3.575  4.401   7.586   1.00 6.28  ? 39  PRO A C   1 
ATOM   282 O  O   . PRO A 1 39  ? -3.907  5.090   8.517   1.00 10.17 ? 39  PRO A O   1 
ATOM   283 C  CB  . PRO A 1 39  ? -1.093  4.424   7.129   1.00 3.94  ? 39  PRO A CB  1 
ATOM   284 C  CG  . PRO A 1 39  ? -0.513  5.546   7.989   1.00 4.95  ? 39  PRO A CG  1 
ATOM   285 C  CD  . PRO A 1 39  ? -1.201  6.852   7.525   1.00 6.29  ? 39  PRO A CD  1 
ATOM   286 N  N   . HIS A 1 40  ? -4.159  3.200   7.396   1.00 7.45  ? 40  HIS A N   1 
ATOM   287 C  CA  . HIS A 1 40  ? -5.177  2.676   8.311   1.00 6.84  ? 40  HIS A CA  1 
ATOM   288 C  C   . HIS A 1 40  ? -4.964  1.102   8.267   1.00 10.37 ? 40  HIS A C   1 
ATOM   289 O  O   . HIS A 1 40  ? -4.355  0.562   7.368   1.00 5.68  ? 40  HIS A O   1 
ATOM   290 C  CB  . HIS A 1 40  ? -6.666  3.255   8.107   1.00 7.10  ? 40  HIS A CB  1 
ATOM   291 C  CG  . HIS A 1 40  ? -7.172  2.881   6.822   1.00 8.58  ? 40  HIS A CG  1 
ATOM   292 N  ND1 . HIS A 1 40  ? -7.542  3.838   5.967   1.00 10.22 ? 40  HIS A ND1 1 
ATOM   293 C  CD2 . HIS A 1 40  ? -7.418  1.660   6.206   1.00 6.39  ? 40  HIS A CD2 1 
ATOM   294 C  CE1 . HIS A 1 40  ? -7.982  3.317   4.915   1.00 14.73 ? 40  HIS A CE1 1 
ATOM   295 N  NE2 . HIS A 1 40  ? -7.846  1.985   5.046   1.00 10.09 ? 40  HIS A NE2 1 
ATOM   296 N  N   . LYS A 1 41  ? -5.441  0.441   9.218   1.00 11.56 ? 41  LYS A N   1 
ATOM   297 C  CA  . LYS A 1 41  ? -5.338  -1.087  9.315   1.00 8.51  ? 41  LYS A CA  1 
ATOM   298 C  C   . LYS A 1 41  ? -5.823  -1.727  8.112   1.00 6.43  ? 41  LYS A C   1 
ATOM   299 O  O   . LYS A 1 41  ? -6.785  -1.382  7.397   1.00 8.79  ? 41  LYS A O   1 
ATOM   300 C  CB  . LYS A 1 41  ? -5.997  -1.426  10.594  1.00 6.33  ? 41  LYS A CB  1 
ATOM   301 C  CG  . LYS A 1 41  ? -6.116  -2.993  10.707  1.00 19.89 ? 41  LYS A CG  1 
ATOM   302 C  CD  . LYS A 1 41  ? -5.547  -3.354  11.994  1.00 18.82 ? 41  LYS A CD  1 
ATOM   303 C  CE  . LYS A 1 41  ? -6.091  -4.701  12.484  1.00 27.63 ? 41  LYS A CE  1 
ATOM   304 N  NZ  . LYS A 1 41  ? -7.622  -4.693  12.379  1.00 27.30 ? 41  LYS A NZ  1 
ATOM   305 N  N   . TYR A 1 42  ? -5.136  -2.837  7.690   1.00 7.39  ? 42  TYR A N   1 
ATOM   306 C  CA  . TYR A 1 42  ? -5.380  -3.684  6.591   1.00 6.98  ? 42  TYR A CA  1 
ATOM   307 C  C   . TYR A 1 42  ? -5.793  -5.093  7.177   1.00 4.83  ? 42  TYR A C   1 
ATOM   308 O  O   . TYR A 1 42  ? -4.947  -5.539  7.966   1.00 7.44  ? 42  TYR A O   1 
ATOM   309 C  CB  . TYR A 1 42  ? -4.266  -3.827  5.612   1.00 9.60  ? 42  TYR A CB  1 
ATOM   310 C  CG  . TYR A 1 42  ? -4.540  -4.831  4.556   1.00 11.66 ? 42  TYR A CG  1 
ATOM   311 C  CD1 . TYR A 1 42  ? -5.372  -4.626  3.514   1.00 17.03 ? 42  TYR A CD1 1 
ATOM   312 C  CD2 . TYR A 1 42  ? -3.885  -6.110  4.717   1.00 13.01 ? 42  TYR A CD2 1 
ATOM   313 C  CE1 . TYR A 1 42  ? -5.560  -5.704  2.610   1.00 15.23 ? 42  TYR A CE1 1 
ATOM   314 C  CE2 . TYR A 1 42  ? -4.082  -7.155  3.837   1.00 12.98 ? 42  TYR A CE2 1 
ATOM   315 C  CZ  . TYR A 1 42  ? -4.881  -6.938  2.807   1.00 17.53 ? 42  TYR A CZ  1 
ATOM   316 O  OH  . TYR A 1 42  ? -4.959  -8.096  2.044   1.00 23.07 ? 42  TYR A OH  1 
ATOM   317 N  N   . ASN A 1 43  ? -6.928  -5.679  6.792   1.00 8.20  ? 43  ASN A N   1 
ATOM   318 C  CA  . ASN A 1 43  ? -7.290  -7.039  7.353   1.00 9.20  ? 43  ASN A CA  1 
ATOM   319 C  C   . ASN A 1 43  ? -7.121  -7.938  6.190   1.00 8.62  ? 43  ASN A C   1 
ATOM   320 O  O   . ASN A 1 43  ? -7.607  -7.706  5.106   1.00 9.26  ? 43  ASN A O   1 
ATOM   321 C  CB  . ASN A 1 43  ? -8.611  -7.011  8.085   1.00 12.81 ? 43  ASN A CB  1 
ATOM   322 C  CG  . ASN A 1 43  ? -8.719  -6.004  9.202   1.00 12.94 ? 43  ASN A CG  1 
ATOM   323 O  OD1 . ASN A 1 43  ? -9.512  -4.966  9.080   1.00 18.08 ? 43  ASN A OD1 1 
ATOM   324 N  ND2 . ASN A 1 43  ? -8.041  -6.202  10.241  1.00 13.86 ? 43  ASN A ND2 1 
ATOM   325 N  N   . ASN A 1 44  ? -6.366  -9.069  6.469   1.00 3.77  ? 44  ASN A N   1 
ATOM   326 C  CA  . ASN A 1 44  ? -6.112  -9.908  5.295   1.00 2.00  ? 44  ASN A CA  1 
ATOM   327 C  C   . ASN A 1 44  ? -7.135  -11.061 5.082   1.00 5.42  ? 44  ASN A C   1 
ATOM   328 O  O   . ASN A 1 44  ? -6.916  -12.315 5.072   1.00 9.47  ? 44  ASN A O   1 
ATOM   329 C  CB  . ASN A 1 44  ? -4.624  -10.419 5.507   1.00 3.56  ? 44  ASN A CB  1 
ATOM   330 C  CG  . ASN A 1 44  ? -4.049  -11.264 4.386   1.00 9.32  ? 44  ASN A CG  1 
ATOM   331 O  OD1 . ASN A 1 44  ? -3.137  -12.073 4.701   1.00 14.96 ? 44  ASN A OD1 1 
ATOM   332 N  ND2 . ASN A 1 44  ? -4.532  -11.055 3.213   1.00 2.00  ? 44  ASN A ND2 1 
ATOM   333 N  N   . TYR A 1 45  ? -8.331  -10.511 4.785   1.00 6.56  ? 45  TYR A N   1 
ATOM   334 C  CA  . TYR A 1 45  ? -9.507  -11.433 4.496   1.00 7.73  ? 45  TYR A CA  1 
ATOM   335 C  C   . TYR A 1 45  ? -9.286  -12.172 3.234   1.00 8.81  ? 45  TYR A C   1 
ATOM   336 O  O   . TYR A 1 45  ? -9.923  -13.352 3.089   1.00 10.42 ? 45  TYR A O   1 
ATOM   337 C  CB  . TYR A 1 45  ? -10.926 -10.781 4.700   1.00 11.25 ? 45  TYR A CB  1 
ATOM   338 C  CG  . TYR A 1 45  ? -11.135 -9.608  3.882   1.00 12.60 ? 45  TYR A CG  1 
ATOM   339 C  CD1 . TYR A 1 45  ? -11.435 -9.605  2.620   1.00 15.37 ? 45  TYR A CD1 1 
ATOM   340 C  CD2 . TYR A 1 45  ? -11.030 -8.337  4.548   1.00 11.35 ? 45  TYR A CD2 1 
ATOM   341 C  CE1 . TYR A 1 45  ? -11.579 -8.379  1.990   1.00 16.14 ? 45  TYR A CE1 1 
ATOM   342 C  CE2 . TYR A 1 45  ? -11.181 -7.101  3.927   1.00 19.37 ? 45  TYR A CE2 1 
ATOM   343 C  CZ  . TYR A 1 45  ? -11.460 -7.146  2.668   1.00 20.23 ? 45  TYR A CZ  1 
ATOM   344 O  OH  . TYR A 1 45  ? -11.601 -5.885  2.150   1.00 25.18 ? 45  TYR A OH  1 
ATOM   345 N  N   . GLU A 1 46  ? -8.511  -11.680 2.372   1.00 10.99 ? 46  GLU A N   1 
ATOM   346 C  CA  . GLU A 1 46  ? -8.284  -12.431 1.229   1.00 10.76 ? 46  GLU A CA  1 
ATOM   347 C  C   . GLU A 1 46  ? -7.257  -13.652 1.372   1.00 9.18  ? 46  GLU A C   1 
ATOM   348 O  O   . GLU A 1 46  ? -7.115  -14.450 0.492   1.00 7.55  ? 46  GLU A O   1 
ATOM   349 C  CB  . GLU A 1 46  ? -7.671  -11.658 0.163   1.00 11.39 ? 46  GLU A CB  1 
ATOM   350 C  CG  . GLU A 1 46  ? -8.444  -10.462 -0.429  1.00 15.90 ? 46  GLU A CG  1 
ATOM   351 C  CD  . GLU A 1 46  ? -9.748  -10.829 -1.080  1.00 15.76 ? 46  GLU A CD  1 
ATOM   352 O  OE1 . GLU A 1 46  ? -10.237 -11.997 -1.235  1.00 19.14 ? 46  GLU A OE1 1 
ATOM   353 O  OE2 . GLU A 1 46  ? -10.339 -9.733  -1.478  1.00 19.26 ? 46  GLU A OE2 1 
ATOM   354 N  N   . GLY A 1 47  ? -6.603  -13.780 2.434   1.00 9.94  ? 47  GLY A N   1 
ATOM   355 C  CA  . GLY A 1 47  ? -5.628  -14.829 2.740   1.00 10.01 ? 47  GLY A CA  1 
ATOM   356 C  C   . GLY A 1 47  ? -4.393  -14.734 1.937   1.00 8.95  ? 47  GLY A C   1 
ATOM   357 O  O   . GLY A 1 47  ? -3.833  -15.810 1.588   1.00 7.51  ? 47  GLY A O   1 
ATOM   358 N  N   . PHE A 1 48  ? -3.919  -13.507 1.592   1.00 3.48  ? 48  PHE A N   1 
ATOM   359 C  CA  . PHE A 1 48  ? -2.674  -13.443 0.839   1.00 8.48  ? 48  PHE A CA  1 
ATOM   360 C  C   . PHE A 1 48  ? -1.503  -13.997 1.692   1.00 9.93  ? 48  PHE A C   1 
ATOM   361 O  O   . PHE A 1 48  ? -1.475  -13.786 2.803   1.00 9.91  ? 48  PHE A O   1 
ATOM   362 C  CB  . PHE A 1 48  ? -2.279  -12.072 0.398   1.00 8.97  ? 48  PHE A CB  1 
ATOM   363 C  CG  . PHE A 1 48  ? -3.260  -11.278 -0.417  1.00 3.64  ? 48  PHE A CG  1 
ATOM   364 C  CD1 . PHE A 1 48  ? -3.898  -11.792 -1.514  1.00 11.14 ? 48  PHE A CD1 1 
ATOM   365 C  CD2 . PHE A 1 48  ? -3.522  -9.940  0.009   1.00 10.54 ? 48  PHE A CD2 1 
ATOM   366 C  CE1 . PHE A 1 48  ? -4.789  -10.997 -2.247  1.00 8.42  ? 48  PHE A CE1 1 
ATOM   367 C  CE2 . PHE A 1 48  ? -4.404  -9.392  -0.839  1.00 2.00  ? 48  PHE A CE2 1 
ATOM   368 C  CZ  . PHE A 1 48  ? -5.167  -9.678  -1.884  1.00 2.00  ? 48  PHE A CZ  1 
ATOM   369 N  N   . ASP A 1 49  ? -0.594  -14.736 1.050   1.00 12.37 ? 49  ASP A N   1 
ATOM   370 C  CA  . ASP A 1 49  ? 0.549   -15.306 1.820   1.00 17.05 ? 49  ASP A CA  1 
ATOM   371 C  C   . ASP A 1 49  ? 1.643   -14.231 2.110   1.00 19.81 ? 49  ASP A C   1 
ATOM   372 O  O   . ASP A 1 49  ? 2.512   -13.908 1.309   1.00 24.12 ? 49  ASP A O   1 
ATOM   373 C  CB  . ASP A 1 49  ? 1.049   -16.560 1.108   1.00 16.44 ? 49  ASP A CB  1 
ATOM   374 C  CG  . ASP A 1 49  ? 2.094   -17.474 1.747   1.00 23.33 ? 49  ASP A CG  1 
ATOM   375 O  OD1 . ASP A 1 49  ? 2.439   -17.289 2.857   1.00 26.04 ? 49  ASP A OD1 1 
ATOM   376 O  OD2 . ASP A 1 49  ? 2.582   -18.396 1.082   1.00 26.64 ? 49  ASP A OD2 1 
ATOM   377 N  N   . PHE A 1 50  ? 1.572   -13.653 3.205   1.00 19.97 ? 50  PHE A N   1 
ATOM   378 C  CA  . PHE A 1 50  ? 2.569   -12.615 3.663   1.00 21.16 ? 50  PHE A CA  1 
ATOM   379 C  C   . PHE A 1 50  ? 3.556   -13.341 4.569   1.00 21.84 ? 50  PHE A C   1 
ATOM   380 O  O   . PHE A 1 50  ? 2.997   -14.059 5.347   1.00 26.41 ? 50  PHE A O   1 
ATOM   381 C  CB  . PHE A 1 50  ? 1.840   -11.387 4.271   1.00 18.04 ? 50  PHE A CB  1 
ATOM   382 C  CG  . PHE A 1 50  ? 0.964   -10.497 3.456   1.00 15.06 ? 50  PHE A CG  1 
ATOM   383 C  CD1 . PHE A 1 50  ? 1.135   -10.272 2.221   1.00 15.79 ? 50  PHE A CD1 1 
ATOM   384 C  CD2 . PHE A 1 50  ? -0.130  -9.837  4.035   1.00 19.20 ? 50  PHE A CD2 1 
ATOM   385 C  CE1 . PHE A 1 50  ? 0.322   -9.453  1.481   1.00 14.09 ? 50  PHE A CE1 1 
ATOM   386 C  CE2 . PHE A 1 50  ? -1.009  -8.973  3.331   1.00 20.55 ? 50  PHE A CE2 1 
ATOM   387 C  CZ  . PHE A 1 50  ? -0.743  -8.778  2.080   1.00 15.63 ? 50  PHE A CZ  1 
ATOM   388 N  N   . SER A 1 51  ? 4.858   -13.126 4.466   1.00 22.06 ? 51  SER A N   1 
ATOM   389 C  CA  . SER A 1 51  ? 5.856   -13.806 5.310   1.00 25.71 ? 51  SER A CA  1 
ATOM   390 C  C   . SER A 1 51  ? 6.249   -12.895 6.418   1.00 25.38 ? 51  SER A C   1 
ATOM   391 O  O   . SER A 1 51  ? 7.343   -13.056 7.004   1.00 29.76 ? 51  SER A O   1 
ATOM   392 C  CB  . SER A 1 51  ? 6.998   -14.305 4.501   1.00 26.91 ? 51  SER A CB  1 
ATOM   393 O  OG  . SER A 1 51  ? 7.599   -13.325 3.744   1.00 34.20 ? 51  SER A OG  1 
ATOM   394 N  N   . VAL A 1 52  ? 5.400   -11.909 6.760   1.00 22.98 ? 52  VAL A N   1 
ATOM   395 C  CA  . VAL A 1 52  ? 5.720   -10.981 7.839   1.00 21.94 ? 52  VAL A CA  1 
ATOM   396 C  C   . VAL A 1 52  ? 4.431   -11.021 8.606   1.00 20.72 ? 52  VAL A C   1 
ATOM   397 O  O   . VAL A 1 52  ? 3.341   -11.175 7.992   1.00 21.11 ? 52  VAL A O   1 
ATOM   398 C  CB  . VAL A 1 52  ? 6.184   -9.740  7.093   1.00 23.89 ? 52  VAL A CB  1 
ATOM   399 C  CG1 . VAL A 1 52  ? 5.200   -8.536  7.131   1.00 16.94 ? 52  VAL A CG1 1 
ATOM   400 C  CG2 . VAL A 1 52  ? 7.702   -9.584  7.333   1.00 20.10 ? 52  VAL A CG2 1 
ATOM   401 N  N   . SER A 1 53  ? 4.546   -10.868 9.828   1.00 20.58 ? 53  SER A N   1 
ATOM   402 C  CA  . SER A 1 53  ? 3.300   -10.942 10.564  1.00 21.03 ? 53  SER A CA  1 
ATOM   403 C  C   . SER A 1 53  ? 2.526   -9.598  10.812  1.00 18.48 ? 53  SER A C   1 
ATOM   404 O  O   . SER A 1 53  ? 3.072   -8.452  10.724  1.00 17.50 ? 53  SER A O   1 
ATOM   405 C  CB  . SER A 1 53  ? 3.567   -11.621 11.788  1.00 23.84 ? 53  SER A CB  1 
ATOM   406 O  OG  . SER A 1 53  ? 3.973   -10.698 12.739  1.00 26.92 ? 53  SER A OG  1 
ATOM   407 N  N   . SER A 1 54  ? 1.249   -9.728  11.109  1.00 17.62 ? 54  SER A N   1 
ATOM   408 C  CA  . SER A 1 54  ? 0.284   -8.650  11.411  1.00 18.02 ? 54  SER A CA  1 
ATOM   409 C  C   . SER A 1 54  ? 0.708   -8.066  12.677  1.00 18.40 ? 54  SER A C   1 
ATOM   410 O  O   . SER A 1 54  ? 1.514   -8.557  13.459  1.00 16.87 ? 54  SER A O   1 
ATOM   411 C  CB  . SER A 1 54  ? -1.181  -9.236  11.326  1.00 15.16 ? 54  SER A CB  1 
ATOM   412 O  OG  . SER A 1 54  ? -1.617  -9.608  12.502  1.00 19.30 ? 54  SER A OG  1 
ATOM   413 N  N   . PRO A 1 55  ? 0.164   -6.876  13.019  1.00 14.44 ? 55  PRO A N   1 
ATOM   414 C  CA  . PRO A 1 55  ? -0.861  -6.048  12.298  1.00 14.49 ? 55  PRO A CA  1 
ATOM   415 C  C   . PRO A 1 55  ? -0.357  -5.463  11.063  1.00 12.54 ? 55  PRO A C   1 
ATOM   416 O  O   . PRO A 1 55  ? 0.905   -5.252  11.013  1.00 14.37 ? 55  PRO A O   1 
ATOM   417 C  CB  . PRO A 1 55  ? -1.343  -5.017  13.265  1.00 17.09 ? 55  PRO A CB  1 
ATOM   418 C  CG  . PRO A 1 55  ? -0.832  -5.534  14.474  1.00 16.29 ? 55  PRO A CG  1 
ATOM   419 C  CD  . PRO A 1 55  ? 0.525   -6.245  14.265  1.00 15.45 ? 55  PRO A CD  1 
ATOM   420 N  N   . TYR A 1 56  ? -1.224  -5.225  10.127  1.00 11.02 ? 56  TYR A N   1 
ATOM   421 C  CA  . TYR A 1 56  ? -0.857  -4.709  8.915   1.00 9.33  ? 56  TYR A CA  1 
ATOM   422 C  C   . TYR A 1 56  ? -1.594  -3.353  8.575   1.00 8.85  ? 56  TYR A C   1 
ATOM   423 O  O   . TYR A 1 56  ? -2.742  -3.193  9.081   1.00 8.01  ? 56  TYR A O   1 
ATOM   424 C  CB  . TYR A 1 56  ? -1.200  -5.533  7.706   1.00 13.00 ? 56  TYR A CB  1 
ATOM   425 C  CG  . TYR A 1 56  ? -0.730  -7.028  7.700   1.00 13.99 ? 56  TYR A CG  1 
ATOM   426 C  CD1 . TYR A 1 56  ? 0.679   -7.318  7.612   1.00 15.31 ? 56  TYR A CD1 1 
ATOM   427 C  CD2 . TYR A 1 56  ? -1.642  -8.121  7.820   1.00 17.37 ? 56  TYR A CD2 1 
ATOM   428 C  CE1 . TYR A 1 56  ? 1.163   -8.675  7.625   1.00 15.96 ? 56  TYR A CE1 1 
ATOM   429 C  CE2 . TYR A 1 56  ? -1.141  -9.465  7.845   1.00 15.67 ? 56  TYR A CE2 1 
ATOM   430 C  CZ  . TYR A 1 56  ? 0.246   -9.719  7.746   1.00 16.13 ? 56  TYR A CZ  1 
ATOM   431 O  OH  . TYR A 1 56  ? 0.684   -11.057 7.762   1.00 21.28 ? 56  TYR A OH  1 
ATOM   432 N  N   . TYR A 1 57  ? -0.900  -2.530  7.876   1.00 6.57  ? 57  TYR A N   1 
ATOM   433 C  CA  . TYR A 1 57  ? -1.397  -1.192  7.452   1.00 7.41  ? 57  TYR A CA  1 
ATOM   434 C  C   . TYR A 1 57  ? -1.210  -0.975  6.063   1.00 5.44  ? 57  TYR A C   1 
ATOM   435 O  O   . TYR A 1 57  ? -0.182  -1.454  5.487   1.00 8.40  ? 57  TYR A O   1 
ATOM   436 C  CB  . TYR A 1 57  ? -0.682  -0.091  8.308   1.00 2.43  ? 57  TYR A CB  1 
ATOM   437 C  CG  . TYR A 1 57  ? -0.809  -0.232  9.709   1.00 3.90  ? 57  TYR A CG  1 
ATOM   438 C  CD1 . TYR A 1 57  ? -1.822  0.295   10.417  1.00 13.62 ? 57  TYR A CD1 1 
ATOM   439 C  CD2 . TYR A 1 57  ? 0.247   -1.017  10.329  1.00 3.49  ? 57  TYR A CD2 1 
ATOM   440 C  CE1 . TYR A 1 57  ? -1.788  0.061   11.681  1.00 13.17 ? 57  TYR A CE1 1 
ATOM   441 C  CE2 . TYR A 1 57  ? 0.230   -1.233  11.593  1.00 3.57  ? 57  TYR A CE2 1 
ATOM   442 C  CZ  . TYR A 1 57  ? -0.835  -0.711  12.291  1.00 14.85 ? 57  TYR A CZ  1 
ATOM   443 O  OH  . TYR A 1 57  ? -0.961  -0.799  13.538  1.00 19.57 ? 57  TYR A OH  1 
ATOM   444 N  N   . GLU A 1 58  ? -2.151  -0.250  5.383   1.00 6.58  ? 58  GLU A N   1 
ATOM   445 C  CA  . GLU A 1 58  ? -2.096  0.058   4.063   1.00 5.90  ? 58  GLU A CA  1 
ATOM   446 C  C   . GLU A 1 58  ? -1.933  1.589   3.792   1.00 6.83  ? 58  GLU A C   1 
ATOM   447 O  O   . GLU A 1 58  ? -2.472  2.406   4.575   1.00 3.98  ? 58  GLU A O   1 
ATOM   448 C  CB  . GLU A 1 58  ? -3.357  -0.443  3.306   1.00 9.32  ? 58  GLU A CB  1 
ATOM   449 C  CG  . GLU A 1 58  ? -4.672  0.118   3.860   1.00 9.86  ? 58  GLU A CG  1 
ATOM   450 C  CD  . GLU A 1 58  ? -5.902  -0.015  2.929   1.00 12.05 ? 58  GLU A CD  1 
ATOM   451 O  OE1 . GLU A 1 58  ? -5.846  0.345   1.695   1.00 11.70 ? 58  GLU A OE1 1 
ATOM   452 O  OE2 . GLU A 1 58  ? -7.023  -0.471  3.385   1.00 18.59 ? 58  GLU A OE2 1 
ATOM   453 N  N   . TRP A 1 59  ? -1.305  1.891   2.778   1.00 5.20  ? 59  TRP A N   1 
ATOM   454 C  CA  . TRP A 1 59  ? -0.946  3.295   2.300   1.00 6.90  ? 59  TRP A CA  1 
ATOM   455 C  C   . TRP A 1 59  ? -0.894  3.343   0.876   1.00 5.99  ? 59  TRP A C   1 
ATOM   456 O  O   . TRP A 1 59  ? -0.122  2.484   0.335   1.00 3.13  ? 59  TRP A O   1 
ATOM   457 C  CB  . TRP A 1 59  ? 0.450   3.560   2.971   1.00 7.32  ? 59  TRP A CB  1 
ATOM   458 C  CG  . TRP A 1 59  ? 1.112   4.820   2.513   1.00 7.86  ? 59  TRP A CG  1 
ATOM   459 C  CD1 . TRP A 1 59  ? 2.138   4.856   1.645   1.00 6.59  ? 59  TRP A CD1 1 
ATOM   460 C  CD2 . TRP A 1 59  ? 0.773   6.217   2.839   1.00 6.54  ? 59  TRP A CD2 1 
ATOM   461 N  NE1 . TRP A 1 59  ? 2.414   6.199   1.393   1.00 3.02  ? 59  TRP A NE1 1 
ATOM   462 C  CE2 . TRP A 1 59  ? 1.598   7.070   2.138   1.00 8.67  ? 59  TRP A CE2 1 
ATOM   463 C  CE3 . TRP A 1 59  ? -0.202  6.766   3.632   1.00 9.35  ? 59  TRP A CE3 1 
ATOM   464 C  CZ2 . TRP A 1 59  ? 1.486   8.470   2.269   1.00 9.04  ? 59  TRP A CZ2 1 
ATOM   465 C  CZ3 . TRP A 1 59  ? -0.343  8.139   3.803   1.00 8.09  ? 59  TRP A CZ3 1 
ATOM   466 C  CH2 . TRP A 1 59  ? 0.553   8.996   3.120   1.00 6.97  ? 59  TRP A CH2 1 
ATOM   467 N  N   . PRO A 1 60  ? -1.460  4.378   0.272   1.00 7.88  ? 60  PRO A N   1 
ATOM   468 C  CA  . PRO A 1 60  ? -1.429  4.436   -1.087  1.00 7.04  ? 60  PRO A CA  1 
ATOM   469 C  C   . PRO A 1 60  ? -0.112  4.668   -1.790  1.00 5.60  ? 60  PRO A C   1 
ATOM   470 O  O   . PRO A 1 60  ? 0.727   5.404   -1.227  1.00 4.15  ? 60  PRO A O   1 
ATOM   471 C  CB  . PRO A 1 60  ? -2.307  5.765   -1.386  1.00 6.28  ? 60  PRO A CB  1 
ATOM   472 C  CG  . PRO A 1 60  ? -3.300  5.831   -0.285  1.00 8.52  ? 60  PRO A CG  1 
ATOM   473 C  CD  . PRO A 1 60  ? -2.280  5.518   0.804   1.00 8.66  ? 60  PRO A CD  1 
ATOM   474 N  N   . ILE A 1 61  ? 0.147   4.030   -2.853  1.00 3.00  ? 61  ILE A N   1 
ATOM   475 C  CA  . ILE A 1 61  ? 1.263   4.237   -3.719  1.00 4.09  ? 61  ILE A CA  1 
ATOM   476 C  C   . ILE A 1 61  ? 0.666   4.694   -5.007  1.00 4.70  ? 61  ILE A C   1 
ATOM   477 O  O   . ILE A 1 61  ? -0.263  4.066   -5.640  1.00 3.42  ? 61  ILE A O   1 
ATOM   478 C  CB  . ILE A 1 61  ? 2.227   2.919   -3.806  1.00 3.28  ? 61  ILE A CB  1 
ATOM   479 C  CG1 . ILE A 1 61  ? 3.309   3.317   -4.828  1.00 2.00  ? 61  ILE A CG1 1 
ATOM   480 C  CG2 . ILE A 1 61  ? 1.463   1.611   -4.242  1.00 7.61  ? 61  ILE A CG2 1 
ATOM   481 C  CD1 . ILE A 1 61  ? 4.572   2.393   -4.775  1.00 2.08  ? 61  ILE A CD1 1 
ATOM   482 N  N   . LEU A 1 62  ? 1.173   5.758   -5.623  1.00 6.01  ? 62  LEU A N   1 
ATOM   483 C  CA  . LEU A 1 62  ? 0.762   6.327   -6.822  1.00 5.64  ? 62  LEU A CA  1 
ATOM   484 C  C   . LEU A 1 62  ? 1.586   6.144   -7.975  1.00 2.00  ? 62  LEU A C   1 
ATOM   485 O  O   . LEU A 1 62  ? 2.832   6.197   -7.873  1.00 2.90  ? 62  LEU A O   1 
ATOM   486 C  CB  . LEU A 1 62  ? 0.684   7.930   -6.533  1.00 6.24  ? 62  LEU A CB  1 
ATOM   487 C  CG  . LEU A 1 62  ? -0.109  8.480   -5.424  1.00 13.50 ? 62  LEU A CG  1 
ATOM   488 C  CD1 . LEU A 1 62  ? -0.097  10.059  -5.299  1.00 15.22 ? 62  LEU A CD1 1 
ATOM   489 C  CD2 . LEU A 1 62  ? -1.628  8.059   -5.563  1.00 15.38 ? 62  LEU A CD2 1 
ATOM   490 N  N   . SER A 1 63  ? 0.982   5.965   -9.055  1.00 5.56  ? 63  SER A N   1 
ATOM   491 C  CA  . SER A 1 63  ? 1.598   5.662   -10.284 1.00 7.94  ? 63  SER A CA  1 
ATOM   492 C  C   . SER A 1 63  ? 2.602   6.753   -10.703 1.00 5.45  ? 63  SER A C   1 
ATOM   493 O  O   . SER A 1 63  ? 3.665   6.438   -11.246 1.00 7.04  ? 63  SER A O   1 
ATOM   494 C  CB  . SER A 1 63  ? 0.566   5.306   -11.359 1.00 6.31  ? 63  SER A CB  1 
ATOM   495 O  OG  . SER A 1 63  ? -0.086  6.505   -11.774 1.00 8.00  ? 63  SER A OG  1 
ATOM   496 N  N   . SER A 1 64  ? 2.296   8.038   -10.339 1.00 6.29  ? 64  SER A N   1 
ATOM   497 C  CA  . SER A 1 64  ? 3.259   9.110   -10.677 1.00 10.58 ? 64  SER A CA  1 
ATOM   498 C  C   . SER A 1 64  ? 4.588   9.096   -9.898  1.00 13.60 ? 64  SER A C   1 
ATOM   499 O  O   . SER A 1 64  ? 5.450   9.819   -10.432 1.00 13.96 ? 64  SER A O   1 
ATOM   500 C  CB  . SER A 1 64  ? 2.556   10.435  -10.293 1.00 7.40  ? 64  SER A CB  1 
ATOM   501 O  OG  . SER A 1 64  ? 2.305   10.549  -9.003  1.00 7.95  ? 64  SER A OG  1 
ATOM   502 N  N   . GLY A 1 65  ? 4.792   8.401   -8.881  1.00 12.45 ? 65  GLY A N   1 
ATOM   503 C  CA  . GLY A 1 65  ? 6.130   8.545   -8.191  1.00 13.05 ? 65  GLY A CA  1 
ATOM   504 C  C   . GLY A 1 65  ? 5.985   9.481   -7.069  1.00 13.25 ? 65  GLY A C   1 
ATOM   505 O  O   . GLY A 1 65  ? 6.882   9.432   -6.225  1.00 14.79 ? 65  GLY A O   1 
ATOM   506 N  N   . ASP A 1 66  ? 4.943   10.379  -6.953  1.00 10.36 ? 66  ASP A N   1 
ATOM   507 C  CA  . ASP A 1 66  ? 4.741   11.275  -5.852  1.00 8.80  ? 66  ASP A CA  1 
ATOM   508 C  C   . ASP A 1 66  ? 4.304   10.574  -4.650  1.00 9.64  ? 66  ASP A C   1 
ATOM   509 O  O   . ASP A 1 66  ? 3.643   9.502   -4.765  1.00 10.93 ? 66  ASP A O   1 
ATOM   510 C  CB  . ASP A 1 66  ? 3.676   12.371  -6.236  1.00 12.06 ? 66  ASP A CB  1 
ATOM   511 C  CG  . ASP A 1 66  ? 4.027   13.152  -7.400  1.00 21.70 ? 66  ASP A CG  1 
ATOM   512 O  OD1 . ASP A 1 66  ? 5.253   13.459  -7.479  1.00 23.55 ? 66  ASP A OD1 1 
ATOM   513 O  OD2 . ASP A 1 66  ? 3.044   13.377  -8.140  1.00 22.52 ? 66  ASP A OD2 1 
ATOM   514 N  N   . VAL A 1 67  ? 4.602   11.077  -3.492  1.00 10.17 ? 67  VAL A N   1 
ATOM   515 C  CA  . VAL A 1 67  ? 4.184   10.492  -2.330  1.00 9.50  ? 67  VAL A CA  1 
ATOM   516 C  C   . VAL A 1 67  ? 2.702   10.998  -2.086  1.00 7.12  ? 67  VAL A C   1 
ATOM   517 O  O   . VAL A 1 67  ? 2.386   12.155  -2.377  1.00 10.54 ? 67  VAL A O   1 
ATOM   518 C  CB  . VAL A 1 67  ? 5.006   10.795  -1.142  1.00 8.93  ? 67  VAL A CB  1 
ATOM   519 C  CG1 . VAL A 1 67  ? 4.629   10.456  0.186   1.00 14.96 ? 67  VAL A CG1 1 
ATOM   520 C  CG2 . VAL A 1 67  ? 6.365   10.007  -1.275  1.00 10.82 ? 67  VAL A CG2 1 
ATOM   521 N  N   . TYR A 1 68  ? 1.863   10.174  -1.553  1.00 7.86  ? 68  TYR A N   1 
ATOM   522 C  CA  . TYR A 1 68  ? 0.421   10.605  -1.284  1.00 2.24  ? 68  TYR A CA  1 
ATOM   523 C  C   . TYR A 1 68  ? 0.365   11.656  -0.187  1.00 8.31  ? 68  TYR A C   1 
ATOM   524 O  O   . TYR A 1 68  ? 0.846   11.430  0.904   1.00 5.19  ? 68  TYR A O   1 
ATOM   525 C  CB  . TYR A 1 68  ? -0.370  9.234   -0.964  1.00 4.89  ? 68  TYR A CB  1 
ATOM   526 C  CG  . TYR A 1 68  ? -1.895  9.560   -0.813  1.00 4.27  ? 68  TYR A CG  1 
ATOM   527 C  CD1 . TYR A 1 68  ? -2.768  9.932   -1.822  1.00 5.45  ? 68  TYR A CD1 1 
ATOM   528 C  CD2 . TYR A 1 68  ? -2.375  9.537   0.440   1.00 5.41  ? 68  TYR A CD2 1 
ATOM   529 C  CE1 . TYR A 1 68  ? -4.127  10.257  -1.553  1.00 9.77  ? 68  TYR A CE1 1 
ATOM   530 C  CE2 . TYR A 1 68  ? -3.754  9.847   0.682   1.00 10.27 ? 68  TYR A CE2 1 
ATOM   531 C  CZ  . TYR A 1 68  ? -4.590  10.201  -0.348  1.00 3.03  ? 68  TYR A CZ  1 
ATOM   532 O  OH  . TYR A 1 68  ? -5.925  10.503  -0.136  1.00 7.20  ? 68  TYR A OH  1 
ATOM   533 N  N   . SER A 1 69  ? -0.426  12.706  -0.598  1.00 5.57  ? 69  SER A N   1 
ATOM   534 C  CA  . SER A 1 69  ? -0.579  13.856  0.344   1.00 9.03  ? 69  SER A CA  1 
ATOM   535 C  C   . SER A 1 69  ? -2.092  14.267  0.523   1.00 13.16 ? 69  SER A C   1 
ATOM   536 O  O   . SER A 1 69  ? -2.400  15.312  1.147   1.00 17.20 ? 69  SER A O   1 
ATOM   537 C  CB  . SER A 1 69  ? 0.227   15.067  -0.126  1.00 13.43 ? 69  SER A CB  1 
ATOM   538 O  OG  . SER A 1 69  ? -0.090  15.466  -1.336  1.00 20.17 ? 69  SER A OG  1 
ATOM   539 N  N   . GLY A 1 70  ? -2.990  13.418  -0.055  1.00 12.45 ? 70  GLY A N   1 
ATOM   540 C  CA  . GLY A 1 70  ? -4.512  13.808  0.050   1.00 10.95 ? 70  GLY A CA  1 
ATOM   541 C  C   . GLY A 1 70  ? -5.114  13.765  -1.275  1.00 10.98 ? 70  GLY A C   1 
ATOM   542 O  O   . GLY A 1 70  ? -4.397  13.445  -2.183  1.00 13.16 ? 70  GLY A O   1 
ATOM   543 N  N   . GLY A 1 71  ? -6.410  14.013  -1.640  1.00 9.07  ? 71  GLY A N   1 
ATOM   544 C  CA  . GLY A 1 71  ? -6.756  13.883  -2.970  1.00 10.39 ? 71  GLY A CA  1 
ATOM   545 C  C   . GLY A 1 71  ? -7.010  12.349  -3.326  1.00 8.90  ? 71  GLY A C   1 
ATOM   546 O  O   . GLY A 1 71  ? -7.107  11.543  -2.453  1.00 9.02  ? 71  GLY A O   1 
ATOM   547 N  N   . SER A 1 72  ? -7.109  12.057  -4.530  1.00 5.78  ? 72  SER A N   1 
ATOM   548 C  CA  . SER A 1 72  ? -7.398  10.676  -5.008  1.00 8.36  ? 72  SER A CA  1 
ATOM   549 C  C   . SER A 1 72  ? -6.232  9.672   -4.664  1.00 5.89  ? 72  SER A C   1 
ATOM   550 O  O   . SER A 1 72  ? -5.160  10.002  -5.144  1.00 8.49  ? 72  SER A O   1 
ATOM   551 C  CB  . SER A 1 72  ? -7.714  10.582  -6.421  1.00 4.63  ? 72  SER A CB  1 
ATOM   552 O  OG  . SER A 1 72  ? -8.144  9.215   -6.773  1.00 7.83  ? 72  SER A OG  1 
ATOM   553 N  N   . PRO A 1 73  ? -6.562  8.648   -3.956  1.00 5.99  ? 73  PRO A N   1 
ATOM   554 C  CA  . PRO A 1 73  ? -5.491  7.638   -3.621  1.00 5.23  ? 73  PRO A CA  1 
ATOM   555 C  C   . PRO A 1 73  ? -5.250  6.662   -4.693  1.00 5.31  ? 73  PRO A C   1 
ATOM   556 O  O   . PRO A 1 73  ? -4.272  5.799   -4.572  1.00 9.45  ? 73  PRO A O   1 
ATOM   557 C  CB  . PRO A 1 73  ? -6.098  6.966   -2.440  1.00 6.51  ? 73  PRO A CB  1 
ATOM   558 C  CG  . PRO A 1 73  ? -7.632  7.005   -2.723  1.00 6.04  ? 73  PRO A CG  1 
ATOM   559 C  CD  . PRO A 1 73  ? -7.889  8.400   -3.385  1.00 6.36  ? 73  PRO A CD  1 
ATOM   560 N  N   . GLY A 1 74  ? -6.042  6.609   -5.712  1.00 4.12  ? 74  GLY A N   1 
ATOM   561 C  CA  . GLY A 1 74  ? -5.798  5.580   -6.723  1.00 2.00  ? 74  GLY A CA  1 
ATOM   562 C  C   . GLY A 1 74  ? -6.255  4.264   -6.100  1.00 2.00  ? 74  GLY A C   1 
ATOM   563 O  O   . GLY A 1 74  ? -6.917  4.036   -5.154  1.00 2.00  ? 74  GLY A O   1 
ATOM   564 N  N   . ALA A 1 75  ? -5.796  3.280   -6.858  1.00 3.87  ? 75  ALA A N   1 
ATOM   565 C  CA  . ALA A 1 75  ? -6.127  1.823   -6.499  1.00 5.65  ? 75  ALA A CA  1 
ATOM   566 C  C   . ALA A 1 75  ? -4.951  1.029   -5.917  1.00 2.07  ? 75  ALA A C   1 
ATOM   567 O  O   . ALA A 1 75  ? -5.331  -0.163  -5.539  1.00 5.95  ? 75  ALA A O   1 
ATOM   568 C  CB  . ALA A 1 75  ? -6.408  1.150   -7.773  1.00 6.87  ? 75  ALA A CB  1 
ATOM   569 N  N   . ASP A 1 76  ? -3.783  1.677   -5.931  1.00 3.68  ? 76  ASP A N   1 
ATOM   570 C  CA  . ASP A 1 76  ? -2.670  0.740   -5.408  1.00 2.95  ? 76  ASP A CA  1 
ATOM   571 C  C   . ASP A 1 76  ? -2.278  1.009   -4.062  1.00 3.55  ? 76  ASP A C   1 
ATOM   572 O  O   . ASP A 1 76  ? -2.284  2.182   -3.591  1.00 3.46  ? 76  ASP A O   1 
ATOM   573 C  CB  . ASP A 1 76  ? -1.554  0.829   -6.394  1.00 3.98  ? 76  ASP A CB  1 
ATOM   574 C  CG  . ASP A 1 76  ? -1.876  0.585   -7.761  1.00 2.00  ? 76  ASP A CG  1 
ATOM   575 O  OD1 . ASP A 1 76  ? -2.826  -0.158  -8.134  1.00 6.47  ? 76  ASP A OD1 1 
ATOM   576 O  OD2 . ASP A 1 76  ? -1.238  1.026   -8.694  1.00 2.00  ? 76  ASP A OD2 1 
ATOM   577 N  N   . ARG A 1 77  ? -1.773  0.025   -3.361  1.00 3.10  ? 77  ARG A N   1 
ATOM   578 C  CA  . ARG A 1 77  ? -1.342  0.273   -2.039  1.00 2.00  ? 77  ARG A CA  1 
ATOM   579 C  C   . ARG A 1 77  ? -0.111  -0.562  -1.540  1.00 2.00  ? 77  ARG A C   1 
ATOM   580 O  O   . ARG A 1 77  ? -0.089  -1.746  -2.010  1.00 5.79  ? 77  ARG A O   1 
ATOM   581 C  CB  . ARG A 1 77  ? -2.355  -0.205  -0.966  1.00 11.32 ? 77  ARG A CB  1 
ATOM   582 C  CG  . ARG A 1 77  ? -3.917  0.033   -1.051  1.00 7.25  ? 77  ARG A CG  1 
ATOM   583 C  CD  . ARG A 1 77  ? -4.293  1.468   -0.755  1.00 7.81  ? 77  ARG A CD  1 
ATOM   584 N  NE  . ARG A 1 77  ? -5.652  2.042   -0.918  1.00 5.26  ? 77  ARG A NE  1 
ATOM   585 C  CZ  . ARG A 1 77  ? -5.852  2.771   -2.032  1.00 7.00  ? 77  ARG A CZ  1 
ATOM   586 N  NH1 . ARG A 1 77  ? -5.170  3.151   -3.058  1.00 5.67  ? 77  ARG A NH1 1 
ATOM   587 N  NH2 . ARG A 1 77  ? -7.206  3.208   -2.213  1.00 4.77  ? 77  ARG A NH2 1 
ATOM   588 N  N   . VAL A 1 78  ? 0.639   -0.061  -0.664  1.00 2.00  ? 78  VAL A N   1 
ATOM   589 C  CA  . VAL A 1 78  ? 1.667   -0.867  0.039   1.00 3.31  ? 78  VAL A CA  1 
ATOM   590 C  C   . VAL A 1 78  ? 1.144   -1.299  1.286   1.00 4.23  ? 78  VAL A C   1 
ATOM   591 O  O   . VAL A 1 78  ? 0.437   -0.596  1.936   1.00 5.29  ? 78  VAL A O   1 
ATOM   592 C  CB  A VAL A 1 78  ? 3.010   -0.021  0.233   0.50 19.36 ? 78  VAL A CB  1 
ATOM   593 C  CB  B VAL A 1 78  ? 3.060   -0.092  0.144   0.50 19.02 ? 78  VAL A CB  1 
ATOM   594 C  CG1 A VAL A 1 78  ? 3.791   0.522   -1.038  0.50 25.74 ? 78  VAL A CG1 1 
ATOM   595 C  CG1 B VAL A 1 78  ? 4.166   -0.555  1.083   0.50 25.41 ? 78  VAL A CG1 1 
ATOM   596 C  CG2 A VAL A 1 78  ? 2.813   1.305   0.993   0.50 26.40 ? 78  VAL A CG2 1 
ATOM   597 C  CG2 B VAL A 1 78  ? 4.181   -0.824  0.979   0.50 25.99 ? 78  VAL A CG2 1 
ATOM   598 N  N   . VAL A 1 79  ? 1.500   -2.561  1.719   1.00 4.19  ? 79  VAL A N   1 
ATOM   599 C  CA  . VAL A 1 79  ? 1.083   -3.007  2.964   1.00 5.61  ? 79  VAL A CA  1 
ATOM   600 C  C   . VAL A 1 79  ? 2.310   -3.218  3.844   1.00 4.95  ? 79  VAL A C   1 
ATOM   601 O  O   . VAL A 1 79  ? 3.219   -3.990  3.379   1.00 6.49  ? 79  VAL A O   1 
ATOM   602 C  CB  . VAL A 1 79  ? 0.206   -4.333  2.825   1.00 6.59  ? 79  VAL A CB  1 
ATOM   603 C  CG1 . VAL A 1 79  ? -0.191  -4.875  4.121   1.00 6.26  ? 79  VAL A CG1 1 
ATOM   604 C  CG2 . VAL A 1 79  ? -1.069  -4.290  1.951   1.00 4.86  ? 79  VAL A CG2 1 
ATOM   605 N  N   . PHE A 1 80  ? 2.389   -2.696  4.972   1.00 6.66  ? 80  PHE A N   1 
ATOM   606 C  CA  . PHE A 1 80  ? 3.539   -2.816  5.937   1.00 7.17  ? 80  PHE A CA  1 
ATOM   607 C  C   . PHE A 1 80  ? 3.078   -3.248  7.217   1.00 7.15  ? 80  PHE A C   1 
ATOM   608 O  O   . PHE A 1 80  ? 1.851   -3.127  7.534   1.00 8.86  ? 80  PHE A O   1 
ATOM   609 C  CB  . PHE A 1 80  ? 4.412   -1.489  6.001   1.00 10.70 ? 80  PHE A CB  1 
ATOM   610 C  CG  . PHE A 1 80  ? 3.631   -0.197  6.350   1.00 6.30  ? 80  PHE A CG  1 
ATOM   611 C  CD1 . PHE A 1 80  ? 3.442   0.213   7.566   1.00 9.37  ? 80  PHE A CD1 1 
ATOM   612 C  CD2 . PHE A 1 80  ? 3.073   0.601   5.396   1.00 9.27  ? 80  PHE A CD2 1 
ATOM   613 C  CE1 . PHE A 1 80  ? 2.734   1.412   7.920   1.00 11.90 ? 80  PHE A CE1 1 
ATOM   614 C  CE2 . PHE A 1 80  ? 2.356   1.786   5.757   1.00 10.44 ? 80  PHE A CE2 1 
ATOM   615 C  CZ  . PHE A 1 80  ? 2.164   2.193   6.952   1.00 11.38 ? 80  PHE A CZ  1 
ATOM   616 N  N   . ASN A 1 81  ? 3.842   -3.703  8.167   1.00 9.63  ? 81  ASN A N   1 
ATOM   617 C  CA  . ASN A 1 81  ? 3.403   -4.102  9.416   1.00 9.13  ? 81  ASN A CA  1 
ATOM   618 C  C   . ASN A 1 81  ? 3.895   -3.198  10.531  1.00 12.15 ? 81  ASN A C   1 
ATOM   619 O  O   . ASN A 1 81  ? 4.643   -2.255  10.264  1.00 12.16 ? 81  ASN A O   1 
ATOM   620 C  CB  . ASN A 1 81  ? 3.791   -5.615  9.653   1.00 15.02 ? 81  ASN A CB  1 
ATOM   621 C  CG  . ASN A 1 81  ? 5.275   -5.985  9.987   1.00 13.89 ? 81  ASN A CG  1 
ATOM   622 O  OD1 . ASN A 1 81  ? 6.141   -5.057  9.953   1.00 14.64 ? 81  ASN A OD1 1 
ATOM   623 N  ND2 . ASN A 1 81  ? 5.507   -7.262  10.302  1.00 17.50 ? 81  ASN A ND2 1 
ATOM   624 N  N   . GLU A 1 82  ? 3.580   -3.541  11.671  1.00 12.43 ? 82  GLU A N   1 
ATOM   625 C  CA  . GLU A 1 82  ? 3.917   -2.834  12.825  1.00 15.33 ? 82  GLU A CA  1 
ATOM   626 C  C   . GLU A 1 82  ? 5.437   -2.543  13.019  1.00 12.97 ? 82  GLU A C   1 
ATOM   627 O  O   . GLU A 1 82  ? 5.713   -1.500  13.641  1.00 13.81 ? 82  GLU A O   1 
ATOM   628 C  CB  . GLU A 1 82  ? 3.567   -3.461  14.065  1.00 16.93 ? 82  GLU A CB  1 
ATOM   629 C  CG  . GLU A 1 82  ? 3.194   -2.577  15.158  1.00 15.57 ? 82  GLU A CG  1 
ATOM   630 C  CD  . GLU A 1 82  ? 2.088   -1.532  15.124  1.00 20.86 ? 82  GLU A CD  1 
ATOM   631 O  OE1 . GLU A 1 82  ? 0.882   -1.959  15.028  1.00 15.24 ? 82  GLU A OE1 1 
ATOM   632 O  OE2 . GLU A 1 82  ? 2.104   -0.305  15.191  1.00 23.78 ? 82  GLU A OE2 1 
ATOM   633 N  N   . ASN A 1 83  ? 6.390   -3.358  12.548  1.00 13.83 ? 83  ASN A N   1 
ATOM   634 C  CA  . ASN A 1 83  ? 7.859   -3.277  12.567  1.00 13.18 ? 83  ASN A CA  1 
ATOM   635 C  C   . ASN A 1 83  ? 8.408   -2.692  11.389  1.00 10.75 ? 83  ASN A C   1 
ATOM   636 O  O   . ASN A 1 83  ? 9.646   -2.748  11.092  1.00 14.90 ? 83  ASN A O   1 
ATOM   637 C  CB  . ASN A 1 83  ? 8.439   -4.698  12.869  1.00 20.54 ? 83  ASN A CB  1 
ATOM   638 C  CG  . ASN A 1 83  ? 8.009   -5.278  14.084  1.00 24.17 ? 83  ASN A CG  1 
ATOM   639 O  OD1 . ASN A 1 83  ? 8.125   -4.659  15.093  1.00 27.20 ? 83  ASN A OD1 1 
ATOM   640 N  ND2 . ASN A 1 83  ? 7.427   -6.542  14.050  1.00 27.30 ? 83  ASN A ND2 1 
ATOM   641 N  N   . ASN A 1 84  ? 7.568   -2.069  10.569  1.00 7.39  ? 84  ASN A N   1 
ATOM   642 C  CA  . ASN A 1 84  ? 8.028   -1.457  9.390   1.00 7.48  ? 84  ASN A CA  1 
ATOM   643 C  C   . ASN A 1 84  ? 8.680   -2.366  8.382   1.00 9.13  ? 84  ASN A C   1 
ATOM   644 O  O   . ASN A 1 84  ? 9.650   -2.166  7.679   1.00 9.95  ? 84  ASN A O   1 
ATOM   645 C  CB  . ASN A 1 84  ? 8.987   -0.236  9.724   1.00 14.20 ? 84  ASN A CB  1 
ATOM   646 C  CG  . ASN A 1 84  ? 9.294   0.771   8.709   1.00 14.64 ? 84  ASN A CG  1 
ATOM   647 O  OD1 . ASN A 1 84  ? 8.732   0.800   7.665   1.00 15.26 ? 84  ASN A OD1 1 
ATOM   648 N  ND2 . ASN A 1 84  ? 10.232  1.695   9.070   1.00 19.91 ? 84  ASN A ND2 1 
ATOM   649 N  N   . GLN A 1 85  ? 8.105   -3.588  8.203   1.00 12.79 ? 85  GLN A N   1 
ATOM   650 C  CA  . GLN A 1 85  ? 8.509   -4.628  7.259   1.00 11.96 ? 85  GLN A CA  1 
ATOM   651 C  C   . GLN A 1 85  ? 7.544   -4.616  6.127   1.00 11.96 ? 85  GLN A C   1 
ATOM   652 O  O   . GLN A 1 85  ? 6.339   -4.584  6.517   1.00 10.29 ? 85  GLN A O   1 
ATOM   653 C  CB  . GLN A 1 85  ? 8.457   -6.011  7.892   1.00 15.49 ? 85  GLN A CB  1 
ATOM   654 C  CG  . GLN A 1 85  ? 9.656   -6.079  8.870   1.00 19.30 ? 85  GLN A CG  1 
ATOM   655 C  CD  . GLN A 1 85  ? 9.484   -7.443  9.471   1.00 21.69 ? 85  GLN A CD  1 
ATOM   656 O  OE1 . GLN A 1 85  ? 8.715   -7.717  10.297  1.00 20.42 ? 85  GLN A OE1 1 
ATOM   657 N  NE2 . GLN A 1 85  ? 10.275  -8.481  9.043   1.00 22.52 ? 85  GLN A NE2 1 
ATOM   658 N  N   . LEU A 1 86  ? 7.988   -4.670  4.990   1.00 10.51 ? 86  LEU A N   1 
ATOM   659 C  CA  . LEU A 1 86  ? 7.140   -4.724  3.851   1.00 9.73  ? 86  LEU A CA  1 
ATOM   660 C  C   . LEU A 1 86  ? 6.412   -6.112  3.757   1.00 11.78 ? 86  LEU A C   1 
ATOM   661 O  O   . LEU A 1 86  ? 7.023   -7.223  3.845   1.00 13.34 ? 86  LEU A O   1 
ATOM   662 C  CB  . LEU A 1 86  ? 7.864   -4.539  2.577   1.00 10.64 ? 86  LEU A CB  1 
ATOM   663 C  CG  . LEU A 1 86  ? 7.076   -4.754  1.350   1.00 9.92  ? 86  LEU A CG  1 
ATOM   664 C  CD1 . LEU A 1 86  ? 5.921   -3.707  0.977   1.00 4.62  ? 86  LEU A CD1 1 
ATOM   665 C  CD2 . LEU A 1 86  ? 8.002   -4.655  0.241   1.00 13.00 ? 86  LEU A CD2 1 
ATOM   666 N  N   . ALA A 1 87  ? 5.052   -6.124  3.551   1.00 9.76  ? 87  ALA A N   1 
ATOM   667 C  CA  . ALA A 1 87  ? 4.197   -7.410  3.416   1.00 11.85 ? 87  ALA A CA  1 
ATOM   668 C  C   . ALA A 1 87  ? 3.905   -7.591  2.015   1.00 12.94 ? 87  ALA A C   1 
ATOM   669 O  O   . ALA A 1 87  ? 4.141   -8.776  1.672   1.00 12.02 ? 87  ALA A O   1 
ATOM   670 C  CB  . ALA A 1 87  ? 3.050   -7.254  4.324   1.00 11.90 ? 87  ALA A CB  1 
ATOM   671 N  N   . GLY A 1 88  ? 3.510   -6.635  1.239   1.00 9.53  ? 88  GLY A N   1 
ATOM   672 C  CA  . GLY A 1 88  ? 3.291   -6.903  -0.105  1.00 2.43  ? 88  GLY A CA  1 
ATOM   673 C  C   . GLY A 1 88  ? 2.746   -5.675  -0.907  1.00 2.00  ? 88  GLY A C   1 
ATOM   674 O  O   . GLY A 1 88  ? 2.593   -4.716  -0.077  1.00 2.00  ? 88  GLY A O   1 
ATOM   675 N  N   . VAL A 1 89  ? 2.508   -5.662  -2.074  1.00 6.21  ? 89  VAL A N   1 
ATOM   676 C  CA  . VAL A 1 89  ? 1.970   -4.585  -2.850  1.00 6.50  ? 89  VAL A CA  1 
ATOM   677 C  C   . VAL A 1 89  ? 0.723   -5.241  -3.510  1.00 5.28  ? 89  VAL A C   1 
ATOM   678 O  O   . VAL A 1 89  ? 0.566   -6.276  -4.192  1.00 4.77  ? 89  VAL A O   1 
ATOM   679 C  CB  . VAL A 1 89  ? 2.958   -3.892  -3.775  1.00 6.07  ? 89  VAL A CB  1 
ATOM   680 C  CG1 . VAL A 1 89  ? 2.241   -2.833  -4.613  1.00 11.83 ? 89  VAL A CG1 1 
ATOM   681 C  CG2 . VAL A 1 89  ? 4.328   -3.520  -3.163  1.00 10.86 ? 89  VAL A CG2 1 
ATOM   682 N  N   . ILE A 1 90  ? -0.429  -4.577  -3.244  1.00 4.31  ? 90  ILE A N   1 
ATOM   683 C  CA  . ILE A 1 90  ? -1.865  -4.868  -3.610  1.00 4.75  ? 90  ILE A CA  1 
ATOM   684 C  C   . ILE A 1 90  ? -2.615  -3.866  -4.425  1.00 8.02  ? 90  ILE A C   1 
ATOM   685 O  O   . ILE A 1 90  ? -2.197  -2.655  -4.345  1.00 8.47  ? 90  ILE A O   1 
ATOM   686 C  CB  . ILE A 1 90  ? -2.688  -5.181  -2.405  1.00 2.49  ? 90  ILE A CB  1 
ATOM   687 C  CG1 . ILE A 1 90  ? -2.898  -4.315  -1.197  1.00 9.22  ? 90  ILE A CG1 1 
ATOM   688 C  CG2 . ILE A 1 90  ? -2.018  -6.558  -1.870  1.00 2.00  ? 90  ILE A CG2 1 
ATOM   689 C  CD1 . ILE A 1 90  ? -3.972  -4.619  -0.240  1.00 7.24  ? 90  ILE A CD1 1 
ATOM   690 N  N   . THR A 1 91  ? -3.619  -4.368  -5.111  1.00 8.17  ? 91  THR A N   1 
ATOM   691 C  CA  . THR A 1 91  ? -4.403  -3.372  -5.894  1.00 7.97  ? 91  THR A CA  1 
ATOM   692 C  C   . THR A 1 91  ? -5.922  -3.681  -5.934  1.00 9.21  ? 91  THR A C   1 
ATOM   693 O  O   . THR A 1 91  ? -6.362  -4.886  -5.812  1.00 6.33  ? 91  THR A O   1 
ATOM   694 C  CB  . THR A 1 91  ? -3.795  -3.300  -7.268  1.00 3.98  ? 91  THR A CB  1 
ATOM   695 O  OG1 . THR A 1 91  ? -4.543  -2.107  -7.882  1.00 6.96  ? 91  THR A OG1 1 
ATOM   696 C  CG2 . THR A 1 91  ? -3.872  -4.621  -8.056  1.00 8.11  ? 91  THR A CG2 1 
ATOM   697 N  N   . GLN A 1 92  ? -6.751  -2.641  -6.157  1.00 9.15  ? 92  GLN A N   1 
ATOM   698 C  CA  . GLN A 1 92  ? -8.245  -2.808  -6.340  1.00 6.93  ? 92  GLN A CA  1 
ATOM   699 C  C   . GLN A 1 92  ? -8.445  -2.959  -7.745  1.00 4.95  ? 92  GLN A C   1 
ATOM   700 O  O   . GLN A 1 92  ? -9.602  -3.367  -8.010  1.00 9.15  ? 92  GLN A O   1 
ATOM   701 C  CB  . GLN A 1 92  ? -9.101  -1.641  -5.817  1.00 11.52 ? 92  GLN A CB  1 
ATOM   702 C  CG  . GLN A 1 92  ? -8.882  -1.445  -4.444  1.00 15.09 ? 92  GLN A CG  1 
ATOM   703 C  CD  . GLN A 1 92  ? -9.560  -0.123  -3.993  1.00 22.47 ? 92  GLN A CD  1 
ATOM   704 O  OE1 . GLN A 1 92  ? -9.452  1.039   -4.413  1.00 24.62 ? 92  GLN A OE1 1 
ATOM   705 N  NE2 . GLN A 1 92  ? -10.336 -0.241  -3.025  1.00 21.88 ? 92  GLN A NE2 1 
ATOM   706 N  N   . THR A 1 93  ? -7.480  -2.751  -8.572  1.00 2.14  ? 93  THR A N   1 
ATOM   707 C  CA  . THR A 1 93  ? -7.659  -2.876  -9.944  1.00 4.50  ? 93  THR A CA  1 
ATOM   708 C  C   . THR A 1 93  ? -8.011  -4.372  -10.367 1.00 5.60  ? 93  THR A C   1 
ATOM   709 O  O   . THR A 1 93  ? -7.165  -5.212  -9.920  1.00 7.42  ? 93  THR A O   1 
ATOM   710 C  CB  . THR A 1 93  ? -6.448  -2.541  -10.836 1.00 6.06  ? 93  THR A CB  1 
ATOM   711 O  OG1 . THR A 1 93  ? -6.336  -1.085  -10.515 1.00 6.59  ? 93  THR A OG1 1 
ATOM   712 C  CG2 . THR A 1 93  ? -6.507  -2.591  -12.294 1.00 2.00  ? 93  THR A CG2 1 
ATOM   713 N  N   . GLY A 1 94  ? -9.107  -4.662  -11.066 1.00 9.00  ? 94  GLY A N   1 
ATOM   714 C  CA  . GLY A 1 94  ? -9.380  -6.126  -11.358 1.00 7.95  ? 94  GLY A CA  1 
ATOM   715 C  C   . GLY A 1 94  ? -10.092 -6.758  -10.218 1.00 6.69  ? 94  GLY A C   1 
ATOM   716 O  O   . GLY A 1 94  ? -10.254 -8.010  -10.418 1.00 12.87 ? 94  GLY A O   1 
ATOM   717 N  N   . ALA A 1 95  ? -10.447 -6.077  -9.179  1.00 3.19  ? 95  ALA A N   1 
ATOM   718 C  CA  . ALA A 1 95  ? -11.081 -6.677  -8.133  1.00 7.57  ? 95  ALA A CA  1 
ATOM   719 C  C   . ALA A 1 95  ? -12.501 -6.113  -7.870  1.00 6.94  ? 95  ALA A C   1 
ATOM   720 O  O   . ALA A 1 95  ? -12.618 -4.875  -8.083  1.00 9.23  ? 95  ALA A O   1 
ATOM   721 C  CB  . ALA A 1 95  ? -10.404 -6.449  -6.820  1.00 4.86  ? 95  ALA A CB  1 
ATOM   722 N  N   . SER A 1 96  ? -13.513 -6.858  -7.433  1.00 13.44 ? 96  SER A N   1 
ATOM   723 C  CA  . SER A 1 96  ? -14.843 -6.172  -7.183  1.00 16.70 ? 96  SER A CA  1 
ATOM   724 C  C   . SER A 1 96  ? -14.996 -5.651  -5.845  1.00 14.62 ? 96  SER A C   1 
ATOM   725 O  O   . SER A 1 96  ? -14.363 -6.150  -4.955  1.00 12.88 ? 96  SER A O   1 
ATOM   726 C  CB  . SER A 1 96  ? -16.052 -7.141  -7.466  1.00 19.31 ? 96  SER A CB  1 
ATOM   727 O  OG  . SER A 1 96  ? -16.097 -8.195  -6.576  1.00 24.96 ? 96  SER A OG  1 
ATOM   728 N  N   . GLY A 1 97  ? -15.866 -4.623  -5.660  1.00 17.77 ? 97  GLY A N   1 
ATOM   729 C  CA  . GLY A 1 97  ? -16.163 -4.038  -4.449  1.00 17.76 ? 97  GLY A CA  1 
ATOM   730 C  C   . GLY A 1 97  ? -14.982 -3.779  -3.520  1.00 20.89 ? 97  GLY A C   1 
ATOM   731 O  O   . GLY A 1 97  ? -14.045 -2.935  -3.612  1.00 20.30 ? 97  GLY A O   1 
ATOM   732 N  N   . ASN A 1 98  ? -15.075 -4.555  -2.538  1.00 23.57 ? 98  ASN A N   1 
ATOM   733 C  CA  . ASN A 1 98  ? -14.117 -4.530  -1.459  1.00 26.02 ? 98  ASN A CA  1 
ATOM   734 C  C   . ASN A 1 98  ? -12.938 -5.594  -1.518  1.00 25.35 ? 98  ASN A C   1 
ATOM   735 O  O   . ASN A 1 98  ? -12.212 -5.854  -0.549  1.00 23.43 ? 98  ASN A O   1 
ATOM   736 C  CB  . ASN A 1 98  ? -14.853 -4.587  -0.211  1.00 29.62 ? 98  ASN A CB  1 
ATOM   737 N  N   . ASN A 1 99  ? -12.782 -6.120  -2.642  1.00 17.55 ? 99  ASN A N   1 
ATOM   738 C  CA  . ASN A 1 99  ? -11.669 -7.115  -2.807  1.00 12.95 ? 99  ASN A CA  1 
ATOM   739 C  C   . ASN A 1 99  ? -10.454 -6.248  -3.253  1.00 9.27  ? 99  ASN A C   1 
ATOM   740 O  O   . ASN A 1 99  ? -10.441 -5.083  -3.647  1.00 12.87 ? 99  ASN A O   1 
ATOM   741 C  CB  . ASN A 1 99  ? -12.123 -8.220  -3.749  1.00 18.03 ? 99  ASN A CB  1 
ATOM   742 C  CG  . ASN A 1 99  ? -13.327 -9.044  -3.281  1.00 25.73 ? 99  ASN A CG  1 
ATOM   743 O  OD1 . ASN A 1 99  ? -14.549 -8.667  -3.402  1.00 29.85 ? 99  ASN A OD1 1 
ATOM   744 N  ND2 . ASN A 1 99  ? -12.867 -10.198 -2.750  1.00 25.98 ? 99  ASN A ND2 1 
ATOM   745 N  N   . PHE A 1 100 ? -9.365  -7.076  -3.142  1.00 10.53 ? 100 PHE A N   1 
ATOM   746 C  CA  . PHE A 1 100 ? -7.994  -6.669  -3.566  1.00 8.14  ? 100 PHE A CA  1 
ATOM   747 C  C   . PHE A 1 100 ? -7.448  -7.910  -4.264  1.00 8.64  ? 100 PHE A C   1 
ATOM   748 O  O   . PHE A 1 100 ? -7.923  -9.057  -4.038  1.00 7.85  ? 100 PHE A O   1 
ATOM   749 C  CB  . PHE A 1 100 ? -7.107  -6.274  -2.443  1.00 8.11  ? 100 PHE A CB  1 
ATOM   750 C  CG  . PHE A 1 100 ? -7.438  -5.174  -1.541  1.00 11.61 ? 100 PHE A CG  1 
ATOM   751 C  CD1 . PHE A 1 100 ? -8.211  -5.375  -0.509  1.00 15.80 ? 100 PHE A CD1 1 
ATOM   752 C  CD2 . PHE A 1 100 ? -6.976  -3.895  -1.929  1.00 9.70  ? 100 PHE A CD2 1 
ATOM   753 C  CE1 . PHE A 1 100 ? -8.516  -4.274  0.297   1.00 17.73 ? 100 PHE A CE1 1 
ATOM   754 C  CE2 . PHE A 1 100 ? -7.291  -2.769  -1.108  1.00 13.10 ? 100 PHE A CE2 1 
ATOM   755 C  CZ  . PHE A 1 100 ? -8.022  -2.978  -0.052  1.00 9.94  ? 100 PHE A CZ  1 
ATOM   756 N  N   . VAL A 1 101 ? -6.431  -7.660  -5.005  1.00 9.05  ? 101 VAL A N   1 
ATOM   757 C  CA  . VAL A 1 101 ? -5.694  -8.703  -5.691  1.00 3.49  ? 101 VAL A CA  1 
ATOM   758 C  C   . VAL A 1 101 ? -4.162  -8.354  -5.510  1.00 7.58  ? 101 VAL A C   1 
ATOM   759 O  O   . VAL A 1 101 ? -3.863  -7.092  -5.280  1.00 10.22 ? 101 VAL A O   1 
ATOM   760 C  CB  . VAL A 1 101 ? -5.918  -8.932  -7.095  1.00 5.44  ? 101 VAL A CB  1 
ATOM   761 C  CG1 . VAL A 1 101 ? -7.405  -9.393  -7.340  1.00 8.37  ? 101 VAL A CG1 1 
ATOM   762 C  CG2 . VAL A 1 101 ? -5.735  -7.793  -8.002  1.00 4.98  ? 101 VAL A CG2 1 
ATOM   763 N  N   . GLU A 1 102 ? -3.241  -9.331  -5.603  1.00 9.85  ? 102 GLU A N   1 
ATOM   764 C  CA  . GLU A 1 102 ? -1.832  -8.866  -5.454  1.00 9.84  ? 102 GLU A CA  1 
ATOM   765 C  C   . GLU A 1 102 ? -1.352  -8.399  -6.729  1.00 10.85 ? 102 GLU A C   1 
ATOM   766 O  O   . GLU A 1 102 ? -1.828  -8.783  -7.769  1.00 9.83  ? 102 GLU A O   1 
ATOM   767 C  CB  . GLU A 1 102 ? -0.913  -10.010 -4.930  1.00 10.45 ? 102 GLU A CB  1 
ATOM   768 C  CG  . GLU A 1 102 ? -1.372  -10.383 -3.631  1.00 18.65 ? 102 GLU A CG  1 
ATOM   769 C  CD  . GLU A 1 102 ? -0.490  -11.572 -3.149  1.00 27.92 ? 102 GLU A CD  1 
ATOM   770 O  OE1 . GLU A 1 102 ? -0.884  -12.671 -3.660  1.00 32.85 ? 102 GLU A OE1 1 
ATOM   771 O  OE2 . GLU A 1 102 ? 0.408   -11.244 -2.389  1.00 32.99 ? 102 GLU A OE2 1 
ATOM   772 N  N   . CYS A 1 103 ? -0.378  -7.502  -6.589  1.00 8.39  ? 103 CYS A N   1 
ATOM   773 C  CA  . CYS A 1 103 ? 0.382   -6.899  -7.623  1.00 8.52  ? 103 CYS A CA  1 
ATOM   774 C  C   . CYS A 1 103 ? 1.378   -8.061  -7.985  1.00 12.64 ? 103 CYS A C   1 
ATOM   775 O  O   . CYS A 1 103 ? 1.827   -8.791  -7.118  1.00 15.51 ? 103 CYS A O   1 
ATOM   776 C  CB  . CYS A 1 103 ? 1.187   -5.590  -7.344  1.00 9.81  ? 103 CYS A CB  1 
ATOM   777 S  SG  . CYS A 1 103 ? -0.228  -4.425  -7.072  1.00 9.46  ? 103 CYS A SG  1 
ATOM   778 N  N   . THR A 1 104 ? 1.705   -8.201  -9.144  1.00 12.19 ? 104 THR A N   1 
ATOM   779 C  CA  . THR A 1 104 ? 2.614   -9.204  -9.669  1.00 14.70 ? 104 THR A CA  1 
ATOM   780 C  C   . THR A 1 104 ? 4.030   -8.867  -10.102 1.00 12.64 ? 104 THR A C   1 
ATOM   781 O  O   . THR A 1 104 ? 4.856   -9.893  -10.279 1.00 13.51 ? 104 THR A O   1 
ATOM   782 C  CB  . THR A 1 104 ? 1.851   -9.960  -10.808 1.00 2.92  ? 104 THR A CB  1 
ATOM   783 O  OG1 . THR A 1 104 ? 1.499   -9.203  -11.904 1.00 9.61  ? 104 THR A OG1 1 
ATOM   784 C  CG2 . THR A 1 104 ? 0.538   -10.887 -10.619 1.00 14.83 ? 104 THR A CG2 1 
ATOM   785 O  OXT . THR A 1 104 ? 4.465   -7.680  -10.211 1.00 13.55 ? 104 THR A OXT 1 
HETATM 786 CA CA  . CA  B 2 .   ? 8.431   5.124   -10.558 1.00 10.65 ? 105 CA  A CA  1 
HETATM 787 O  O   . HOH C 3 .   ? -2.783  4.175   -6.435  1.00 2.93  ? 106 HOH A O   1 
HETATM 788 O  O   . HOH C 3 .   ? -1.981  5.455   -8.904  1.00 10.91 ? 107 HOH A O   1 
HETATM 789 O  O   . HOH C 3 .   ? 6.401   5.974   -4.372  1.00 7.19  ? 108 HOH A O   1 
HETATM 790 O  O   . HOH C 3 .   ? 3.850   6.921   -4.086  1.00 5.96  ? 109 HOH A O   1 
HETATM 791 O  O   . HOH C 3 .   ? -8.258  9.116   0.739   1.00 11.73 ? 110 HOH A O   1 
HETATM 792 O  O   . HOH C 3 .   ? 2.657   7.222   -1.393  1.00 4.91  ? 111 HOH A O   1 
HETATM 793 O  O   . HOH C 3 .   ? -14.342 9.646   3.129   1.00 16.53 ? 112 HOH A O   1 
HETATM 794 O  O   . HOH C 3 .   ? 5.276   5.240   -6.921  1.00 5.63  ? 113 HOH A O   1 
HETATM 795 O  O   . HOH C 3 .   ? -3.836  -0.158  -10.661 1.00 11.80 ? 114 HOH A O   1 
HETATM 796 O  O   . HOH C 3 .   ? 11.079  -2.086  -1.725  1.00 32.03 ? 115 HOH A O   1 
HETATM 797 O  O   . HOH C 3 .   ? -9.053  12.740  -0.037  1.00 14.09 ? 116 HOH A O   1 
HETATM 798 O  O   . HOH C 3 .   ? -5.105  -6.411  -11.414 1.00 7.10  ? 117 HOH A O   1 
HETATM 799 O  O   . HOH C 3 .   ? -4.000  -6.288  10.673  1.00 17.38 ? 118 HOH A O   1 
HETATM 800 O  O   . HOH C 3 .   ? 1.472   20.704  10.501  1.00 10.84 ? 119 HOH A O   1 
HETATM 801 O  O   . HOH C 3 .   ? -2.074  6.813   11.911  1.00 15.20 ? 120 HOH A O   1 
HETATM 802 O  O   . HOH C 3 .   ? -10.516 9.477   -0.633  1.00 16.97 ? 121 HOH A O   1 
HETATM 803 O  O   . HOH C 3 .   ? 15.300  -5.722  -8.476  1.00 48.29 ? 122 HOH A O   1 
HETATM 804 O  O   . HOH C 3 .   ? -1.747  4.055   10.987  1.00 19.25 ? 123 HOH A O   1 
HETATM 805 O  O   . HOH C 3 .   ? 6.021   -7.086  -12.215 1.00 13.40 ? 124 HOH A O   1 
HETATM 806 O  O   . HOH C 3 .   ? -7.305  11.990  7.327   1.00 15.27 ? 125 HOH A O   1 
HETATM 807 O  O   . HOH C 3 .   ? -8.326  4.359   10.881  1.00 33.12 ? 126 HOH A O   1 
HETATM 808 O  O   . HOH C 3 .   ? 5.376   -10.952 2.616   1.00 20.43 ? 127 HOH A O   1 
HETATM 809 O  O   . HOH C 3 .   ? -11.855 -14.954 3.722   1.00 16.32 ? 128 HOH A O   1 
HETATM 810 O  O   . HOH C 3 .   ? -1.601  13.109  -3.293  1.00 16.18 ? 129 HOH A O   1 
HETATM 811 O  O   . HOH C 3 .   ? 6.222   5.427   -9.782  1.00 10.25 ? 130 HOH A O   1 
HETATM 812 O  O   . HOH C 3 .   ? 10.457  -1.832  1.185   1.00 21.93 ? 131 HOH A O   1 
HETATM 813 O  O   . HOH C 3 .   ? -4.711  15.756  3.378   1.00 32.61 ? 132 HOH A O   1 
HETATM 814 O  O   . HOH C 3 .   ? 6.211   13.430  -3.774  1.00 27.78 ? 133 HOH A O   1 
HETATM 815 O  O   . HOH C 3 .   ? 10.722  3.992   -10.465 1.00 10.95 ? 134 HOH A O   1 
HETATM 816 O  O   . HOH C 3 .   ? 3.228   2.910   -14.563 1.00 33.14 ? 135 HOH A O   1 
HETATM 817 O  O   . HOH C 3 .   ? -0.531  5.075   14.723  1.00 21.67 ? 136 HOH A O   1 
HETATM 818 O  O   . HOH C 3 .   ? -4.131  2.977   -9.282  1.00 13.50 ? 137 HOH A O   1 
HETATM 819 O  O   . HOH C 3 .   ? -2.805  -12.828 7.668   1.00 26.93 ? 138 HOH A O   1 
HETATM 820 O  O   . HOH C 3 .   ? -7.603  -9.013  2.096   1.00 14.52 ? 139 HOH A O   1 
HETATM 821 O  O   . HOH C 3 .   ? 11.570  7.259   -5.117  1.00 28.87 ? 140 HOH A O   1 
HETATM 822 O  O   . HOH C 3 .   ? 6.382   -5.220  17.270  1.00 46.69 ? 141 HOH A O   1 
HETATM 823 O  O   . HOH C 3 .   ? -5.683  5.040   10.949  1.00 11.91 ? 142 HOH A O   1 
HETATM 824 O  O   . HOH C 3 .   ? 8.442   7.214   -5.942  1.00 17.30 ? 143 HOH A O   1 
HETATM 825 O  O   . HOH C 3 .   ? 11.524  -7.582  6.814   1.00 32.78 ? 144 HOH A O   1 
HETATM 826 O  O   . HOH C 3 .   ? 9.484   7.266   -9.847  1.00 14.67 ? 145 HOH A O   1 
HETATM 827 O  O   . HOH C 3 .   ? 7.673   3.574   -12.015 1.00 4.72  ? 146 HOH A O   1 
HETATM 828 O  O   . HOH C 3 .   ? 8.703   7.974   -14.178 1.00 32.70 ? 147 HOH A O   1 
HETATM 829 O  O   . HOH C 3 .   ? -10.564 -2.582  -12.785 1.00 13.35 ? 148 HOH A O   1 
HETATM 830 O  O   . HOH C 3 .   ? 9.736   5.747   7.978   1.00 23.55 ? 149 HOH A O   1 
HETATM 831 O  O   . HOH C 3 .   ? 3.292   -8.330  -3.538  1.00 23.02 ? 150 HOH A O   1 
HETATM 832 O  O   . HOH C 3 .   ? -3.204  5.026   17.887  1.00 17.41 ? 151 HOH A O   1 
HETATM 833 O  O   . HOH C 3 .   ? -0.843  -15.059 -1.659  1.00 10.28 ? 152 HOH A O   1 
HETATM 834 O  O   . HOH C 3 .   ? -2.411  -7.660  -10.383 1.00 28.09 ? 153 HOH A O   1 
HETATM 835 O  O   . HOH C 3 .   ? -5.942  -8.399  10.835  1.00 17.67 ? 154 HOH A O   1 
HETATM 836 O  O   . HOH C 3 .   ? 10.921  -2.927  4.620   1.00 33.85 ? 155 HOH A O   1 
HETATM 837 O  O   . HOH C 3 .   ? 10.863  -4.537  -2.803  1.00 22.80 ? 156 HOH A O   1 
HETATM 838 O  O   . HOH C 3 .   ? 5.105   -5.682  -16.238 1.00 26.92 ? 157 HOH A O   1 
HETATM 839 O  O   . HOH C 3 .   ? 7.742   -5.669  -16.531 1.00 29.56 ? 158 HOH A O   1 
HETATM 840 O  O   . HOH C 3 .   ? 11.934  5.768   -7.411  1.00 19.18 ? 159 HOH A O   1 
HETATM 841 O  O   . HOH C 3 .   ? -0.740  8.679   -9.779  1.00 9.35  ? 160 HOH A O   1 
HETATM 842 O  O   . HOH C 3 .   ? 0.360   3.969   -15.714 1.00 23.83 ? 161 HOH A O   1 
HETATM 843 O  O   . HOH C 3 .   ? 9.361   9.717   5.195   1.00 47.77 ? 162 HOH A O   1 
HETATM 844 O  O   . HOH C 3 .   ? 3.435   -7.416  16.132  1.00 29.83 ? 163 HOH A O   1 
HETATM 845 O  O   . HOH C 3 .   ? 13.799  7.277   -8.403  1.00 27.11 ? 164 HOH A O   1 
HETATM 846 O  O   . HOH C 3 .   ? -11.606 6.557   -2.086  1.00 32.93 ? 165 HOH A O   1 
HETATM 847 O  O   . HOH C 3 .   ? 1.349   -16.626 5.617   1.00 46.56 ? 166 HOH A O   1 
HETATM 848 O  O   . HOH C 3 .   ? 3.158   -3.192  -17.684 1.00 50.69 ? 167 HOH A O   1 
HETATM 849 O  O   . HOH C 3 .   ? -8.949  -4.823  4.936   1.00 21.00 ? 168 HOH A O   1 
HETATM 850 O  O   . HOH C 3 .   ? -6.112  1.683   -8.861  1.00 48.45 ? 169 HOH A O   1 
HETATM 851 O  O   . HOH C 3 .   ? 9.098   18.580  -4.450  1.00 33.91 ? 170 HOH A O   1 
HETATM 852 O  O   . HOH C 3 .   ? -4.053  -0.020  -13.578 1.00 23.07 ? 171 HOH A O   1 
HETATM 853 O  O   . HOH C 3 .   ? -8.180  1.277   0.514   1.00 21.05 ? 172 HOH A O   1 
HETATM 854 O  O   . HOH C 3 .   ? -4.292  -18.482 3.055   1.00 24.21 ? 173 HOH A O   1 
HETATM 855 O  O   . HOH C 3 .   ? -10.957 -4.277  6.901   1.00 26.15 ? 174 HOH A O   1 
HETATM 856 O  O   . HOH C 3 .   ? -9.852  3.762   -3.691  1.00 20.96 ? 175 HOH A O   1 
HETATM 857 O  O   . HOH C 3 .   ? -13.099 -9.826  -7.265  1.00 34.21 ? 176 HOH A O   1 
HETATM 858 O  O   . HOH C 3 .   ? -17.410 -8.612  -4.321  1.00 36.60 ? 177 HOH A O   1 
HETATM 859 O  O   . HOH C 3 .   ? -0.444  -7.357  -12.078 1.00 36.43 ? 178 HOH A O   1 
HETATM 860 O  O   . HOH C 3 .   ? -8.267  0.401   -11.738 1.00 23.44 ? 179 HOH A O   1 
HETATM 861 O  O   . HOH C 3 .   ? -11.153 -2.754  -2.643  1.00 34.28 ? 180 HOH A O   1 
HETATM 862 O  O   . HOH C 3 .   ? -10.864 -10.508 -9.518  1.00 34.05 ? 181 HOH A O   1 
HETATM 863 O  O   . HOH C 3 .   ? -17.550 -6.880  -2.376  1.00 42.45 ? 182 HOH A O   1 
HETATM 864 O  O   . HOH C 3 .   ? -3.204  -15.289 5.836   1.00 38.98 ? 183 HOH A O   1 
HETATM 865 O  O   . HOH C 3 .   ? -4.728  -10.984 12.583  1.00 20.79 ? 184 HOH A O   1 
HETATM 866 O  O   . HOH C 3 .   ? -16.951 -2.388  -7.305  1.00 31.64 ? 185 HOH A O   1 
HETATM 867 O  O   . HOH C 3 .   ? -9.102  -2.185  3.280   1.00 37.48 ? 186 HOH A O   1 
HETATM 868 O  O   . HOH C 3 .   ? -12.021 11.816  10.083  1.00 23.62 ? 187 HOH A O   1 
HETATM 869 O  O   . HOH C 3 .   ? -14.686 13.218  8.723   1.00 19.55 ? 188 HOH A O   1 
HETATM 870 O  O   . HOH C 3 .   ? -10.326 -0.023  -9.003  1.00 28.25 ? 189 HOH A O   1 
HETATM 871 O  O   . HOH C 3 .   ? -13.325 -1.321  -5.515  1.00 30.32 ? 190 HOH A O   1 
HETATM 872 O  O   . HOH C 3 .   ? -6.606  1.684   11.487  1.00 23.00 ? 191 HOH A O   1 
HETATM 873 O  O   . HOH C 3 .   ? -8.203  -0.050  -14.532 1.00 28.30 ? 192 HOH A O   1 
HETATM 874 O  O   . HOH C 3 .   ? 0.372   -13.832 8.696   1.00 44.14 ? 193 HOH A O   1 
HETATM 875 O  O   . HOH C 3 .   ? -2.057  -17.302 4.597   1.00 44.25 ? 194 HOH A O   1 
HETATM 876 O  O   . HOH C 3 .   ? -12.901 9.255   9.762   1.00 37.19 ? 195 HOH A O   1 
HETATM 877 O  O   . HOH C 3 .   ? -3.457  -8.067  13.915  1.00 28.63 ? 196 HOH A O   1 
HETATM 878 O  O   . HOH C 3 .   ? -13.257 11.210  7.293   1.00 43.06 ? 197 HOH A O   1 
HETATM 879 O  O   . HOH C 3 .   ? -10.951 3.652   2.665   1.00 35.88 ? 198 HOH A O   1 
HETATM 880 O  O   . HOH C 3 .   ? -2.449  -20.199 3.940   1.00 42.90 ? 199 HOH A O   1 
HETATM 881 O  O   . HOH C 3 .   ? -12.431 8.400   7.037   1.00 45.83 ? 200 HOH A O   1 
HETATM 882 O  O   . HOH C 3 .   ? -0.606  2.872   -17.867 1.00 45.57 ? 201 HOH A O   1 
HETATM 883 O  O   . HOH C 3 .   ? 5.222   -17.118 2.601   1.00 37.90 ? 202 HOH A O   1 
HETATM 884 O  O   . HOH C 3 .   ? -4.136  2.929   11.513  1.00 21.53 ? 203 HOH A O   1 
HETATM 885 O  O   . HOH C 3 .   ? 3.956   -18.066 -0.944  1.00 34.68 ? 204 HOH A O   1 
HETATM 886 O  O   . HOH C 3 .   ? -9.769  -4.445  13.890  1.00 36.96 ? 205 HOH A O   1 
HETATM 887 O  O   . HOH C 3 .   ? 11.888  9.797   3.066   1.00 30.34 ? 206 HOH A O   1 
HETATM 888 O  O   . HOH C 3 .   ? 9.446   8.871   1.404   1.00 23.46 ? 207 HOH A O   1 
HETATM 889 O  O   . HOH C 3 .   ? 11.641  4.014   7.255   1.00 45.14 ? 208 HOH A O   1 
HETATM 890 O  O   . HOH C 3 .   ? 3.848   3.629   -12.145 1.00 23.45 ? 209 HOH A O   1 
HETATM 891 O  O   . HOH C 3 .   ? -6.138  5.661   13.800  1.00 38.35 ? 210 HOH A O   1 
HETATM 892 O  O   . HOH C 3 .   ? -3.301  -21.689 6.628   1.00 42.94 ? 211 HOH A O   1 
HETATM 893 O  O   . HOH C 3 .   ? 9.640   9.106   -7.958  1.00 37.15 ? 212 HOH A O   1 
HETATM 894 O  O   . HOH C 3 .   ? -3.682  6.887   13.838  1.00 28.43 ? 213 HOH A O   1 
HETATM 895 O  O   . HOH C 3 .   ? -2.096  6.464   16.233  1.00 27.93 ? 214 HOH A O   1 
HETATM 896 O  O   . HOH C 3 .   ? 6.842   -10.741 11.315  1.00 30.16 ? 215 HOH A O   1 
HETATM 897 O  O   . HOH C 3 .   ? -2.978  -10.793 -9.039  1.00 29.73 ? 216 HOH A O   1 
HETATM 898 O  O   . HOH C 3 .   ? 4.353   -10.350 -0.322  1.00 28.92 ? 217 HOH A O   1 
HETATM 899 O  O   . HOH C 3 .   ? -0.143  -21.316 3.203   1.00 36.71 ? 218 HOH A O   1 
HETATM 900 O  O   . HOH C 3 .   ? 9.144   -9.013  -8.985  1.00 43.62 ? 219 HOH A O   1 
HETATM 901 O  O   . HOH C 3 .   ? -16.991 0.649   -10.512 1.00 46.12 ? 220 HOH A O   1 
HETATM 902 O  O   . HOH C 3 .   ? -9.187  -1.728  5.685   1.00 41.30 ? 221 HOH A O   1 
HETATM 903 O  O   . HOH C 3 .   ? 5.738   -9.410  -13.555 1.00 44.30 ? 222 HOH A O   1 
HETATM 904 O  O   . HOH C 3 .   ? -11.133 6.010   10.468  1.00 41.21 ? 223 HOH A O   1 
HETATM 905 O  O   . HOH C 3 .   ? 1.319   -2.579  19.360  1.00 67.19 ? 224 HOH A O   1 
HETATM 906 O  O   . HOH C 3 .   ? 6.766   -17.255 -1.518  1.00 44.47 ? 225 HOH A O   1 
HETATM 907 O  O   . HOH C 3 .   ? 10.201  -13.222 5.959   1.00 46.08 ? 226 HOH A O   1 
HETATM 908 O  O   . HOH C 3 .   ? 8.770   11.246  -4.905  1.00 31.68 ? 227 HOH A O   1 
HETATM 909 O  O   . HOH C 3 .   ? 10.671  -5.540  4.405   1.00 31.06 ? 228 HOH A O   1 
HETATM 910 O  O   . HOH C 3 .   ? 6.957   -8.638  -7.536  1.00 33.75 ? 229 HOH A O   1 
HETATM 911 O  O   . HOH C 3 .   ? 13.714  5.003   -1.787  1.00 32.61 ? 230 HOH A O   1 
HETATM 912 O  O   . HOH C 3 .   ? 5.472   10.966  6.151   1.00 28.69 ? 231 HOH A O   1 
HETATM 913 O  O   . HOH C 3 .   ? -8.538  -12.028 -9.867  1.00 37.51 ? 232 HOH A O   1 
HETATM 914 O  O   . HOH C 3 .   ? -9.305  1.528   2.662   1.00 38.32 ? 233 HOH A O   1 
HETATM 915 O  O   . HOH C 3 .   ? 11.174  1.420   3.258   1.00 38.71 ? 234 HOH A O   1 
HETATM 916 O  O   . HOH C 3 .   ? 10.275  2.264   5.541   1.00 32.12 ? 235 HOH A O   1 
HETATM 917 O  O   . HOH C 3 .   ? 14.992  0.243   -2.300  1.00 47.96 ? 236 HOH A O   1 
HETATM 918 O  O   . HOH C 3 .   ? -7.016  15.363  4.529   1.00 37.69 ? 237 HOH A O   1 
HETATM 919 O  O   . HOH C 3 .   ? 12.787  9.146   -2.143  1.00 34.07 ? 238 HOH A O   1 
HETATM 920 O  O   . HOH C 3 .   ? 10.818  11.166  7.983   1.00 46.53 ? 239 HOH A O   1 
HETATM 921 O  O   . HOH C 3 .   ? 3.410   -0.203  -17.683 1.00 47.24 ? 240 HOH A O   1 
HETATM 922 O  O   . HOH C 3 .   ? -19.625 -2.522  -7.060  1.00 51.83 ? 241 HOH A O   1 
HETATM 923 O  O   . HOH C 3 .   ? 11.798  -8.032  -10.516 1.00 57.30 ? 242 HOH A O   1 
HETATM 924 O  O   . HOH C 3 .   ? 10.437  -11.314 11.277  1.00 51.99 ? 243 HOH A O   1 
HETATM 925 O  O   . HOH C 3 .   ? -17.522 3.777   -11.604 1.00 31.61 ? 244 HOH A O   1 
HETATM 926 O  O   . HOH C 3 .   ? -1.795  3.327   16.152  1.00 38.49 ? 245 HOH A O   1 
HETATM 927 O  O   . HOH C 3 .   ? 8.513   -12.970 9.306   1.00 46.43 ? 246 HOH A O   1 
HETATM 928 O  O   . HOH C 3 .   ? 10.430  11.456  -7.030  1.00 39.97 ? 247 HOH A O   1 
HETATM 929 O  O   . HOH C 3 .   ? -9.111  -1.008  8.656   1.00 49.13 ? 248 HOH A O   1 
HETATM 930 O  O   . HOH C 3 .   ? 11.991  -5.204  14.658  1.00 48.68 ? 249 HOH A O   1 
HETATM 931 O  O   . HOH C 3 .   ? -8.389  1.334   10.717  1.00 30.00 ? 250 HOH A O   1 
HETATM 932 O  O   . HOH C 3 .   ? 11.044  8.645   6.830   1.00 30.00 ? 251 HOH A O   1 
HETATM 933 O  O   . HOH C 3 .   ? 15.544  -6.207  -11.540 1.00 30.00 ? 252 HOH A O   1 
# 
